data_7OJN
#
_entry.id   7OJN
#
_cell.length_a   1.00
_cell.length_b   1.00
_cell.length_c   1.00
_cell.angle_alpha   90.00
_cell.angle_beta   90.00
_cell.angle_gamma   90.00
#
_symmetry.space_group_name_H-M   'P 1'
#
loop_
_entity.id
_entity.type
_entity.pdbx_description
1 polymer 'RNA-directed RNA polymerase L'
2 polymer "5' RNA"
3 polymer "3' RNA"
4 polymer 'product RNA'
5 non-polymer "5'-O-[(S)-hydroxy{[(S)-hydroxy(phosphonooxy)phosphoryl]amino}phosphoryl]uridine"
6 non-polymer 'MANGANESE (II) ION'
7 non-polymer 'ZINC ION'
#
loop_
_entity_poly.entity_id
_entity_poly.type
_entity_poly.pdbx_seq_one_letter_code
_entity_poly.pdbx_strand_id
1 'polypeptide(L)'
;MEDDMACVKDLVSKYLADNERLSRQKLAFLVQTEPRMLLMEGLKLLSLCIEIDSCNANGCEHNSEDKSVERILHDHGILT
PSLCFVVPDGYKLTGNVLILLECFVRSSPANFEQKYIEDFKKLEQLKEDLKSVDINLIPLIDGRTSFYNEQIPDWVNDKL
RDTLFSLLRYAQESNSLFEESEYSRLCESLSMTSGRLSGVESLNVLLDNRSSHYEEIIASCHQGINNKLTAHEVKLQIEE
EYQVFRNRLRKGEITGQFLKVDKSRLLNDFNNLYVDEVTATKDNIEHLIYQFKRASPILRFLYANIGEGNGEERHHTIKE
CQMQYWRSFLNKVKSLRILNTRRKLLLIFDALILLASIHDQTRHKCSKGWLGSCFISVNDRLVSLESTKRDLEKWVGRRQ
QSERSNTIQPPDKNQILISMFQKTILKATAALKDVGISVEHYKINMEVICPDSYDLILNFDVSGVVPTISYQRTEDEKFP
FIMGGVELLESTDLERLSSLSLALVNSMKTSSTVKLRQNEFGPARYQVVRCKEAYCQEFLLSGAEFQLIYQKTGECSKCY
AINDNRVGEICSFYADPKRYFPAIFSAEVLQTTVSTMISWVKDCSELEEQLCNINSLTKMILVLILAHPSKRSQKLLQNL
RYFIMAYVSDYHHKDLIDKLREELITDVEFLLYRLVRALVNLILSEDVKSMMTNRFKFILNISYMCHFITKETPDRLTDQ
IKCFEKFLEPKLEFGHVSINPADVATEEELDDMVYNAKKFLSKEGCTSIKGPDYKKPGVSKRFLSLLTSSFNNGSLFKES
EVKREIKDPLVTSGCATALDLASNKSVVVNKYTDGSRVLNYDFNKLTALAVSQLTEVFSRKGKHLLNKQDYDYKVQQAMS
NLVLGPRQNKVGADEADLDEILLDGGASVYFDQLKETVERIIDQYREPVKPGSNPNGGDQPSVNDLDEVVPNKFYIRLIK
GELSNHMVEDFDYDVLPGNFYEEFCDAVYKNNKLKERYFYCGQMSQCPIGELTKAVATRTYFDQEYFQCFKSILLIMNAN
TLMGRYTHYKSRNLNFKFDMGRLSDDVRISERESNSEALSKALSLTNCTTAMLKNLCFYSQESPQSYSSTGPDTGRLKFS
LSYKEQVGGNRELYIGDLRTKMFTRLIEDYFEALSLQLSGSCLNNEREFENAILSMKLNVSLAHVSYSMDHSKWGPMMCP
FLFLATLQNLIFLSKDLQADIKGRDYLSTLLTWHMHKMVEIPFNVVSAMMKSFIKAQLGLKKKTTQSITEDFFYSNFQIG
VVPSHVSSILDMGQGILHNTSDFYALISERFINYAISCICGGTIDAYTSSDDQISLFDQVLTELMQRDPEEFKTLIEFHY
YMSDQLNKFVSPKSVIGRFVAEFKSRFYVWGDEVPLLTKFVAAALHNIKCKEPHQLAETIDTIIDQSVANGVPVHLCNLI
QKRTLSLLQYARYPIDPFLLNCETDVRDWVDGNRSYRIMRQIERLIPDACGRIRSMLRKLYNKLKTGQLHEEFTTNYLSS
EHLSSLSNLCELLGVEPPSESDLEFSWLNLAAHHPLRMVLRQKIIYSGAVNLDDEKVPTIVKTIQNKLSSTFTRGAQKLL
SEAINKSAFQSSIASGFVGLCRTLGSKCVRGPNKESLYIKSIQSLISDIQGIEPLIDSHGVQYWRVPLNIRDGNEGVISY
FRPLLWDYMCISLSTAIELGAWVLGEPKKVRVLEFFKHNPCDYFPLKPAASKLLEDRVGLNHIIHSLRRLYPSVFEKHIL
PFMSDLASTKMKWSPRIKFLDLCVALDVNCEALSLVSHIVKWKREEHYIVLSSELRLSHTRTHEPMVEERVVSTSDAVDN
FMRQIYFESYVRSFVATTRTLGSFTWFPHKTSVPEGEGLQRLGPFSSFVEKAIHKGIERPMFKHDLMMGYAWIDFDIEPA
RFNHNQLIASGLVGPRFDSLEDFFDAVESLPPGSAKLSQTVRFRIKSQDASFKESFAIHLDYTGSINQQTKYLVHEVSAM
YSGAVSPCVLSDCWRLVLSGPTFKGKSAWYVDTEIVNEFLTDTNQLGHVTPVEIVVDMEKLQFTEYDFVLVGPCVEPVPL
VVHRGGLWECDKKLASFTPVVQDQDLEMFVKEVGDSSLDLLIGALSAMILDRLKLRMQWSEVDIVSMLKAAMPSNSVKVL
NAVLEAVDDWVDFKGYALCYSKSRKKVMVHSSGGKLRLKGRTCEELVKEDEGIEDIE
;
L
2 'polyribonucleotide' GCGCACCGGGGAUCCUAGGC D
3 'polyribonucleotide' GCCUAGGAUCCACUGUGCG R,E
4 'polyribonucleotide' UACGCACAG M
#
loop_
_chem_comp.id
_chem_comp.type
_chem_comp.name
_chem_comp.formula
2KH non-polymer 5'-O-[(S)-hydroxy{[(S)-hydroxy(phosphonooxy)phosphoryl]amino}phosphoryl]uridine 'C9 H16 N3 O14 P3'
A RNA linking ADENOSINE-5'-MONOPHOSPHATE 'C10 H14 N5 O7 P'
C RNA linking CYTIDINE-5'-MONOPHOSPHATE 'C9 H14 N3 O8 P'
G RNA linking GUANOSINE-5'-MONOPHOSPHATE 'C10 H14 N5 O8 P'
MN non-polymer 'MANGANESE (II) ION' 'Mn 2'
U RNA linking URIDINE-5'-MONOPHOSPHATE 'C9 H13 N2 O9 P'
ZN non-polymer 'ZINC ION' 'Zn 2'
#
# COMPACT_ATOMS: atom_id res chain seq x y z
N MET A 1 -8.99 34.49 -37.62
CA MET A 1 -8.50 33.27 -38.22
C MET A 1 -9.55 32.15 -38.14
N GLU A 2 -10.65 32.44 -37.44
CA GLU A 2 -11.75 31.48 -37.39
C GLU A 2 -12.36 31.27 -38.76
N ASP A 3 -12.36 32.32 -39.60
CA ASP A 3 -12.86 32.18 -40.96
C ASP A 3 -12.00 31.21 -41.77
N ASP A 4 -10.68 31.26 -41.58
CA ASP A 4 -9.80 30.33 -42.27
C ASP A 4 -10.06 28.90 -41.84
N MET A 5 -10.28 28.69 -40.53
CA MET A 5 -10.60 27.34 -40.05
C MET A 5 -11.93 26.86 -40.63
N ALA A 6 -12.93 27.74 -40.69
CA ALA A 6 -14.21 27.36 -41.28
C ALA A 6 -14.07 27.01 -42.76
N CYS A 7 -13.25 27.78 -43.48
CA CYS A 7 -13.00 27.47 -44.88
C CYS A 7 -12.31 26.12 -45.04
N VAL A 8 -11.34 25.82 -44.17
CA VAL A 8 -10.65 24.54 -44.21
C VAL A 8 -11.65 23.39 -43.98
N LYS A 9 -12.49 23.55 -42.95
CA LYS A 9 -13.48 22.52 -42.65
C LYS A 9 -14.43 22.31 -43.83
N ASP A 10 -14.90 23.41 -44.43
CA ASP A 10 -15.85 23.31 -45.53
C ASP A 10 -15.21 22.63 -46.75
N LEU A 11 -13.98 23.01 -47.08
CA LEU A 11 -13.33 22.41 -48.24
C LEU A 11 -13.03 20.94 -48.01
N VAL A 12 -12.61 20.57 -46.79
CA VAL A 12 -12.37 19.16 -46.49
C VAL A 12 -13.68 18.38 -46.59
N SER A 13 -14.76 18.94 -46.05
CA SER A 13 -16.04 18.22 -46.09
C SER A 13 -16.56 18.05 -47.51
N LYS A 14 -16.45 19.09 -48.34
CA LYS A 14 -17.05 19.08 -49.66
C LYS A 14 -16.09 18.65 -50.77
N TYR A 15 -14.85 18.29 -50.45
CA TYR A 15 -13.91 17.84 -51.47
C TYR A 15 -13.35 16.45 -51.21
N LEU A 16 -13.23 16.03 -49.96
CA LEU A 16 -12.74 14.68 -49.67
C LEU A 16 -13.75 13.64 -50.14
N ALA A 17 -13.24 12.58 -50.76
CA ALA A 17 -14.11 11.51 -51.23
C ALA A 17 -14.83 10.85 -50.05
N ASP A 18 -16.13 10.61 -50.22
CA ASP A 18 -16.95 10.03 -49.16
C ASP A 18 -16.71 8.54 -49.12
N ASN A 19 -15.68 8.14 -48.38
CA ASN A 19 -15.34 6.75 -48.15
C ASN A 19 -15.58 6.41 -46.69
N GLU A 20 -16.22 5.27 -46.44
CA GLU A 20 -16.61 4.91 -45.08
C GLU A 20 -15.39 4.74 -44.18
N ARG A 21 -14.37 4.03 -44.66
CA ARG A 21 -13.19 3.78 -43.85
C ARG A 21 -12.37 5.03 -43.60
N LEU A 22 -12.60 6.11 -44.34
CA LEU A 22 -11.98 7.39 -44.07
C LEU A 22 -12.82 8.28 -43.16
N SER A 23 -14.01 7.82 -42.77
CA SER A 23 -14.92 8.68 -42.01
C SER A 23 -14.40 8.93 -40.60
N ARG A 24 -13.98 7.88 -39.90
CA ARG A 24 -13.63 8.00 -38.49
C ARG A 24 -12.52 9.03 -38.28
N GLN A 25 -11.42 8.91 -39.02
CA GLN A 25 -10.35 9.90 -38.92
C GLN A 25 -10.85 11.28 -39.32
N LYS A 26 -11.73 11.34 -40.32
CA LYS A 26 -12.35 12.61 -40.69
C LYS A 26 -13.12 13.19 -39.52
N LEU A 27 -13.81 12.35 -38.76
CA LEU A 27 -14.50 12.81 -37.56
C LEU A 27 -13.50 13.38 -36.55
N ALA A 28 -12.30 12.82 -36.50
CA ALA A 28 -11.27 13.34 -35.61
C ALA A 28 -10.67 14.65 -36.11
N PHE A 29 -10.96 15.05 -37.35
CA PHE A 29 -10.41 16.27 -37.92
C PHE A 29 -11.34 17.46 -37.83
N LEU A 30 -12.65 17.23 -37.87
CA LEU A 30 -13.62 18.32 -37.90
C LEU A 30 -14.01 18.82 -36.51
N VAL A 31 -13.44 18.25 -35.44
CA VAL A 31 -13.75 18.67 -34.09
C VAL A 31 -12.61 19.39 -33.41
N GLN A 32 -11.40 19.36 -33.97
CA GLN A 32 -10.26 19.99 -33.34
C GLN A 32 -10.32 21.51 -33.51
N THR A 33 -9.73 22.22 -32.54
CA THR A 33 -9.68 23.67 -32.56
C THR A 33 -8.26 24.23 -32.54
N GLU A 34 -7.33 23.56 -31.87
CA GLU A 34 -5.95 24.04 -31.83
C GLU A 34 -5.32 23.91 -33.21
N PRO A 35 -4.60 24.93 -33.69
CA PRO A 35 -4.00 24.84 -35.02
C PRO A 35 -3.01 23.70 -35.17
N ARG A 36 -2.22 23.42 -34.14
CA ARG A 36 -1.25 22.33 -34.24
C ARG A 36 -1.93 20.97 -34.27
N MET A 37 -2.95 20.78 -33.42
CA MET A 37 -3.71 19.55 -33.46
C MET A 37 -4.44 19.39 -34.78
N LEU A 38 -4.98 20.49 -35.31
CA LEU A 38 -5.65 20.43 -36.60
C LEU A 38 -4.67 20.04 -37.71
N LEU A 39 -3.46 20.61 -37.69
CA LEU A 39 -2.45 20.23 -38.68
C LEU A 39 -2.07 18.77 -38.54
N MET A 40 -1.91 18.28 -37.30
CA MET A 40 -1.58 16.88 -37.09
C MET A 40 -2.67 15.98 -37.64
N GLU A 41 -3.93 16.31 -37.38
CA GLU A 41 -5.04 15.51 -37.87
C GLU A 41 -5.12 15.54 -39.39
N GLY A 42 -4.89 16.70 -40.00
CA GLY A 42 -4.89 16.76 -41.45
C GLY A 42 -3.79 15.94 -42.08
N LEU A 43 -2.59 16.01 -41.51
CA LEU A 43 -1.48 15.19 -42.02
C LEU A 43 -1.76 13.70 -41.83
N LYS A 44 -2.37 13.35 -40.69
CA LYS A 44 -2.72 11.94 -40.46
C LYS A 44 -3.77 11.47 -41.46
N LEU A 45 -4.74 12.32 -41.78
CA LEU A 45 -5.74 11.96 -42.80
C LEU A 45 -5.08 11.78 -44.16
N LEU A 46 -4.16 12.68 -44.51
CA LEU A 46 -3.46 12.53 -45.79
C LEU A 46 -2.65 11.24 -45.84
N SER A 47 -1.96 10.91 -44.75
CA SER A 47 -1.21 9.66 -44.70
C SER A 47 -2.13 8.45 -44.77
N LEU A 48 -3.30 8.53 -44.15
CA LEU A 48 -4.27 7.45 -44.23
C LEU A 48 -4.74 7.25 -45.66
N CYS A 49 -5.02 8.34 -46.38
CA CYS A 49 -5.41 8.22 -47.78
C CYS A 49 -4.28 7.63 -48.62
N ILE A 50 -3.05 8.08 -48.37
CA ILE A 50 -1.91 7.56 -49.12
C ILE A 50 -1.76 6.05 -48.90
N GLU A 51 -1.84 5.62 -47.63
CA GLU A 51 -1.64 4.20 -47.34
C GLU A 51 -2.81 3.36 -47.84
N ILE A 52 -4.04 3.89 -47.82
CA ILE A 52 -5.16 3.09 -48.32
C ILE A 52 -5.08 2.93 -49.82
N ASP A 53 -4.69 3.98 -50.55
CA ASP A 53 -4.53 3.80 -51.99
C ASP A 53 -3.36 2.88 -52.30
N SER A 54 -2.28 2.97 -51.51
CA SER A 54 -1.13 2.10 -51.74
C SER A 54 -1.50 0.63 -51.51
N CYS A 55 -2.23 0.35 -50.43
CA CYS A 55 -2.61 -1.04 -50.16
C CYS A 55 -3.65 -1.54 -51.16
N ASN A 56 -4.52 -0.66 -51.65
CA ASN A 56 -5.43 -1.07 -52.71
C ASN A 56 -4.67 -1.39 -54.00
N ALA A 57 -3.65 -0.60 -54.32
CA ALA A 57 -2.83 -0.87 -55.49
C ALA A 57 -2.07 -2.19 -55.35
N ASN A 58 -1.50 -2.44 -54.16
CA ASN A 58 -0.72 -3.65 -53.94
C ASN A 58 -1.59 -4.87 -53.65
N GLY A 59 -2.88 -4.68 -53.36
CA GLY A 59 -3.80 -5.76 -53.12
C GLY A 59 -3.99 -6.15 -51.67
N CYS A 60 -3.08 -5.73 -50.79
CA CYS A 60 -3.22 -6.03 -49.37
C CYS A 60 -4.39 -5.24 -48.78
N GLU A 61 -5.18 -5.92 -47.95
CA GLU A 61 -6.29 -5.25 -47.28
C GLU A 61 -5.77 -4.30 -46.22
N HIS A 62 -6.47 -3.17 -46.06
CA HIS A 62 -6.04 -2.14 -45.12
C HIS A 62 -6.29 -2.57 -43.68
N ASN A 63 -5.39 -2.18 -42.80
CA ASN A 63 -5.51 -2.47 -41.36
C ASN A 63 -6.27 -1.31 -40.71
N SER A 64 -7.58 -1.29 -40.95
CA SER A 64 -8.40 -0.17 -40.48
C SER A 64 -8.57 -0.17 -38.97
N GLU A 65 -8.61 -1.34 -38.34
CA GLU A 65 -8.86 -1.45 -36.91
C GLU A 65 -7.59 -1.44 -36.07
N ASP A 66 -6.42 -1.37 -36.70
CA ASP A 66 -5.14 -1.23 -36.01
C ASP A 66 -4.90 -2.39 -35.03
N LYS A 67 -4.80 -3.59 -35.60
CA LYS A 67 -4.51 -4.79 -34.83
C LYS A 67 -3.05 -5.20 -35.05
N SER A 68 -2.45 -5.75 -34.00
CA SER A 68 -1.06 -6.19 -34.08
C SER A 68 -0.95 -7.43 -34.96
N VAL A 69 0.28 -7.80 -35.28
CA VAL A 69 0.53 -8.95 -36.15
C VAL A 69 0.03 -10.23 -35.50
N GLU A 70 0.28 -10.39 -34.20
CA GLU A 70 -0.19 -11.58 -33.51
C GLU A 70 -1.71 -11.66 -33.51
N ARG A 71 -2.38 -10.52 -33.30
CA ARG A 71 -3.84 -10.50 -33.35
C ARG A 71 -4.35 -10.88 -34.74
N ILE A 72 -3.71 -10.36 -35.79
CA ILE A 72 -4.11 -10.67 -37.15
C ILE A 72 -3.96 -12.15 -37.43
N LEU A 73 -2.83 -12.74 -37.01
CA LEU A 73 -2.62 -14.16 -37.23
C LEU A 73 -3.59 -15.00 -36.42
N HIS A 74 -3.93 -14.55 -35.20
CA HIS A 74 -4.91 -15.26 -34.39
C HIS A 74 -6.29 -15.24 -35.04
N ASP A 75 -6.67 -14.12 -35.64
CA ASP A 75 -7.97 -14.03 -36.30
C ASP A 75 -8.08 -15.01 -37.46
N HIS A 76 -6.96 -15.36 -38.08
CA HIS A 76 -6.95 -16.31 -39.19
C HIS A 76 -6.75 -17.75 -38.74
N GLY A 77 -6.66 -18.00 -37.44
CA GLY A 77 -6.51 -19.34 -36.93
C GLY A 77 -5.09 -19.86 -36.85
N ILE A 78 -4.09 -18.99 -36.84
CA ILE A 78 -2.69 -19.38 -36.76
C ILE A 78 -2.22 -19.19 -35.32
N LEU A 79 -1.58 -20.22 -34.76
CA LEU A 79 -1.06 -20.17 -33.41
C LEU A 79 0.40 -19.75 -33.45
N THR A 80 0.69 -18.60 -32.86
CA THR A 80 2.04 -18.04 -32.87
C THR A 80 2.46 -17.63 -31.46
N PRO A 81 3.75 -17.64 -31.18
CA PRO A 81 4.22 -17.13 -29.89
C PRO A 81 4.00 -15.64 -29.77
N SER A 82 4.23 -15.13 -28.56
CA SER A 82 4.09 -13.69 -28.34
C SER A 82 5.14 -12.94 -29.15
N LEU A 83 4.70 -11.86 -29.80
CA LEU A 83 5.53 -11.09 -30.70
C LEU A 83 5.65 -9.67 -30.21
N CYS A 84 6.64 -8.96 -30.75
CA CYS A 84 6.78 -7.53 -30.47
C CYS A 84 5.59 -6.78 -31.03
N PHE A 85 5.15 -5.76 -30.30
CA PHE A 85 3.93 -5.04 -30.65
C PHE A 85 4.20 -4.16 -31.88
N VAL A 86 3.83 -4.67 -33.05
CA VAL A 86 3.97 -3.97 -34.32
C VAL A 86 2.63 -3.95 -35.02
N VAL A 87 2.23 -2.79 -35.50
CA VAL A 87 0.94 -2.61 -36.18
C VAL A 87 1.21 -2.23 -37.63
N PRO A 88 1.19 -3.20 -38.54
CA PRO A 88 1.43 -2.89 -39.95
C PRO A 88 0.24 -2.16 -40.57
N ASP A 89 0.53 -1.44 -41.65
CA ASP A 89 -0.52 -0.73 -42.37
C ASP A 89 -1.36 -1.66 -43.23
N GLY A 90 -0.76 -2.70 -43.79
CA GLY A 90 -1.49 -3.67 -44.58
C GLY A 90 -0.90 -5.04 -44.43
N TYR A 91 -1.73 -6.06 -44.63
CA TYR A 91 -1.30 -7.45 -44.47
C TYR A 91 -1.88 -8.30 -45.57
N LYS A 92 -1.17 -9.38 -45.90
CA LYS A 92 -1.66 -10.35 -46.88
C LYS A 92 -1.10 -11.72 -46.52
N LEU A 93 -1.98 -12.69 -46.33
CA LEU A 93 -1.60 -14.05 -45.97
C LEU A 93 -1.96 -15.00 -47.09
N THR A 94 -0.99 -15.79 -47.53
CA THR A 94 -1.18 -16.80 -48.59
C THR A 94 -0.61 -18.12 -48.08
N GLY A 95 -1.46 -18.90 -47.40
CA GLY A 95 -1.12 -20.25 -47.01
C GLY A 95 -0.09 -20.31 -45.91
N ASN A 96 1.15 -19.96 -46.25
CA ASN A 96 2.22 -19.85 -45.27
C ASN A 96 3.13 -18.66 -45.54
N VAL A 97 2.74 -17.73 -46.39
CA VAL A 97 3.54 -16.57 -46.72
C VAL A 97 2.81 -15.33 -46.23
N LEU A 98 3.50 -14.54 -45.40
CA LEU A 98 2.93 -13.31 -44.83
C LEU A 98 3.65 -12.11 -45.44
N ILE A 99 2.87 -11.16 -45.94
CA ILE A 99 3.40 -9.92 -46.51
C ILE A 99 2.85 -8.78 -45.69
N LEU A 100 3.74 -7.96 -45.13
CA LEU A 100 3.38 -6.80 -44.35
C LEU A 100 3.82 -5.53 -45.08
N LEU A 101 2.94 -4.53 -45.11
CA LEU A 101 3.16 -3.31 -45.86
C LEU A 101 3.04 -2.11 -44.94
N GLU A 102 4.05 -1.25 -44.97
CA GLU A 102 4.05 -0.01 -44.21
C GLU A 102 4.32 1.14 -45.16
N CYS A 103 3.50 2.19 -45.06
CA CYS A 103 3.56 3.31 -45.98
C CYS A 103 3.84 4.59 -45.21
N PHE A 104 4.78 5.39 -45.69
CA PHE A 104 5.10 6.67 -45.08
C PHE A 104 5.47 7.65 -46.17
N VAL A 105 5.39 8.94 -45.85
CA VAL A 105 5.72 10.02 -46.77
C VAL A 105 6.79 10.89 -46.14
N ARG A 106 7.88 11.10 -46.89
CA ARG A 106 8.99 11.94 -46.44
C ARG A 106 9.51 12.74 -47.63
N SER A 107 9.50 14.05 -47.51
CA SER A 107 9.97 14.95 -48.56
C SER A 107 11.40 15.42 -48.34
N SER A 108 12.06 14.95 -47.28
CA SER A 108 13.44 15.34 -46.99
C SER A 108 14.35 14.13 -47.17
N PRO A 109 15.29 14.16 -48.12
CA PRO A 109 16.21 13.02 -48.27
C PRO A 109 17.01 12.71 -47.01
N ALA A 110 17.35 13.74 -46.22
CA ALA A 110 18.02 13.51 -44.96
C ALA A 110 17.11 12.76 -43.98
N ASN A 111 15.82 13.09 -43.98
CA ASN A 111 14.84 12.44 -43.11
C ASN A 111 14.07 11.34 -43.82
N PHE A 112 14.73 10.63 -44.75
CA PHE A 112 14.09 9.56 -45.51
C PHE A 112 14.74 8.22 -45.27
N GLU A 113 16.07 8.13 -45.33
CA GLU A 113 16.75 6.86 -45.22
C GLU A 113 16.60 6.25 -43.82
N GLN A 114 16.67 7.08 -42.78
CA GLN A 114 16.60 6.56 -41.42
C GLN A 114 15.22 5.97 -41.14
N LYS A 115 14.16 6.56 -41.70
CA LYS A 115 12.83 5.96 -41.54
C LYS A 115 12.76 4.61 -42.22
N TYR A 116 13.36 4.49 -43.41
CA TYR A 116 13.37 3.23 -44.13
C TYR A 116 14.10 2.14 -43.33
N ILE A 117 15.28 2.48 -42.80
CA ILE A 117 16.03 1.47 -42.05
C ILE A 117 15.33 1.15 -40.73
N GLU A 118 14.66 2.14 -40.12
CA GLU A 118 13.90 1.87 -38.89
C GLU A 118 12.77 0.89 -39.15
N ASP A 119 12.03 1.09 -40.24
CA ASP A 119 10.96 0.15 -40.58
C ASP A 119 11.52 -1.23 -40.91
N PHE A 120 12.66 -1.27 -41.61
CA PHE A 120 13.26 -2.56 -41.94
C PHE A 120 13.68 -3.31 -40.68
N LYS A 121 14.28 -2.61 -39.71
CA LYS A 121 14.65 -3.24 -38.46
C LYS A 121 13.41 -3.68 -37.68
N LYS A 122 12.35 -2.87 -37.70
CA LYS A 122 11.12 -3.25 -37.00
C LYS A 122 10.53 -4.53 -37.58
N LEU A 123 10.62 -4.70 -38.90
CA LEU A 123 10.14 -5.94 -39.51
C LEU A 123 11.08 -7.11 -39.22
N GLU A 124 12.39 -6.86 -39.24
CA GLU A 124 13.35 -7.91 -38.92
C GLU A 124 13.21 -8.39 -37.48
N GLN A 125 12.67 -7.55 -36.60
CA GLN A 125 12.37 -8.00 -35.24
C GLN A 125 11.41 -9.19 -35.25
N LEU A 126 10.33 -9.08 -36.03
CA LEU A 126 9.34 -10.15 -36.09
C LEU A 126 9.71 -11.26 -37.05
N LYS A 127 10.68 -11.03 -37.95
CA LYS A 127 11.02 -12.03 -38.96
C LYS A 127 11.39 -13.37 -38.33
N GLU A 128 12.31 -13.35 -37.36
CA GLU A 128 12.81 -14.60 -36.79
C GLU A 128 11.72 -15.32 -36.00
N ASP A 129 10.92 -14.58 -35.24
CA ASP A 129 9.85 -15.19 -34.48
C ASP A 129 8.81 -15.82 -35.39
N LEU A 130 8.47 -15.15 -36.49
CA LEU A 130 7.53 -15.73 -37.45
C LEU A 130 8.12 -16.96 -38.11
N LYS A 131 9.42 -16.93 -38.43
CA LYS A 131 10.06 -18.11 -39.02
C LYS A 131 10.06 -19.28 -38.05
N SER A 132 10.16 -19.01 -36.75
CA SER A 132 10.17 -20.08 -35.76
C SER A 132 8.90 -20.92 -35.81
N VAL A 133 7.77 -20.32 -36.20
CA VAL A 133 6.51 -21.03 -36.30
C VAL A 133 6.22 -21.44 -37.75
N ASP A 134 7.24 -21.43 -38.61
CA ASP A 134 7.11 -21.81 -40.02
C ASP A 134 6.13 -20.89 -40.75
N ILE A 135 6.46 -19.60 -40.73
CA ILE A 135 5.75 -18.59 -41.51
C ILE A 135 6.79 -17.68 -42.15
N ASN A 136 6.71 -17.54 -43.48
CA ASN A 136 7.67 -16.72 -44.21
C ASN A 136 7.18 -15.28 -44.25
N LEU A 137 8.05 -14.36 -43.85
CA LEU A 137 7.73 -12.93 -43.81
C LEU A 137 8.39 -12.22 -44.97
N ILE A 138 7.60 -11.42 -45.70
CA ILE A 138 8.11 -10.65 -46.82
C ILE A 138 7.84 -9.18 -46.55
N PRO A 139 8.80 -8.45 -45.99
CA PRO A 139 8.58 -7.02 -45.73
C PRO A 139 8.42 -6.25 -47.02
N LEU A 140 7.63 -5.18 -46.95
CA LEU A 140 7.35 -4.35 -48.12
C LEU A 140 7.14 -2.92 -47.63
N ILE A 141 8.09 -2.04 -47.93
CA ILE A 141 8.08 -0.66 -47.44
C ILE A 141 7.78 0.26 -48.62
N ASP A 142 6.82 1.17 -48.43
CA ASP A 142 6.38 2.10 -49.46
C ASP A 142 6.67 3.52 -48.96
N GLY A 143 7.74 4.12 -49.46
CA GLY A 143 8.11 5.48 -49.11
C GLY A 143 7.79 6.43 -50.24
N ARG A 144 7.22 7.58 -49.88
CA ARG A 144 6.83 8.60 -50.86
C ARG A 144 7.35 9.96 -50.40
N THR A 145 7.20 10.95 -51.28
CA THR A 145 7.67 12.30 -51.02
C THR A 145 6.58 13.36 -51.07
N SER A 146 5.50 13.13 -51.81
CA SER A 146 4.43 14.11 -51.99
C SER A 146 3.11 13.55 -51.49
N PHE A 147 2.29 14.42 -50.91
CA PHE A 147 0.98 14.02 -50.41
C PHE A 147 -0.04 14.00 -51.54
N TYR A 148 0.25 13.26 -52.61
CA TYR A 148 -0.63 13.17 -53.77
C TYR A 148 -1.24 11.77 -53.83
N ASN A 149 -2.54 11.72 -54.08
CA ASN A 149 -3.27 10.46 -54.09
C ASN A 149 -4.52 10.61 -54.94
N GLU A 150 -5.13 9.48 -55.26
CA GLU A 150 -6.35 9.47 -56.06
C GLU A 150 -7.60 9.80 -55.25
N GLN A 151 -7.48 9.95 -53.93
CA GLN A 151 -8.62 10.24 -53.08
C GLN A 151 -8.98 11.72 -53.03
N ILE A 152 -8.13 12.59 -53.55
CA ILE A 152 -8.38 14.03 -53.48
C ILE A 152 -7.67 14.71 -54.65
N PRO A 153 -8.22 15.79 -55.20
CA PRO A 153 -7.50 16.54 -56.24
C PRO A 153 -6.21 17.14 -55.70
N ASP A 154 -5.24 17.30 -56.60
CA ASP A 154 -3.93 17.80 -56.20
C ASP A 154 -4.00 19.26 -55.73
N TRP A 155 -4.75 20.10 -56.44
CA TRP A 155 -4.77 21.53 -56.11
C TRP A 155 -5.39 21.77 -54.74
N VAL A 156 -6.49 21.09 -54.43
CA VAL A 156 -7.11 21.26 -53.12
C VAL A 156 -6.21 20.72 -52.02
N ASN A 157 -5.47 19.64 -52.29
CA ASN A 157 -4.53 19.11 -51.32
C ASN A 157 -3.43 20.13 -51.02
N ASP A 158 -2.87 20.74 -52.06
CA ASP A 158 -1.83 21.75 -51.87
C ASP A 158 -2.37 22.96 -51.12
N LYS A 159 -3.58 23.39 -51.47
CA LYS A 159 -4.19 24.52 -50.77
C LYS A 159 -4.43 24.19 -49.31
N LEU A 160 -4.88 22.96 -49.02
CA LEU A 160 -5.12 22.55 -47.65
C LEU A 160 -3.83 22.56 -46.84
N ARG A 161 -2.76 22.00 -47.40
CA ARG A 161 -1.49 21.97 -46.68
C ARG A 161 -0.96 23.38 -46.43
N ASP A 162 -1.01 24.22 -47.46
CA ASP A 162 -0.53 25.59 -47.32
C ASP A 162 -1.35 26.35 -46.29
N THR A 163 -2.67 26.19 -46.32
CA THR A 163 -3.52 26.88 -45.35
C THR A 163 -3.27 26.39 -43.93
N LEU A 164 -3.08 25.08 -43.76
CA LEU A 164 -2.78 24.55 -42.44
C LEU A 164 -1.48 25.12 -41.89
N PHE A 165 -0.43 25.16 -42.72
CA PHE A 165 0.84 25.69 -42.25
C PHE A 165 0.75 27.19 -41.98
N SER A 166 0.04 27.93 -42.82
CA SER A 166 -0.13 29.36 -42.58
C SER A 166 -0.92 29.62 -41.30
N LEU A 167 -1.96 28.83 -41.05
CA LEU A 167 -2.71 28.96 -39.82
C LEU A 167 -1.85 28.65 -38.60
N LEU A 168 -1.00 27.63 -38.70
CA LEU A 168 -0.08 27.33 -37.61
C LEU A 168 0.87 28.50 -37.35
N ARG A 169 1.39 29.10 -38.43
CA ARG A 169 2.30 30.22 -38.27
C ARG A 169 1.60 31.43 -37.66
N TYR A 170 0.38 31.72 -38.08
CA TYR A 170 -0.30 32.96 -37.70
C TYR A 170 -1.01 32.87 -36.36
N ALA A 171 -1.44 31.68 -35.95
CA ALA A 171 -2.25 31.56 -34.75
C ALA A 171 -1.43 31.81 -33.50
N GLN A 172 -0.42 30.99 -33.25
CA GLN A 172 0.43 31.13 -32.09
C GLN A 172 1.88 30.88 -32.47
N GLU A 173 2.78 31.68 -31.91
CA GLU A 173 4.22 31.55 -32.14
C GLU A 173 4.87 31.15 -30.82
N SER A 174 4.89 29.85 -30.56
CA SER A 174 5.53 29.30 -29.37
C SER A 174 6.73 28.42 -29.71
N ASN A 175 6.56 27.49 -30.64
CA ASN A 175 7.65 26.64 -31.12
C ASN A 175 7.48 26.47 -32.62
N SER A 176 8.35 27.12 -33.40
CA SER A 176 8.33 27.05 -34.85
C SER A 176 9.29 25.99 -35.39
N LEU A 177 9.53 24.94 -34.62
CA LEU A 177 10.45 23.88 -34.99
C LEU A 177 9.78 22.79 -35.82
N PHE A 178 8.69 23.10 -36.50
CA PHE A 178 7.93 22.11 -37.27
C PHE A 178 8.61 21.83 -38.62
N GLU A 179 9.89 21.46 -38.54
CA GLU A 179 10.61 20.96 -39.69
C GLU A 179 10.26 19.48 -39.88
N GLU A 180 10.76 18.87 -40.95
CA GLU A 180 10.37 17.50 -41.24
C GLU A 180 11.13 16.52 -40.36
N SER A 181 11.10 16.77 -39.06
CA SER A 181 11.57 15.89 -38.00
C SER A 181 10.60 15.79 -36.84
N GLU A 182 9.81 16.85 -36.59
CA GLU A 182 8.89 16.88 -35.46
C GLU A 182 7.46 16.54 -35.87
N TYR A 183 6.91 17.29 -36.84
CA TYR A 183 5.51 17.07 -37.21
C TYR A 183 5.32 15.72 -37.87
N SER A 184 6.32 15.22 -38.60
CA SER A 184 6.19 13.90 -39.22
C SER A 184 6.15 12.80 -38.16
N ARG A 185 6.96 12.94 -37.10
CA ARG A 185 6.87 12.00 -35.99
C ARG A 185 5.55 12.16 -35.25
N LEU A 186 5.08 13.41 -35.11
CA LEU A 186 3.81 13.65 -34.43
C LEU A 186 2.64 13.08 -35.22
N CYS A 187 2.80 12.92 -36.54
CA CYS A 187 1.70 12.46 -37.38
C CYS A 187 1.28 11.03 -37.03
N GLU A 188 2.24 10.16 -36.71
CA GLU A 188 1.96 8.77 -36.42
C GLU A 188 1.70 8.50 -34.94
N SER A 189 1.23 9.51 -34.21
CA SER A 189 0.93 9.34 -32.79
C SER A 189 -0.53 8.94 -32.57
N LEU A 190 -0.95 7.88 -33.26
CA LEU A 190 -2.30 7.33 -33.11
C LEU A 190 -2.21 5.80 -33.00
N SER A 191 -1.33 5.33 -32.11
CA SER A 191 -1.09 3.90 -31.93
C SER A 191 -1.90 3.34 -30.76
N MET A 192 -3.13 3.82 -30.59
CA MET A 192 -3.99 3.38 -29.50
C MET A 192 -4.20 1.87 -29.56
N THR A 193 -4.17 1.25 -28.39
CA THR A 193 -4.27 -0.21 -28.28
C THR A 193 -5.73 -0.62 -28.18
N SER A 194 -6.12 -1.64 -28.94
CA SER A 194 -7.46 -2.19 -28.91
C SER A 194 -7.54 -3.47 -28.08
N GLY A 195 -6.53 -3.74 -27.27
CA GLY A 195 -6.47 -4.95 -26.49
C GLY A 195 -5.46 -5.95 -27.04
N ARG A 196 -4.98 -6.82 -26.16
CA ARG A 196 -3.99 -7.83 -26.52
C ARG A 196 -4.46 -9.20 -26.03
N LEU A 197 -3.93 -10.24 -26.67
CA LEU A 197 -4.29 -11.60 -26.30
C LEU A 197 -3.80 -11.91 -24.90
N SER A 198 -4.67 -12.58 -24.12
CA SER A 198 -4.35 -12.89 -22.73
C SER A 198 -3.37 -14.04 -22.60
N GLY A 199 -3.40 -14.98 -23.53
CA GLY A 199 -2.58 -16.17 -23.45
C GLY A 199 -3.29 -17.40 -22.96
N VAL A 200 -4.52 -17.26 -22.48
CA VAL A 200 -5.30 -18.42 -22.07
C VAL A 200 -5.64 -19.28 -23.29
N GLU A 201 -5.91 -18.64 -24.43
CA GLU A 201 -6.21 -19.38 -25.66
C GLU A 201 -5.03 -20.18 -26.16
N SER A 202 -3.81 -19.86 -25.71
CA SER A 202 -2.64 -20.63 -26.12
C SER A 202 -2.69 -22.07 -25.64
N LEU A 203 -3.59 -22.39 -24.70
CA LEU A 203 -3.82 -23.77 -24.31
C LEU A 203 -4.27 -24.63 -25.49
N ASN A 204 -4.82 -24.00 -26.54
CA ASN A 204 -5.18 -24.73 -27.74
C ASN A 204 -3.97 -25.31 -28.45
N VAL A 205 -2.76 -24.84 -28.14
CA VAL A 205 -1.56 -25.38 -28.77
C VAL A 205 -1.36 -26.85 -28.39
N LEU A 206 -1.57 -27.18 -27.11
CA LEU A 206 -1.31 -28.53 -26.64
C LEU A 206 -2.41 -29.48 -27.11
N LEU A 207 -2.11 -30.77 -27.06
CA LEU A 207 -3.09 -31.79 -27.38
C LEU A 207 -4.12 -31.91 -26.25
N ASP A 208 -5.35 -32.22 -26.63
CA ASP A 208 -6.46 -32.32 -25.69
C ASP A 208 -6.73 -33.80 -25.41
N ASN A 209 -6.58 -34.21 -24.15
CA ASN A 209 -6.79 -35.58 -23.72
C ASN A 209 -7.86 -35.67 -22.64
N ARG A 210 -8.80 -34.72 -22.64
CA ARG A 210 -9.89 -34.76 -21.68
C ARG A 210 -10.79 -35.96 -21.95
N SER A 211 -11.33 -36.54 -20.88
CA SER A 211 -11.95 -37.86 -20.94
C SER A 211 -13.21 -37.83 -20.07
N SER A 212 -13.71 -39.03 -19.74
CA SER A 212 -15.00 -39.16 -19.06
C SER A 212 -15.03 -38.41 -17.73
N HIS A 213 -13.88 -38.24 -17.08
CA HIS A 213 -13.86 -37.55 -15.79
C HIS A 213 -14.29 -36.09 -15.95
N TYR A 214 -13.75 -35.41 -16.97
CA TYR A 214 -14.06 -34.00 -17.17
C TYR A 214 -15.54 -33.81 -17.51
N GLU A 215 -16.06 -34.62 -18.43
CA GLU A 215 -17.46 -34.48 -18.80
C GLU A 215 -18.39 -34.90 -17.67
N GLU A 216 -17.98 -35.86 -16.84
CA GLU A 216 -18.77 -36.21 -15.67
C GLU A 216 -18.84 -35.05 -14.68
N ILE A 217 -17.71 -34.38 -14.45
CA ILE A 217 -17.71 -33.21 -13.58
C ILE A 217 -18.61 -32.12 -14.15
N ILE A 218 -18.50 -31.87 -15.45
CA ILE A 218 -19.32 -30.84 -16.09
C ILE A 218 -20.80 -31.19 -15.96
N ALA A 219 -21.14 -32.46 -16.16
CA ALA A 219 -22.53 -32.88 -16.00
C ALA A 219 -23.01 -32.69 -14.56
N SER A 220 -22.14 -32.98 -13.60
CA SER A 220 -22.50 -32.72 -12.20
C SER A 220 -22.73 -31.23 -11.96
N CYS A 221 -22.03 -30.37 -12.70
CA CYS A 221 -22.27 -28.94 -12.59
C CYS A 221 -23.62 -28.53 -13.17
N HIS A 222 -24.20 -29.36 -14.04
CA HIS A 222 -25.44 -29.04 -14.72
C HIS A 222 -26.58 -29.97 -14.34
N GLN A 223 -26.46 -30.69 -13.22
CA GLN A 223 -27.42 -31.73 -12.87
C GLN A 223 -28.83 -31.19 -12.68
N GLY A 224 -29.03 -30.33 -11.69
CA GLY A 224 -30.35 -29.82 -11.39
C GLY A 224 -30.42 -28.31 -11.27
N ILE A 225 -29.60 -27.61 -12.04
CA ILE A 225 -29.54 -26.15 -12.01
C ILE A 225 -30.18 -25.62 -13.28
N ASN A 226 -31.18 -24.76 -13.11
CA ASN A 226 -31.87 -24.13 -14.23
C ASN A 226 -31.52 -22.64 -14.24
N ASN A 227 -30.82 -22.22 -15.30
CA ASN A 227 -30.37 -20.83 -15.42
C ASN A 227 -31.18 -20.06 -16.46
N LYS A 228 -32.38 -20.53 -16.81
CA LYS A 228 -33.23 -19.88 -17.79
C LYS A 228 -34.53 -19.36 -17.18
N LEU A 229 -34.60 -19.27 -15.86
CA LEU A 229 -35.80 -18.78 -15.21
C LEU A 229 -36.01 -17.30 -15.51
N THR A 230 -37.29 -16.90 -15.56
CA THR A 230 -37.64 -15.51 -15.74
C THR A 230 -37.73 -14.82 -14.38
N ALA A 231 -37.99 -13.51 -14.40
CA ALA A 231 -38.12 -12.77 -13.15
C ALA A 231 -39.32 -13.24 -12.33
N HIS A 232 -40.42 -13.58 -13.00
CA HIS A 232 -41.62 -14.01 -12.29
C HIS A 232 -41.37 -15.28 -11.49
N GLU A 233 -40.69 -16.25 -12.09
CA GLU A 233 -40.48 -17.54 -11.41
C GLU A 233 -39.54 -17.39 -10.22
N VAL A 234 -38.46 -16.64 -10.38
CA VAL A 234 -37.56 -16.43 -9.26
C VAL A 234 -38.24 -15.62 -8.17
N LYS A 235 -39.10 -14.66 -8.54
CA LYS A 235 -39.86 -13.93 -7.54
C LYS A 235 -40.77 -14.85 -6.76
N LEU A 236 -41.47 -15.75 -7.45
CA LEU A 236 -42.35 -16.70 -6.77
C LEU A 236 -41.58 -17.60 -5.82
N GLN A 237 -40.43 -18.11 -6.27
CA GLN A 237 -39.63 -18.98 -5.41
C GLN A 237 -39.11 -18.24 -4.18
N ILE A 238 -38.68 -16.99 -4.37
CA ILE A 238 -38.21 -16.19 -3.24
C ILE A 238 -39.34 -15.94 -2.25
N GLU A 239 -40.54 -15.64 -2.76
CA GLU A 239 -41.68 -15.42 -1.89
C GLU A 239 -42.01 -16.68 -1.09
N GLU A 240 -42.00 -17.84 -1.75
CA GLU A 240 -42.27 -19.10 -1.05
C GLU A 240 -41.23 -19.35 0.03
N GLU A 241 -39.95 -19.16 -0.30
CA GLU A 241 -38.89 -19.39 0.67
C GLU A 241 -39.06 -18.46 1.87
N TYR A 242 -39.36 -17.18 1.62
CA TYR A 242 -39.50 -16.24 2.72
C TYR A 242 -40.70 -16.58 3.59
N GLN A 243 -41.82 -16.97 2.99
CA GLN A 243 -43.00 -17.33 3.77
C GLN A 243 -42.70 -18.51 4.67
N VAL A 244 -42.10 -19.57 4.12
CA VAL A 244 -41.81 -20.75 4.93
C VAL A 244 -40.80 -20.42 6.03
N PHE A 245 -39.77 -19.64 5.70
CA PHE A 245 -38.76 -19.29 6.69
C PHE A 245 -39.37 -18.47 7.82
N ARG A 246 -40.21 -17.49 7.49
CA ARG A 246 -40.83 -16.67 8.54
C ARG A 246 -41.74 -17.52 9.41
N ASN A 247 -42.51 -18.44 8.80
CA ASN A 247 -43.39 -19.29 9.59
C ASN A 247 -42.59 -20.17 10.55
N ARG A 248 -41.52 -20.80 10.05
CA ARG A 248 -40.74 -21.70 10.92
C ARG A 248 -39.95 -20.92 11.96
N LEU A 249 -39.57 -19.67 11.66
CA LEU A 249 -38.85 -18.87 12.65
C LEU A 249 -39.77 -18.41 13.76
N ARG A 250 -40.98 -17.94 13.42
CA ARG A 250 -41.93 -17.55 14.45
C ARG A 250 -42.38 -18.75 15.27
N LYS A 251 -42.54 -19.91 14.63
CA LYS A 251 -42.96 -21.11 15.34
C LYS A 251 -41.87 -21.68 16.24
N GLY A 252 -40.63 -21.24 16.08
CA GLY A 252 -39.55 -21.63 16.97
C GLY A 252 -38.67 -22.77 16.51
N GLU A 253 -38.78 -23.20 15.26
CA GLU A 253 -37.97 -24.30 14.75
C GLU A 253 -36.62 -23.85 14.17
N ILE A 254 -36.35 -22.55 14.14
CA ILE A 254 -35.10 -22.01 13.62
C ILE A 254 -34.55 -21.01 14.62
N THR A 255 -33.26 -21.11 14.92
CA THR A 255 -32.63 -20.21 15.87
C THR A 255 -32.39 -18.85 15.23
N GLY A 256 -32.08 -17.86 16.08
CA GLY A 256 -31.98 -16.49 15.65
C GLY A 256 -30.63 -16.04 15.14
N GLN A 257 -29.55 -16.46 15.81
CA GLN A 257 -28.19 -16.07 15.48
C GLN A 257 -27.94 -14.58 15.67
N PHE A 258 -28.93 -13.84 16.19
CA PHE A 258 -28.79 -12.41 16.42
C PHE A 258 -29.58 -12.02 17.65
N LEU A 259 -29.05 -11.06 18.40
CA LEU A 259 -29.67 -10.58 19.63
C LEU A 259 -29.68 -9.06 19.64
N LYS A 260 -30.77 -8.49 20.14
CA LYS A 260 -30.84 -7.06 20.35
C LYS A 260 -29.90 -6.66 21.47
N VAL A 261 -29.24 -5.50 21.30
CA VAL A 261 -28.20 -5.10 22.24
C VAL A 261 -28.82 -4.64 23.55
N ASP A 262 -28.39 -5.24 24.65
CA ASP A 262 -28.76 -4.83 25.99
C ASP A 262 -27.46 -4.55 26.75
N LYS A 263 -27.23 -3.27 27.08
CA LYS A 263 -25.95 -2.88 27.64
C LYS A 263 -25.68 -3.56 28.98
N SER A 264 -26.69 -3.63 29.84
CA SER A 264 -26.51 -4.29 31.13
C SER A 264 -26.18 -5.77 30.94
N ARG A 265 -26.87 -6.44 30.02
CA ARG A 265 -26.59 -7.85 29.77
C ARG A 265 -25.20 -8.05 29.20
N LEU A 266 -24.77 -7.16 28.30
CA LEU A 266 -23.42 -7.26 27.75
C LEU A 266 -22.37 -7.07 28.84
N LEU A 267 -22.56 -6.08 29.72
CA LEU A 267 -21.61 -5.88 30.80
C LEU A 267 -21.57 -7.08 31.74
N ASN A 268 -22.74 -7.64 32.06
CA ASN A 268 -22.78 -8.81 32.94
C ASN A 268 -22.08 -10.00 32.29
N ASP A 269 -22.28 -10.19 30.99
CA ASP A 269 -21.61 -11.29 30.30
C ASP A 269 -20.10 -11.09 30.25
N PHE A 270 -19.65 -9.85 30.03
CA PHE A 270 -18.22 -9.59 30.00
C PHE A 270 -17.59 -9.78 31.38
N ASN A 271 -18.30 -9.40 32.45
CA ASN A 271 -17.76 -9.55 33.79
C ASN A 271 -17.60 -11.01 34.19
N ASN A 272 -18.48 -11.89 33.70
CA ASN A 272 -18.45 -13.30 34.04
C ASN A 272 -17.77 -14.14 32.96
N LEU A 273 -16.75 -13.59 32.30
CA LEU A 273 -16.09 -14.33 31.22
C LEU A 273 -15.33 -15.53 31.77
N TYR A 274 -14.34 -15.29 32.60
CA TYR A 274 -13.60 -16.37 33.27
C TYR A 274 -14.14 -16.59 34.68
N VAL A 275 -15.42 -16.99 34.75
CA VAL A 275 -16.09 -17.10 36.04
C VAL A 275 -15.55 -18.29 36.84
N ASP A 276 -14.97 -19.28 36.17
CA ASP A 276 -14.47 -20.47 36.83
C ASP A 276 -13.01 -20.35 37.26
N GLU A 277 -12.38 -19.21 37.02
CA GLU A 277 -10.97 -19.03 37.36
C GLU A 277 -10.66 -17.76 38.14
N VAL A 278 -11.57 -16.79 38.20
CA VAL A 278 -11.43 -15.64 39.07
C VAL A 278 -12.48 -15.75 40.17
N THR A 279 -12.07 -15.46 41.41
CA THR A 279 -12.93 -15.70 42.57
C THR A 279 -14.07 -14.70 42.68
N ALA A 280 -13.82 -13.43 42.42
CA ALA A 280 -14.82 -12.37 42.63
C ALA A 280 -15.22 -11.77 41.28
N THR A 281 -16.08 -10.75 41.36
CA THR A 281 -16.55 -10.04 40.18
C THR A 281 -16.40 -8.52 40.28
N LYS A 282 -16.29 -7.95 41.48
CA LYS A 282 -16.13 -6.51 41.68
C LYS A 282 -14.88 -6.29 42.53
N ASP A 283 -13.73 -6.15 41.86
CA ASP A 283 -12.47 -5.96 42.55
C ASP A 283 -12.34 -4.53 43.06
N ASN A 284 -11.45 -4.36 44.03
CA ASN A 284 -11.15 -3.05 44.59
C ASN A 284 -9.90 -2.48 43.93
N ILE A 285 -9.96 -1.19 43.60
CA ILE A 285 -8.87 -0.56 42.87
C ILE A 285 -7.59 -0.56 43.69
N GLU A 286 -7.69 -0.21 44.98
CA GLU A 286 -6.51 -0.20 45.84
C GLU A 286 -5.91 -1.59 45.97
N HIS A 287 -6.76 -2.62 46.11
CA HIS A 287 -6.27 -3.98 46.18
C HIS A 287 -5.57 -4.39 44.90
N LEU A 288 -6.12 -3.99 43.74
CA LEU A 288 -5.47 -4.28 42.47
C LEU A 288 -4.11 -3.61 42.37
N ILE A 289 -4.02 -2.35 42.80
CA ILE A 289 -2.74 -1.64 42.76
C ILE A 289 -1.74 -2.32 43.70
N TYR A 290 -2.20 -2.77 44.86
CA TYR A 290 -1.32 -3.48 45.79
C TYR A 290 -0.81 -4.78 45.18
N GLN A 291 -1.68 -5.53 44.51
CA GLN A 291 -1.26 -6.80 43.90
C GLN A 291 -0.36 -6.58 42.69
N PHE A 292 -0.54 -5.46 41.98
CA PHE A 292 0.20 -5.24 40.74
C PHE A 292 1.70 -5.13 40.99
N LYS A 293 2.10 -4.40 42.03
CA LYS A 293 3.50 -4.16 42.32
C LYS A 293 4.20 -5.36 42.95
N ARG A 294 3.53 -6.51 43.02
CA ARG A 294 4.12 -7.70 43.62
C ARG A 294 3.82 -8.97 42.83
N ALA A 295 3.56 -8.86 41.53
CA ALA A 295 3.10 -10.00 40.76
C ALA A 295 4.26 -10.86 40.25
N SER A 296 5.27 -10.24 39.67
CA SER A 296 6.38 -10.92 39.05
C SER A 296 7.69 -10.31 39.50
N PRO A 297 8.81 -11.02 39.36
CA PRO A 297 10.10 -10.44 39.77
C PRO A 297 10.42 -9.12 39.08
N ILE A 298 10.09 -8.99 37.79
CA ILE A 298 10.33 -7.73 37.09
C ILE A 298 9.49 -6.63 37.68
N LEU A 299 8.20 -6.90 37.93
CA LEU A 299 7.31 -5.90 38.51
C LEU A 299 7.76 -5.53 39.93
N ARG A 300 8.18 -6.52 40.71
CA ARG A 300 8.68 -6.23 42.05
C ARG A 300 9.92 -5.35 42.00
N PHE A 301 10.82 -5.61 41.05
CA PHE A 301 12.01 -4.79 40.92
C PHE A 301 11.68 -3.37 40.48
N LEU A 302 10.68 -3.23 39.60
CA LEU A 302 10.36 -1.91 39.06
C LEU A 302 9.80 -0.97 40.13
N TYR A 303 9.15 -1.51 41.15
CA TYR A 303 8.50 -0.71 42.18
C TYR A 303 9.05 -1.01 43.56
N ALA A 304 10.37 -1.12 43.67
CA ALA A 304 11.03 -1.40 44.93
C ALA A 304 11.79 -0.16 45.42
N ASN A 305 12.11 -0.17 46.71
CA ASN A 305 12.87 0.91 47.33
C ASN A 305 14.35 0.58 47.23
N ILE A 306 15.07 1.31 46.38
CA ILE A 306 16.49 1.10 46.17
C ILE A 306 17.20 2.44 46.35
N GLY A 307 18.27 2.43 47.15
CA GLY A 307 19.03 3.63 47.40
C GLY A 307 19.14 3.97 48.88
N HIS A 315 28.70 10.89 43.30
CA HIS A 315 29.65 11.71 42.56
C HIS A 315 30.74 10.85 41.93
N HIS A 316 31.11 9.77 42.61
CA HIS A 316 32.15 8.88 42.10
C HIS A 316 31.66 8.05 40.91
N THR A 317 30.34 7.85 40.78
CA THR A 317 29.82 7.11 39.64
C THR A 317 30.10 7.83 38.34
N ILE A 318 29.95 9.16 38.33
CA ILE A 318 30.26 9.93 37.13
C ILE A 318 31.76 9.89 36.84
N LYS A 319 32.58 9.89 37.89
CA LYS A 319 34.03 9.87 37.72
C LYS A 319 34.47 8.56 37.08
N GLU A 320 35.59 8.62 36.36
CA GLU A 320 36.14 7.48 35.66
C GLU A 320 37.47 7.08 36.28
N CYS A 321 37.69 5.77 36.39
CA CYS A 321 38.88 5.20 37.01
C CYS A 321 39.71 4.46 35.96
N GLN A 322 40.82 3.88 36.42
CA GLN A 322 41.72 3.19 35.50
C GLN A 322 41.16 1.86 35.06
N MET A 323 40.26 1.25 35.85
CA MET A 323 39.73 -0.06 35.50
C MET A 323 38.92 0.00 34.20
N GLN A 324 38.07 1.02 34.06
CA GLN A 324 37.27 1.14 32.84
C GLN A 324 38.16 1.40 31.63
N TYR A 325 39.14 2.28 31.77
CA TYR A 325 40.04 2.58 30.66
C TYR A 325 40.79 1.33 30.22
N TRP A 326 41.33 0.57 31.20
CA TRP A 326 42.05 -0.65 30.87
C TRP A 326 41.14 -1.68 30.22
N ARG A 327 39.90 -1.81 30.72
CA ARG A 327 38.98 -2.76 30.12
C ARG A 327 38.66 -2.39 28.67
N SER A 328 38.41 -1.11 28.41
CA SER A 328 38.13 -0.68 27.04
C SER A 328 39.33 -0.91 26.13
N PHE A 329 40.53 -0.56 26.61
CA PHE A 329 41.72 -0.75 25.79
C PHE A 329 41.96 -2.22 25.49
N LEU A 330 41.78 -3.08 26.50
CA LEU A 330 42.02 -4.51 26.29
C LEU A 330 40.96 -5.11 25.37
N ASN A 331 39.71 -4.64 25.47
CA ASN A 331 38.69 -5.09 24.52
C ASN A 331 39.05 -4.72 23.09
N LYS A 332 39.47 -3.47 22.89
CA LYS A 332 39.84 -3.03 21.54
C LYS A 332 41.05 -3.82 21.02
N VAL A 333 42.02 -4.10 21.89
CA VAL A 333 43.19 -4.87 21.47
C VAL A 333 42.79 -6.31 21.12
N LYS A 334 41.97 -6.94 21.97
CA LYS A 334 41.52 -8.31 21.72
C LYS A 334 40.71 -8.39 20.44
N SER A 335 40.04 -7.29 20.05
CA SER A 335 39.34 -7.28 18.77
C SER A 335 40.27 -7.57 17.61
N LEU A 336 41.57 -7.25 17.74
CA LEU A 336 42.52 -7.52 16.67
C LEU A 336 42.80 -9.00 16.51
N ARG A 337 42.51 -9.82 17.52
CA ARG A 337 42.61 -11.28 17.46
C ARG A 337 44.05 -11.71 17.11
N ILE A 338 44.94 -11.45 18.06
CA ILE A 338 46.32 -11.92 17.95
C ILE A 338 46.35 -13.45 17.86
N LEU A 339 45.45 -14.12 18.59
CA LEU A 339 45.21 -15.56 18.51
C LEU A 339 46.48 -16.39 18.67
N ASN A 340 47.44 -15.88 19.43
CA ASN A 340 48.61 -16.69 19.78
C ASN A 340 48.21 -17.85 20.67
N THR A 341 47.49 -17.56 21.75
CA THR A 341 46.87 -18.58 22.60
C THR A 341 45.80 -17.89 23.42
N ARG A 342 44.56 -18.36 23.30
CA ARG A 342 43.44 -17.67 23.93
C ARG A 342 43.54 -17.72 25.45
N ARG A 343 43.95 -18.87 26.01
CA ARG A 343 43.98 -19.03 27.46
C ARG A 343 44.96 -18.03 28.09
N LYS A 344 46.19 -17.99 27.59
CA LYS A 344 47.19 -17.11 28.19
C LYS A 344 46.85 -15.64 27.94
N LEU A 345 46.26 -15.32 26.78
CA LEU A 345 45.87 -13.94 26.52
C LEU A 345 44.77 -13.50 27.49
N LEU A 346 43.79 -14.36 27.74
CA LEU A 346 42.76 -14.04 28.71
C LEU A 346 43.34 -13.89 30.11
N LEU A 347 44.30 -14.76 30.46
CA LEU A 347 44.94 -14.64 31.77
C LEU A 347 45.68 -13.33 31.91
N ILE A 348 46.40 -12.92 30.87
CA ILE A 348 47.13 -11.65 30.92
C ILE A 348 46.16 -10.48 31.03
N PHE A 349 45.06 -10.52 30.28
CA PHE A 349 44.07 -9.45 30.38
C PHE A 349 43.46 -9.38 31.78
N ASP A 350 43.14 -10.54 32.36
CA ASP A 350 42.60 -10.56 33.71
C ASP A 350 43.60 -10.01 34.71
N ALA A 351 44.89 -10.37 34.56
CA ALA A 351 45.91 -9.86 35.46
C ALA A 351 46.04 -8.34 35.36
N LEU A 352 46.02 -7.81 34.13
CA LEU A 352 46.12 -6.37 33.97
C LEU A 352 44.91 -5.65 34.56
N ILE A 353 43.71 -6.20 34.36
CA ILE A 353 42.51 -5.59 34.92
C ILE A 353 42.56 -5.63 36.45
N LEU A 354 43.02 -6.75 37.01
CA LEU A 354 43.15 -6.86 38.46
C LEU A 354 44.17 -5.85 39.00
N LEU A 355 45.28 -5.67 38.30
CA LEU A 355 46.27 -4.69 38.72
C LEU A 355 45.70 -3.28 38.69
N ALA A 356 44.94 -2.94 37.65
CA ALA A 356 44.32 -1.62 37.58
C ALA A 356 43.33 -1.43 38.72
N SER A 357 42.52 -2.46 39.02
CA SER A 357 41.56 -2.35 40.11
C SER A 357 42.27 -2.19 41.45
N ILE A 358 43.36 -2.93 41.65
CA ILE A 358 44.13 -2.80 42.89
C ILE A 358 44.70 -1.39 43.01
N HIS A 359 45.21 -0.85 41.92
CA HIS A 359 45.74 0.52 41.96
C HIS A 359 44.64 1.53 42.30
N ASP A 360 43.47 1.38 41.69
CA ASP A 360 42.36 2.29 41.99
C ASP A 360 41.93 2.20 43.44
N GLN A 361 41.82 0.97 43.97
CA GLN A 361 41.43 0.80 45.36
C GLN A 361 42.47 1.37 46.32
N THR A 362 43.75 1.17 46.01
CA THR A 362 44.81 1.73 46.85
C THR A 362 44.78 3.25 46.81
N ARG A 363 44.49 3.84 45.66
CA ARG A 363 44.50 5.29 45.54
C ARG A 363 43.30 5.91 46.23
N HIS A 364 42.08 5.58 45.79
CA HIS A 364 40.89 6.26 46.28
C HIS A 364 39.79 5.33 46.77
N LYS A 365 40.09 4.03 46.96
CA LYS A 365 39.15 3.07 47.53
C LYS A 365 37.86 3.01 46.71
N CYS A 366 38.01 2.58 45.46
CA CYS A 366 36.87 2.43 44.56
C CYS A 366 36.28 1.03 44.68
N SER A 367 34.96 0.94 44.48
CA SER A 367 34.25 -0.33 44.60
C SER A 367 33.56 -0.73 43.29
N LYS A 368 34.01 -0.18 42.17
CA LYS A 368 33.42 -0.49 40.87
C LYS A 368 34.11 -1.70 40.25
N GLY A 369 33.35 -2.42 39.41
CA GLY A 369 33.88 -3.57 38.71
C GLY A 369 33.95 -4.84 39.53
N TRP A 370 33.50 -4.81 40.79
CA TRP A 370 33.55 -5.96 41.67
C TRP A 370 32.14 -6.34 42.11
N LEU A 371 31.87 -7.65 42.14
CA LEU A 371 30.60 -8.18 42.62
C LEU A 371 30.95 -9.26 43.64
N GLY A 372 31.13 -8.84 44.90
CA GLY A 372 31.54 -9.75 45.94
C GLY A 372 32.96 -10.22 45.79
N SER A 373 33.15 -11.50 45.50
CA SER A 373 34.47 -12.09 45.32
C SER A 373 34.84 -12.28 43.85
N CYS A 374 34.07 -11.69 42.93
CA CYS A 374 34.32 -11.83 41.50
C CYS A 374 34.42 -10.45 40.86
N PHE A 375 35.16 -10.38 39.75
CA PHE A 375 35.35 -9.14 39.03
C PHE A 375 35.12 -9.37 37.54
N ILE A 376 34.85 -8.28 36.83
CA ILE A 376 34.52 -8.33 35.41
C ILE A 376 35.81 -8.37 34.60
N SER A 377 35.90 -9.33 33.69
CA SER A 377 37.07 -9.50 32.85
C SER A 377 36.88 -8.72 31.55
N VAL A 378 37.73 -8.95 30.55
CA VAL A 378 37.70 -8.15 29.34
C VAL A 378 36.45 -8.44 28.51
N ASN A 379 36.16 -9.72 28.24
CA ASN A 379 35.11 -10.08 27.30
C ASN A 379 33.77 -10.30 28.01
N ASP A 380 33.35 -9.29 28.78
CA ASP A 380 32.08 -9.34 29.52
C ASP A 380 32.00 -10.57 30.41
N ARG A 381 33.15 -11.00 30.94
CA ARG A 381 33.22 -12.21 31.76
C ARG A 381 33.37 -11.83 33.23
N LEU A 382 32.46 -12.35 34.05
CA LEU A 382 32.58 -12.26 35.50
C LEU A 382 33.30 -13.50 35.99
N VAL A 383 34.51 -13.31 36.54
CA VAL A 383 35.37 -14.40 36.96
C VAL A 383 35.86 -14.16 38.38
N SER A 384 36.20 -15.24 39.07
CA SER A 384 36.67 -15.17 40.45
C SER A 384 38.18 -15.01 40.51
N LEU A 385 38.65 -14.37 41.58
CA LEU A 385 40.07 -14.08 41.72
C LEU A 385 40.88 -15.31 42.12
N GLU A 386 40.27 -16.26 42.82
CA GLU A 386 41.01 -17.44 43.28
C GLU A 386 41.54 -18.24 42.10
N SER A 387 40.67 -18.56 41.15
CA SER A 387 41.09 -19.31 39.97
C SER A 387 42.13 -18.53 39.18
N THR A 388 41.94 -17.21 39.06
CA THR A 388 42.89 -16.39 38.31
C THR A 388 44.28 -16.46 38.94
N LYS A 389 44.37 -16.26 40.26
CA LYS A 389 45.68 -16.28 40.91
C LYS A 389 46.30 -17.67 40.87
N ARG A 390 45.49 -18.72 41.03
CA ARG A 390 46.02 -20.08 40.96
C ARG A 390 46.59 -20.38 39.57
N ASP A 391 45.84 -20.04 38.53
CA ASP A 391 46.31 -20.29 37.17
C ASP A 391 47.56 -19.47 36.85
N LEU A 392 47.58 -18.21 37.28
CA LEU A 392 48.76 -17.37 37.02
C LEU A 392 49.99 -17.92 37.73
N GLU A 393 49.83 -18.33 39.00
CA GLU A 393 50.95 -18.90 39.74
C GLU A 393 51.44 -20.18 39.07
N LYS A 394 50.53 -21.04 38.66
CA LYS A 394 50.93 -22.29 38.01
C LYS A 394 51.68 -22.01 36.71
N TRP A 395 51.16 -21.08 35.90
CA TRP A 395 51.82 -20.78 34.63
C TRP A 395 53.19 -20.16 34.84
N VAL A 396 53.32 -19.23 35.78
CA VAL A 396 54.60 -18.59 36.04
C VAL A 396 55.60 -19.61 36.57
N GLY A 397 55.17 -20.49 37.48
CA GLY A 397 56.07 -21.52 37.98
C GLY A 397 56.52 -22.48 36.90
N ARG A 398 55.59 -22.89 36.03
CA ARG A 398 55.96 -23.79 34.94
C ARG A 398 56.94 -23.13 33.99
N ARG A 399 56.71 -21.86 33.65
CA ARG A 399 57.63 -21.15 32.76
C ARG A 399 59.00 -20.98 33.40
N GLN A 400 59.03 -20.66 34.69
CA GLN A 400 60.31 -20.49 35.38
C GLN A 400 61.09 -21.79 35.47
N GLN A 401 60.40 -22.90 35.74
CA GLN A 401 61.08 -24.18 35.83
C GLN A 401 61.38 -24.80 34.47
N SER A 402 60.77 -24.29 33.40
CA SER A 402 61.09 -24.78 32.06
C SER A 402 62.15 -23.95 31.35
N GLU A 403 62.29 -22.66 31.71
CA GLU A 403 63.28 -21.83 31.06
C GLU A 403 64.70 -22.19 31.47
N ARG A 404 64.88 -22.91 32.58
CA ARG A 404 66.20 -23.28 33.05
C ARG A 404 66.85 -24.32 32.13
N PRO A 410 67.00 -18.64 37.47
CA PRO A 410 67.45 -17.60 38.41
C PRO A 410 66.53 -16.37 38.51
N PRO A 411 65.99 -15.83 37.41
CA PRO A 411 65.05 -14.72 37.54
C PRO A 411 63.81 -15.12 38.35
N ASP A 412 63.31 -14.18 39.14
CA ASP A 412 62.15 -14.44 39.98
C ASP A 412 60.87 -14.21 39.19
N LYS A 413 59.72 -14.37 39.86
CA LYS A 413 58.44 -14.34 39.18
C LYS A 413 58.03 -12.92 38.79
N ASN A 414 58.37 -11.94 39.63
CA ASN A 414 57.99 -10.55 39.34
C ASN A 414 58.63 -10.07 38.04
N GLN A 415 59.92 -10.37 37.85
CA GLN A 415 60.63 -9.88 36.67
C GLN A 415 60.05 -10.49 35.39
N ILE A 416 59.81 -11.80 35.38
CA ILE A 416 59.29 -12.43 34.18
C ILE A 416 57.86 -11.98 33.91
N LEU A 417 57.06 -11.80 34.96
CA LEU A 417 55.70 -11.30 34.77
C LEU A 417 55.71 -9.90 34.18
N ILE A 418 56.59 -9.03 34.68
CA ILE A 418 56.68 -7.67 34.16
C ILE A 418 57.17 -7.69 32.71
N SER A 419 58.12 -8.58 32.41
CA SER A 419 58.61 -8.67 31.03
C SER A 419 57.50 -9.10 30.08
N MET A 420 56.70 -10.10 30.47
CA MET A 420 55.59 -10.53 29.63
C MET A 420 54.56 -9.42 29.45
N PHE A 421 54.26 -8.71 30.54
CA PHE A 421 53.30 -7.59 30.44
C PHE A 421 53.81 -6.53 29.49
N GLN A 422 55.09 -6.15 29.61
CA GLN A 422 55.65 -5.12 28.75
C GLN A 422 55.66 -5.56 27.30
N LYS A 423 56.03 -6.82 27.04
CA LYS A 423 56.02 -7.33 25.66
C LYS A 423 54.62 -7.29 25.08
N THR A 424 53.62 -7.73 25.84
CA THR A 424 52.25 -7.73 25.34
C THR A 424 51.76 -6.31 25.09
N ILE A 425 52.05 -5.38 25.99
CA ILE A 425 51.61 -4.00 25.82
C ILE A 425 52.28 -3.37 24.60
N LEU A 426 53.59 -3.64 24.42
CA LEU A 426 54.30 -3.10 23.27
C LEU A 426 53.72 -3.64 21.97
N LYS A 427 53.44 -4.95 21.92
CA LYS A 427 52.87 -5.54 20.71
C LYS A 427 51.49 -4.96 20.43
N ALA A 428 50.67 -4.79 21.47
CA ALA A 428 49.35 -4.20 21.29
C ALA A 428 49.43 -2.77 20.79
N THR A 429 50.35 -1.98 21.35
CA THR A 429 50.52 -0.60 20.90
C THR A 429 50.99 -0.55 19.45
N ALA A 430 51.90 -1.45 19.07
CA ALA A 430 52.36 -1.49 17.69
C ALA A 430 51.22 -1.86 16.74
N ALA A 431 50.39 -2.83 17.14
CA ALA A 431 49.31 -3.29 16.27
C ALA A 431 48.14 -2.31 16.23
N LEU A 432 48.00 -1.45 17.23
CA LEU A 432 46.89 -0.50 17.27
C LEU A 432 47.24 0.88 16.74
N LYS A 433 48.47 1.34 16.94
CA LYS A 433 48.87 2.67 16.51
C LYS A 433 48.89 2.82 14.99
N ASP A 434 48.99 1.71 14.26
CA ASP A 434 49.20 1.80 12.82
C ASP A 434 48.01 2.39 12.08
N VAL A 435 46.79 2.09 12.52
CA VAL A 435 45.62 2.42 11.69
C VAL A 435 45.23 3.88 11.84
N GLY A 436 44.71 4.26 13.02
CA GLY A 436 44.37 5.66 13.21
C GLY A 436 44.43 6.21 14.62
N ILE A 437 44.87 5.41 15.59
CA ILE A 437 44.76 5.80 16.99
C ILE A 437 45.91 5.21 17.78
N SER A 438 46.49 6.01 18.65
CA SER A 438 47.54 5.57 19.56
C SER A 438 46.92 5.23 20.92
N VAL A 439 47.80 4.88 21.87
CA VAL A 439 47.33 4.56 23.22
C VAL A 439 46.89 5.78 24.01
N GLU A 440 47.20 6.98 23.53
CA GLU A 440 46.81 8.19 24.25
C GLU A 440 45.32 8.46 24.16
N HIS A 441 44.63 7.86 23.18
CA HIS A 441 43.18 8.02 23.11
C HIS A 441 42.50 7.45 24.34
N TYR A 442 42.93 6.27 24.78
CA TYR A 442 42.46 5.69 26.03
C TYR A 442 43.37 6.19 27.16
N LYS A 443 42.82 7.04 28.02
CA LYS A 443 43.65 7.69 29.04
C LYS A 443 44.04 6.72 30.13
N ILE A 444 44.84 5.72 29.78
CA ILE A 444 45.33 4.74 30.73
C ILE A 444 46.61 5.27 31.37
N ASN A 445 47.01 4.64 32.47
CA ASN A 445 48.24 4.99 33.18
C ASN A 445 49.10 3.76 33.32
N MET A 446 50.39 3.89 32.97
CA MET A 446 51.32 2.78 33.04
C MET A 446 51.86 2.55 34.45
N GLU A 447 51.51 3.42 35.41
CA GLU A 447 51.95 3.25 36.78
C GLU A 447 51.40 1.99 37.42
N VAL A 448 50.30 1.44 36.88
CA VAL A 448 49.71 0.24 37.43
C VAL A 448 50.66 -0.95 37.34
N ILE A 449 51.63 -0.91 36.43
CA ILE A 449 52.65 -1.95 36.34
C ILE A 449 53.66 -1.72 37.45
N CYS A 450 53.50 -2.42 38.56
CA CYS A 450 54.33 -2.27 39.74
C CYS A 450 55.52 -3.23 39.69
N PRO A 451 56.65 -2.86 40.30
CA PRO A 451 57.79 -3.78 40.35
C PRO A 451 57.48 -5.08 41.07
N ASP A 452 56.50 -5.09 41.98
CA ASP A 452 56.14 -6.29 42.71
C ASP A 452 54.69 -6.67 42.41
N SER A 453 54.31 -6.62 41.13
CA SER A 453 52.93 -6.88 40.76
C SER A 453 52.50 -8.30 41.12
N TYR A 454 53.39 -9.28 40.88
CA TYR A 454 53.06 -10.67 41.19
C TYR A 454 52.77 -10.84 42.68
N ASP A 455 53.67 -10.33 43.53
CA ASP A 455 53.43 -10.40 44.97
C ASP A 455 52.25 -9.54 45.38
N LEU A 456 52.01 -8.44 44.66
CA LEU A 456 50.88 -7.56 44.99
C LEU A 456 49.55 -8.26 44.77
N ILE A 457 49.45 -9.08 43.71
CA ILE A 457 48.20 -9.77 43.43
C ILE A 457 48.15 -11.18 44.00
N LEU A 458 49.27 -11.68 44.54
CA LEU A 458 49.27 -13.02 45.12
C LEU A 458 48.69 -13.06 46.53
N ASN A 459 48.79 -11.97 47.28
CA ASN A 459 48.28 -11.90 48.65
C ASN A 459 47.01 -11.07 48.75
N PHE A 460 46.40 -10.70 47.63
CA PHE A 460 45.23 -9.83 47.62
C PHE A 460 43.97 -10.66 47.77
N ASP A 461 43.15 -10.30 48.77
CA ASP A 461 41.90 -10.99 49.04
C ASP A 461 40.80 -9.98 49.31
N VAL A 462 39.60 -10.27 48.82
CA VAL A 462 38.44 -9.40 48.98
C VAL A 462 37.26 -10.25 49.43
N SER A 463 36.50 -9.74 50.40
CA SER A 463 35.35 -10.44 50.95
C SER A 463 34.06 -9.74 50.53
N GLY A 464 33.00 -10.52 50.37
CA GLY A 464 31.72 -9.96 49.98
C GLY A 464 30.70 -11.06 49.74
N VAL A 465 29.59 -10.67 49.13
CA VAL A 465 28.50 -11.58 48.83
C VAL A 465 28.91 -12.50 47.70
N VAL A 466 28.14 -13.57 47.49
CA VAL A 466 28.40 -14.56 46.45
C VAL A 466 27.31 -14.42 45.39
N PRO A 467 27.64 -14.09 44.14
CA PRO A 467 26.61 -14.03 43.10
C PRO A 467 25.98 -15.40 42.87
N THR A 468 24.68 -15.40 42.59
CA THR A 468 23.93 -16.62 42.44
C THR A 468 22.87 -16.45 41.36
N ILE A 469 22.36 -17.58 40.87
CA ILE A 469 21.25 -17.64 39.94
C ILE A 469 20.26 -18.68 40.43
N SER A 470 18.99 -18.32 40.49
CA SER A 470 17.92 -19.23 40.90
C SER A 470 17.19 -19.70 39.65
N TYR A 471 17.16 -21.02 39.45
CA TYR A 471 16.53 -21.63 38.28
C TYR A 471 15.10 -22.10 38.54
N GLN A 472 14.59 -21.97 39.76
CA GLN A 472 13.25 -22.41 40.09
C GLN A 472 12.53 -21.35 40.90
N ARG A 473 11.20 -21.34 40.79
CA ARG A 473 10.39 -20.36 41.49
C ARG A 473 10.38 -20.64 42.99
N THR A 474 10.56 -19.58 43.78
CA THR A 474 10.58 -19.70 45.23
C THR A 474 9.61 -18.71 45.86
N GLU A 475 9.65 -18.58 47.19
CA GLU A 475 8.75 -17.68 47.88
C GLU A 475 9.18 -16.22 47.68
N ASP A 476 8.26 -15.32 47.99
CA ASP A 476 8.49 -13.88 47.86
C ASP A 476 9.06 -13.26 49.14
N GLU A 477 9.29 -14.05 50.17
CA GLU A 477 9.82 -13.52 51.43
C GLU A 477 11.29 -13.15 51.33
N LYS A 478 11.97 -13.57 50.26
CA LYS A 478 13.41 -13.38 50.12
C LYS A 478 13.76 -12.07 49.42
N PHE A 479 12.79 -11.24 49.08
CA PHE A 479 13.09 -9.98 48.41
C PHE A 479 13.74 -9.02 49.41
N PRO A 480 14.93 -8.48 49.13
CA PRO A 480 15.65 -7.69 50.13
C PRO A 480 15.27 -6.22 50.16
N PHE A 481 14.17 -5.84 49.52
CA PHE A 481 13.75 -4.44 49.48
C PHE A 481 12.25 -4.34 49.73
N ILE A 482 11.82 -3.14 50.13
CA ILE A 482 10.40 -2.85 50.25
C ILE A 482 9.79 -2.77 48.85
N MET A 483 8.65 -3.44 48.65
CA MET A 483 8.12 -3.70 47.33
C MET A 483 7.06 -2.70 46.88
N GLY A 484 6.89 -1.59 47.57
CA GLY A 484 5.87 -0.64 47.18
C GLY A 484 6.25 0.82 47.27
N GLY A 485 7.56 1.12 47.21
CA GLY A 485 7.99 2.49 47.38
C GLY A 485 7.58 3.41 46.24
N VAL A 486 7.69 2.93 45.00
CA VAL A 486 7.49 3.79 43.84
C VAL A 486 6.01 3.99 43.57
N GLU A 487 5.64 5.21 43.22
CA GLU A 487 4.27 5.55 42.86
C GLU A 487 4.03 5.34 41.37
N LEU A 488 2.75 5.19 41.01
CA LEU A 488 2.38 5.00 39.61
C LEU A 488 2.32 6.31 38.83
N LEU A 489 2.26 7.45 39.51
CA LEU A 489 2.17 8.73 38.81
C LEU A 489 3.52 9.15 38.22
N GLU A 490 4.62 8.73 38.82
CA GLU A 490 5.94 9.10 38.35
C GLU A 490 6.38 8.20 37.20
N SER A 491 7.51 8.56 36.58
CA SER A 491 8.06 7.83 35.46
C SER A 491 9.29 7.02 35.84
N THR A 492 9.51 6.78 37.13
CA THR A 492 10.66 6.01 37.57
C THR A 492 10.60 4.57 37.06
N ASP A 493 9.41 3.97 37.11
CA ASP A 493 9.25 2.59 36.67
C ASP A 493 9.57 2.44 35.19
N LEU A 494 9.14 3.40 34.38
CA LEU A 494 9.42 3.34 32.94
C LEU A 494 10.92 3.43 32.68
N GLU A 495 11.63 4.29 33.42
CA GLU A 495 13.06 4.43 33.23
C GLU A 495 13.80 3.16 33.65
N ARG A 496 13.38 2.56 34.77
CA ARG A 496 13.99 1.29 35.18
C ARG A 496 13.73 0.20 34.16
N LEU A 497 12.51 0.15 33.61
CA LEU A 497 12.21 -0.82 32.56
C LEU A 497 13.06 -0.57 31.32
N SER A 498 13.28 0.69 30.97
CA SER A 498 14.11 1.01 29.82
C SER A 498 15.54 0.52 30.02
N SER A 499 16.11 0.78 31.20
CA SER A 499 17.47 0.32 31.48
C SER A 499 17.55 -1.20 31.45
N LEU A 500 16.59 -1.89 32.06
CA LEU A 500 16.59 -3.34 32.06
C LEU A 500 16.46 -3.90 30.66
N SER A 501 15.59 -3.30 29.83
CA SER A 501 15.41 -3.76 28.46
C SER A 501 16.67 -3.54 27.63
N LEU A 502 17.35 -2.41 27.83
CA LEU A 502 18.60 -2.18 27.13
C LEU A 502 19.65 -3.21 27.53
N ALA A 503 19.71 -3.55 28.82
CA ALA A 503 20.64 -4.60 29.25
C ALA A 503 20.30 -5.93 28.62
N LEU A 504 19.00 -6.28 28.56
CA LEU A 504 18.58 -7.53 27.96
C LEU A 504 18.95 -7.58 26.49
N VAL A 505 18.74 -6.49 25.76
CA VAL A 505 19.08 -6.46 24.35
C VAL A 505 20.59 -6.57 24.13
N ASN A 506 21.37 -5.83 24.93
CA ASN A 506 22.82 -5.93 24.83
C ASN A 506 23.34 -7.30 25.21
N SER A 507 22.58 -8.07 25.98
CA SER A 507 23.02 -9.42 26.34
C SER A 507 23.11 -10.35 25.13
N MET A 508 22.53 -10.00 23.99
CA MET A 508 22.53 -10.88 22.82
C MET A 508 23.83 -10.82 22.03
N LYS A 509 24.57 -9.72 22.11
CA LYS A 509 25.75 -9.52 21.26
C LYS A 509 27.02 -10.07 21.86
N THR A 510 26.96 -10.73 23.01
CA THR A 510 28.14 -11.32 23.61
C THR A 510 28.63 -12.49 22.77
N SER A 511 29.84 -12.39 22.24
CA SER A 511 30.41 -13.44 21.42
C SER A 511 30.70 -14.69 22.26
N SER A 512 30.42 -15.85 21.70
CA SER A 512 30.61 -17.12 22.40
C SER A 512 32.11 -17.41 22.51
N THR A 513 32.68 -17.11 23.67
CA THR A 513 34.10 -17.36 23.91
C THR A 513 34.28 -18.83 24.33
N VAL A 514 35.47 -19.16 24.84
CA VAL A 514 35.73 -20.52 25.31
C VAL A 514 34.73 -20.89 26.40
N LYS A 515 34.27 -22.14 26.37
CA LYS A 515 33.24 -22.58 27.29
C LYS A 515 33.69 -22.45 28.73
N LEU A 516 32.79 -21.96 29.58
CA LEU A 516 33.11 -21.71 30.98
C LEU A 516 33.18 -23.03 31.76
N ARG A 517 33.76 -22.94 32.95
CA ARG A 517 33.87 -24.10 33.83
C ARG A 517 32.52 -24.41 34.47
N GLN A 518 32.36 -25.67 34.87
CA GLN A 518 31.10 -26.11 35.46
C GLN A 518 30.98 -25.60 36.89
N ASN A 519 29.95 -24.79 37.15
CA ASN A 519 29.74 -24.26 38.49
C ASN A 519 29.16 -25.30 39.43
N GLU A 520 28.28 -26.17 38.92
CA GLU A 520 27.60 -27.16 39.73
C GLU A 520 27.65 -28.51 39.04
N PHE A 521 27.16 -29.54 39.75
CA PHE A 521 27.09 -30.89 39.23
C PHE A 521 25.74 -31.50 39.57
N GLY A 522 25.18 -32.26 38.63
CA GLY A 522 23.94 -32.96 38.84
C GLY A 522 22.74 -32.05 38.95
N PRO A 523 21.72 -32.48 39.69
CA PRO A 523 20.48 -31.68 39.79
C PRO A 523 20.71 -30.29 40.35
N ALA A 524 21.77 -30.09 41.15
CA ALA A 524 22.06 -28.78 41.69
C ALA A 524 22.37 -27.76 40.59
N ARG A 525 22.64 -28.21 39.37
CA ARG A 525 22.81 -27.30 38.24
C ARG A 525 21.53 -26.56 37.88
N TYR A 526 20.37 -27.00 38.39
CA TYR A 526 19.11 -26.35 38.04
C TYR A 526 18.27 -25.99 39.27
N GLN A 527 18.90 -25.83 40.44
CA GLN A 527 18.18 -25.38 41.62
C GLN A 527 18.66 -24.02 42.09
N VAL A 528 19.94 -23.90 42.44
CA VAL A 528 20.58 -22.64 42.82
C VAL A 528 22.05 -22.77 42.45
N VAL A 529 22.55 -21.86 41.63
CA VAL A 529 23.91 -21.95 41.12
C VAL A 529 24.71 -20.77 41.65
N ARG A 530 25.80 -21.07 42.36
CA ARG A 530 26.76 -20.05 42.77
C ARG A 530 27.68 -19.74 41.61
N CYS A 531 27.65 -18.50 41.14
CA CYS A 531 28.34 -18.14 39.90
C CYS A 531 29.80 -17.85 40.18
N LYS A 532 30.69 -18.74 39.74
CA LYS A 532 32.11 -18.48 39.75
C LYS A 532 32.58 -17.86 38.43
N GLU A 533 32.04 -18.33 37.31
CA GLU A 533 32.29 -17.75 36.00
C GLU A 533 30.96 -17.60 35.28
N ALA A 534 30.72 -16.40 34.73
CA ALA A 534 29.47 -16.13 34.03
C ALA A 534 29.67 -14.92 33.13
N TYR A 535 28.57 -14.46 32.51
CA TYR A 535 28.60 -13.24 31.73
C TYR A 535 27.67 -12.22 32.38
N CYS A 536 28.04 -10.94 32.28
CA CYS A 536 27.30 -9.92 32.97
C CYS A 536 27.25 -8.64 32.15
N GLN A 537 26.11 -7.95 32.24
CA GLN A 537 25.94 -6.60 31.74
C GLN A 537 25.73 -5.66 32.92
N GLU A 538 26.10 -4.39 32.76
CA GLU A 538 26.05 -3.42 33.84
C GLU A 538 25.09 -2.30 33.49
N PHE A 539 24.22 -1.95 34.45
CA PHE A 539 23.35 -0.80 34.28
C PHE A 539 23.19 -0.10 35.63
N LEU A 540 23.06 1.23 35.58
CA LEU A 540 22.99 2.07 36.77
C LEU A 540 21.59 2.65 36.91
N LEU A 541 21.04 2.57 38.11
CA LEU A 541 19.71 3.10 38.40
C LEU A 541 19.77 3.90 39.70
N SER A 542 19.47 5.19 39.62
CA SER A 542 19.41 6.08 40.78
C SER A 542 20.70 6.06 41.58
N GLY A 543 21.83 6.05 40.87
CA GLY A 543 23.13 6.09 41.49
C GLY A 543 23.73 4.75 41.85
N ALA A 544 22.92 3.69 41.89
CA ALA A 544 23.43 2.37 42.20
C ALA A 544 24.03 1.72 40.96
N GLU A 545 24.47 0.46 41.11
CA GLU A 545 25.06 -0.27 40.00
C GLU A 545 24.62 -1.72 40.09
N PHE A 546 23.92 -2.19 39.06
CA PHE A 546 23.38 -3.54 39.02
C PHE A 546 23.96 -4.31 37.86
N GLN A 547 24.10 -5.62 38.05
CA GLN A 547 24.62 -6.53 37.04
C GLN A 547 23.55 -7.53 36.65
N LEU A 548 23.31 -7.65 35.35
CA LEU A 548 22.48 -8.72 34.80
C LEU A 548 23.39 -9.89 34.45
N ILE A 549 23.16 -11.03 35.11
CA ILE A 549 24.05 -12.17 35.05
C ILE A 549 23.35 -13.30 34.30
N TYR A 550 24.09 -13.92 33.38
CA TYR A 550 23.60 -15.08 32.62
C TYR A 550 24.79 -15.99 32.33
N GLN A 551 24.48 -17.11 31.67
CA GLN A 551 25.49 -18.13 31.37
C GLN A 551 25.43 -18.64 29.94
N LYS A 552 24.48 -18.19 29.13
CA LYS A 552 24.29 -18.66 27.77
C LYS A 552 24.30 -17.49 26.80
N THR A 553 24.93 -17.69 25.66
CA THR A 553 24.98 -16.69 24.60
C THR A 553 23.97 -17.01 23.51
N GLY A 554 23.70 -16.02 22.68
CA GLY A 554 22.75 -16.16 21.60
C GLY A 554 21.45 -15.42 21.86
N GLU A 555 20.50 -15.64 20.96
CA GLU A 555 19.20 -14.98 21.01
C GLU A 555 18.10 -15.86 21.55
N CYS A 556 18.44 -17.04 22.07
CA CYS A 556 17.44 -17.96 22.58
C CYS A 556 16.91 -17.50 23.94
N SER A 557 15.79 -18.08 24.34
CA SER A 557 15.26 -17.82 25.67
C SER A 557 16.18 -18.40 26.73
N LYS A 558 16.38 -17.65 27.82
CA LYS A 558 17.32 -18.10 28.84
C LYS A 558 16.98 -17.44 30.17
N CYS A 559 17.68 -17.88 31.21
CA CYS A 559 17.46 -17.42 32.57
C CYS A 559 18.45 -16.31 32.91
N TYR A 560 17.94 -15.22 33.45
CA TYR A 560 18.74 -14.08 33.88
C TYR A 560 18.58 -13.88 35.38
N ALA A 561 19.59 -13.25 35.98
CA ALA A 561 19.52 -12.84 37.38
C ALA A 561 20.00 -11.41 37.51
N ILE A 562 19.52 -10.72 38.53
CA ILE A 562 19.91 -9.34 38.82
C ILE A 562 20.65 -9.33 40.14
N ASN A 563 21.88 -8.84 40.13
CA ASN A 563 22.73 -8.84 41.31
C ASN A 563 23.22 -7.43 41.59
N ASP A 564 23.53 -7.19 42.87
CA ASP A 564 24.12 -5.94 43.32
C ASP A 564 25.26 -6.27 44.28
N ASN A 565 26.20 -5.35 44.38
CA ASN A 565 27.37 -5.59 45.24
C ASN A 565 26.97 -5.60 46.71
N ARG A 566 26.00 -4.76 47.09
CA ARG A 566 25.54 -4.74 48.48
C ARG A 566 24.91 -6.07 48.87
N VAL A 567 23.94 -6.54 48.08
CA VAL A 567 23.30 -7.82 48.29
C VAL A 567 23.10 -8.49 46.93
N GLY A 568 23.46 -9.77 46.84
CA GLY A 568 23.30 -10.50 45.60
C GLY A 568 21.95 -11.15 45.47
N GLU A 569 21.64 -11.56 44.24
CA GLU A 569 20.40 -12.30 43.92
C GLU A 569 19.17 -11.50 44.34
N ILE A 570 19.01 -10.35 43.68
CA ILE A 570 17.80 -9.55 43.88
C ILE A 570 16.60 -10.28 43.31
N CYS A 571 16.70 -10.79 42.08
CA CYS A 571 15.60 -11.52 41.46
C CYS A 571 16.13 -12.25 40.22
N SER A 572 15.61 -13.46 40.00
CA SER A 572 15.93 -14.26 38.83
C SER A 572 14.64 -14.57 38.07
N PHE A 573 14.77 -14.71 36.75
CA PHE A 573 13.62 -14.98 35.91
C PHE A 573 14.08 -15.60 34.60
N TYR A 574 13.11 -15.92 33.75
CA TYR A 574 13.35 -16.38 32.38
C TYR A 574 12.84 -15.34 31.41
N ALA A 575 13.54 -15.19 30.29
CA ALA A 575 13.15 -14.19 29.31
C ALA A 575 13.69 -14.54 27.94
N ASP A 576 13.04 -13.97 26.92
CA ASP A 576 13.50 -14.01 25.54
C ASP A 576 14.03 -12.63 25.18
N PRO A 577 15.34 -12.46 25.00
CA PRO A 577 15.90 -11.11 24.90
C PRO A 577 15.41 -10.30 23.71
N LYS A 578 14.92 -10.95 22.65
CA LYS A 578 14.50 -10.24 21.44
C LYS A 578 13.03 -9.83 21.47
N ARG A 579 12.45 -9.65 22.65
CA ARG A 579 11.07 -9.20 22.78
C ARG A 579 10.94 -7.96 23.66
N TYR A 580 12.04 -7.33 24.04
CA TYR A 580 12.01 -6.21 24.98
C TYR A 580 12.58 -4.93 24.36
N PHE A 581 12.39 -4.75 23.06
CA PHE A 581 12.94 -3.58 22.38
C PHE A 581 12.15 -2.29 22.57
N PRO A 582 10.80 -2.30 22.47
CA PRO A 582 10.07 -1.01 22.45
C PRO A 582 10.26 -0.15 23.68
N ALA A 583 10.67 -0.72 24.81
CA ALA A 583 10.83 0.05 26.04
C ALA A 583 12.15 0.81 26.11
N ILE A 584 13.05 0.62 25.15
CA ILE A 584 14.37 1.22 25.21
C ILE A 584 14.27 2.70 24.87
N PHE A 585 14.81 3.54 25.76
CA PHE A 585 14.91 4.99 25.56
C PHE A 585 13.56 5.64 25.28
N SER A 586 12.47 5.00 25.66
CA SER A 586 11.11 5.52 25.44
C SER A 586 10.41 5.58 26.78
N ALA A 587 10.58 6.70 27.49
CA ALA A 587 9.89 6.95 28.74
C ALA A 587 8.99 8.17 28.67
N GLU A 588 9.39 9.20 27.94
CA GLU A 588 8.53 10.37 27.74
C GLU A 588 7.43 10.09 26.73
N VAL A 589 7.70 9.25 25.73
CA VAL A 589 6.70 8.94 24.70
C VAL A 589 5.49 8.26 25.32
N LEU A 590 5.74 7.23 26.14
CA LEU A 590 4.63 6.50 26.75
C LEU A 590 3.88 7.36 27.75
N GLN A 591 4.60 8.19 28.51
CA GLN A 591 3.93 9.10 29.44
C GLN A 591 3.02 10.07 28.71
N THR A 592 3.50 10.63 27.59
CA THR A 592 2.67 11.55 26.82
C THR A 592 1.48 10.83 26.19
N THR A 593 1.68 9.59 25.76
CA THR A 593 0.57 8.80 25.22
C THR A 593 -0.53 8.62 26.26
N VAL A 594 -0.15 8.21 27.47
CA VAL A 594 -1.11 8.02 28.54
C VAL A 594 -1.78 9.34 28.90
N SER A 595 -1.01 10.42 28.91
CA SER A 595 -1.58 11.73 29.24
C SER A 595 -2.62 12.16 28.22
N THR A 596 -2.35 11.96 26.93
CA THR A 596 -3.33 12.32 25.91
C THR A 596 -4.58 11.46 26.02
N MET A 597 -4.41 10.15 26.25
CA MET A 597 -5.57 9.28 26.38
C MET A 597 -6.43 9.68 27.58
N ILE A 598 -5.79 10.05 28.69
CA ILE A 598 -6.56 10.50 29.85
C ILE A 598 -7.25 11.82 29.57
N SER A 599 -6.55 12.76 28.92
CA SER A 599 -7.14 14.05 28.62
C SER A 599 -8.29 13.96 27.63
N TRP A 600 -8.37 12.86 26.88
CA TRP A 600 -9.53 12.68 25.99
C TRP A 600 -10.84 12.69 26.76
N VAL A 601 -10.89 12.04 27.91
CA VAL A 601 -12.11 11.95 28.71
C VAL A 601 -12.04 12.82 29.97
N LYS A 602 -11.22 13.88 29.94
CA LYS A 602 -11.01 14.69 31.12
C LYS A 602 -12.23 15.55 31.48
N ASP A 603 -13.07 15.88 30.51
CA ASP A 603 -14.17 16.82 30.72
C ASP A 603 -15.50 16.13 31.01
N CYS A 604 -15.50 14.82 31.22
CA CYS A 604 -16.73 14.13 31.57
C CYS A 604 -17.11 14.45 33.01
N SER A 605 -18.35 14.91 33.20
CA SER A 605 -18.76 15.36 34.53
C SER A 605 -18.92 14.21 35.51
N GLU A 606 -19.41 13.06 35.04
CA GLU A 606 -19.63 11.93 35.92
C GLU A 606 -18.34 11.19 36.28
N LEU A 607 -17.25 11.44 35.56
CA LEU A 607 -15.98 10.77 35.81
C LEU A 607 -14.98 11.66 36.54
N GLU A 608 -15.43 12.79 37.09
CA GLU A 608 -14.49 13.70 37.75
C GLU A 608 -13.89 13.11 39.01
N GLU A 609 -14.60 12.18 39.66
CA GLU A 609 -14.13 11.56 40.88
C GLU A 609 -13.36 10.27 40.64
N GLN A 610 -13.14 9.88 39.38
CA GLN A 610 -12.49 8.61 39.08
C GLN A 610 -11.28 8.78 38.15
N LEU A 611 -10.81 10.01 37.93
CA LEU A 611 -9.73 10.22 36.97
C LEU A 611 -8.44 9.56 37.42
N CYS A 612 -8.13 9.64 38.73
CA CYS A 612 -6.90 9.04 39.24
C CYS A 612 -6.90 7.53 39.04
N ASN A 613 -8.04 6.88 39.31
CA ASN A 613 -8.13 5.43 39.12
C ASN A 613 -7.98 5.07 37.66
N ILE A 614 -8.58 5.85 36.76
CA ILE A 614 -8.47 5.57 35.33
C ILE A 614 -7.02 5.69 34.88
N ASN A 615 -6.32 6.75 35.31
CA ASN A 615 -4.92 6.93 34.96
C ASN A 615 -4.07 5.77 35.48
N SER A 616 -4.31 5.37 36.74
CA SER A 616 -3.56 4.27 37.32
C SER A 616 -3.78 2.99 36.54
N LEU A 617 -5.04 2.69 36.20
CA LEU A 617 -5.33 1.46 35.46
C LEU A 617 -4.69 1.48 34.08
N THR A 618 -4.76 2.61 33.38
CA THR A 618 -4.17 2.70 32.05
C THR A 618 -2.66 2.49 32.11
N LYS A 619 -1.99 3.16 33.05
CA LYS A 619 -0.54 3.01 33.14
C LYS A 619 -0.16 1.60 33.57
N MET A 620 -0.93 0.99 34.47
CA MET A 620 -0.65 -0.39 34.86
C MET A 620 -0.79 -1.34 33.69
N ILE A 621 -1.82 -1.15 32.86
CA ILE A 621 -1.99 -2.00 31.69
C ILE A 621 -0.81 -1.85 30.74
N LEU A 622 -0.40 -0.61 30.49
CA LEU A 622 0.73 -0.38 29.58
C LEU A 622 2.01 -1.01 30.10
N VAL A 623 2.31 -0.80 31.38
CA VAL A 623 3.53 -1.36 31.96
C VAL A 623 3.46 -2.89 31.96
N LEU A 624 2.29 -3.45 32.22
CA LEU A 624 2.15 -4.90 32.24
C LEU A 624 2.38 -5.50 30.87
N ILE A 625 1.83 -4.90 29.82
CA ILE A 625 2.04 -5.46 28.49
C ILE A 625 3.49 -5.25 28.04
N LEU A 626 4.13 -4.17 28.46
CA LEU A 626 5.53 -3.97 28.09
C LEU A 626 6.46 -4.94 28.80
N ALA A 627 6.19 -5.21 30.09
CA ALA A 627 7.09 -6.05 30.88
C ALA A 627 6.96 -7.53 30.56
N HIS A 628 5.76 -7.98 30.18
CA HIS A 628 5.49 -9.40 29.90
C HIS A 628 4.86 -9.53 28.53
N PRO A 629 5.66 -9.52 27.46
CA PRO A 629 5.14 -9.63 26.09
C PRO A 629 4.74 -11.06 25.71
N SER A 630 3.54 -11.44 26.10
CA SER A 630 3.01 -12.77 25.83
C SER A 630 2.10 -12.75 24.61
N LYS A 631 2.04 -13.89 23.91
CA LYS A 631 1.21 -13.98 22.72
C LYS A 631 -0.27 -14.03 23.08
N ARG A 632 -0.63 -14.84 24.09
CA ARG A 632 -2.03 -14.95 24.49
C ARG A 632 -2.53 -13.72 25.21
N SER A 633 -1.64 -12.85 25.68
CA SER A 633 -2.03 -11.55 26.22
C SER A 633 -2.29 -10.52 25.14
N GLN A 634 -2.00 -10.85 23.88
CA GLN A 634 -2.20 -9.94 22.76
C GLN A 634 -3.60 -10.02 22.16
N LYS A 635 -4.31 -11.12 22.38
CA LYS A 635 -5.59 -11.35 21.74
C LYS A 635 -6.77 -10.78 22.54
N LEU A 636 -6.64 -10.71 23.87
CA LEU A 636 -7.71 -10.14 24.68
C LEU A 636 -7.94 -8.67 24.33
N LEU A 637 -6.85 -7.90 24.25
CA LEU A 637 -6.97 -6.49 23.89
C LEU A 637 -7.50 -6.34 22.47
N GLN A 638 -7.24 -7.31 21.59
CA GLN A 638 -7.75 -7.24 20.23
C GLN A 638 -9.25 -7.50 20.19
N ASN A 639 -9.73 -8.48 20.96
CA ASN A 639 -11.16 -8.76 21.02
C ASN A 639 -11.94 -7.68 21.75
N LEU A 640 -11.27 -6.90 22.61
CA LEU A 640 -11.93 -5.76 23.23
C LEU A 640 -12.48 -4.80 22.19
N ARG A 641 -11.83 -4.71 21.02
CA ARG A 641 -12.33 -3.85 19.95
C ARG A 641 -13.70 -4.30 19.48
N TYR A 642 -13.87 -5.61 19.26
CA TYR A 642 -15.17 -6.10 18.82
C TYR A 642 -16.21 -5.96 19.92
N PHE A 643 -15.80 -6.14 21.18
CA PHE A 643 -16.73 -5.92 22.28
C PHE A 643 -17.25 -4.48 22.28
N ILE A 644 -16.34 -3.50 22.18
CA ILE A 644 -16.79 -2.11 22.23
C ILE A 644 -17.57 -1.75 20.97
N MET A 645 -17.24 -2.36 19.83
CA MET A 645 -18.03 -2.12 18.62
C MET A 645 -19.46 -2.61 18.80
N ALA A 646 -19.64 -3.79 19.39
CA ALA A 646 -20.98 -4.32 19.58
C ALA A 646 -21.72 -3.64 20.73
N TYR A 647 -21.00 -2.98 21.64
CA TYR A 647 -21.65 -2.36 22.79
C TYR A 647 -22.59 -1.23 22.37
N VAL A 648 -22.21 -0.45 21.36
CA VAL A 648 -22.95 0.73 20.97
C VAL A 648 -23.80 0.48 19.72
N SER A 649 -24.09 -0.77 19.41
CA SER A 649 -24.88 -1.12 18.24
C SER A 649 -26.32 -1.44 18.65
N ASP A 650 -27.11 -1.90 17.69
CA ASP A 650 -28.50 -2.28 17.92
C ASP A 650 -28.69 -3.79 17.97
N TYR A 651 -28.12 -4.52 17.02
CA TYR A 651 -28.15 -5.97 16.99
C TYR A 651 -26.74 -6.51 16.85
N HIS A 652 -26.51 -7.69 17.41
CA HIS A 652 -25.18 -8.30 17.32
C HIS A 652 -25.32 -9.81 17.29
N HIS A 653 -24.29 -10.47 16.78
CA HIS A 653 -24.28 -11.92 16.71
C HIS A 653 -24.29 -12.51 18.11
N LYS A 654 -24.94 -13.66 18.25
CA LYS A 654 -25.10 -14.27 19.57
C LYS A 654 -23.86 -15.03 20.03
N ASP A 655 -22.87 -15.20 19.17
CA ASP A 655 -21.63 -15.91 19.53
C ASP A 655 -20.48 -14.95 19.82
N LEU A 656 -20.78 -13.65 20.01
CA LEU A 656 -19.73 -12.68 20.28
C LEU A 656 -19.00 -12.98 21.58
N ILE A 657 -19.76 -13.29 22.64
CA ILE A 657 -19.16 -13.52 23.96
C ILE A 657 -18.26 -14.75 23.91
N ASP A 658 -18.69 -15.79 23.20
CA ASP A 658 -17.85 -16.98 23.05
C ASP A 658 -16.55 -16.65 22.32
N LYS A 659 -16.62 -15.78 21.31
CA LYS A 659 -15.42 -15.40 20.58
C LYS A 659 -14.48 -14.56 21.43
N LEU A 660 -15.03 -13.72 22.31
CA LEU A 660 -14.20 -12.83 23.12
C LEU A 660 -13.26 -13.62 24.02
N ARG A 661 -13.74 -14.70 24.62
CA ARG A 661 -12.95 -15.45 25.59
C ARG A 661 -11.76 -16.11 24.91
N GLU A 662 -10.59 -15.96 25.53
CA GLU A 662 -9.35 -16.56 25.04
C GLU A 662 -8.66 -17.26 26.20
N GLU A 663 -8.01 -18.39 25.90
CA GLU A 663 -7.38 -19.18 26.93
C GLU A 663 -6.17 -18.46 27.52
N LEU A 664 -6.06 -18.49 28.85
CA LEU A 664 -4.97 -17.85 29.56
C LEU A 664 -4.31 -18.87 30.48
N ILE A 665 -3.04 -18.63 30.79
CA ILE A 665 -2.26 -19.58 31.58
C ILE A 665 -1.71 -18.94 32.85
N THR A 666 -0.88 -17.91 32.68
CA THR A 666 -0.16 -17.35 33.81
C THR A 666 -1.06 -16.40 34.61
N ASP A 667 -0.61 -16.11 35.84
CA ASP A 667 -1.36 -15.21 36.70
C ASP A 667 -1.31 -13.77 36.19
N VAL A 668 -0.26 -13.41 35.46
CA VAL A 668 -0.15 -12.07 34.91
C VAL A 668 -1.28 -11.80 33.92
N GLU A 669 -1.65 -12.81 33.13
CA GLU A 669 -2.75 -12.66 32.19
C GLU A 669 -4.09 -12.46 32.91
N PHE A 670 -4.31 -13.20 33.99
CA PHE A 670 -5.53 -13.00 34.77
C PHE A 670 -5.56 -11.63 35.42
N LEU A 671 -4.41 -11.15 35.90
CA LEU A 671 -4.35 -9.80 36.45
C LEU A 671 -4.65 -8.76 35.37
N LEU A 672 -4.15 -8.97 34.16
CA LEU A 672 -4.46 -8.08 33.05
C LEU A 672 -5.96 -8.07 32.76
N TYR A 673 -6.58 -9.26 32.77
CA TYR A 673 -8.02 -9.33 32.56
C TYR A 673 -8.78 -8.58 33.63
N ARG A 674 -8.36 -8.73 34.90
CA ARG A 674 -9.03 -8.02 35.98
C ARG A 674 -8.88 -6.51 35.83
N LEU A 675 -7.69 -6.05 35.45
CA LEU A 675 -7.49 -4.61 35.22
C LEU A 675 -8.37 -4.10 34.08
N VAL A 676 -8.45 -4.87 32.99
CA VAL A 676 -9.28 -4.47 31.86
C VAL A 676 -10.74 -4.39 32.27
N ARG A 677 -11.21 -5.40 33.04
CA ARG A 677 -12.59 -5.39 33.49
C ARG A 677 -12.88 -4.20 34.38
N ALA A 678 -11.97 -3.89 35.30
CA ALA A 678 -12.17 -2.73 36.17
C ALA A 678 -12.23 -1.44 35.36
N LEU A 679 -11.33 -1.28 34.39
CA LEU A 679 -11.33 -0.07 33.57
C LEU A 679 -12.62 0.04 32.75
N VAL A 680 -13.08 -1.08 32.19
CA VAL A 680 -14.32 -1.06 31.41
C VAL A 680 -15.51 -0.69 32.29
N ASN A 681 -15.57 -1.27 33.49
CA ASN A 681 -16.67 -0.93 34.40
C ASN A 681 -16.63 0.54 34.80
N LEU A 682 -15.43 1.08 35.03
CA LEU A 682 -15.33 2.50 35.36
C LEU A 682 -15.77 3.38 34.20
N ILE A 683 -15.36 3.04 32.98
CA ILE A 683 -15.67 3.87 31.83
C ILE A 683 -17.10 3.66 31.36
N LEU A 684 -17.45 2.42 31.06
CA LEU A 684 -18.77 2.10 30.50
C LEU A 684 -19.74 1.67 31.61
N SER A 685 -19.95 2.57 32.56
CA SER A 685 -20.90 2.29 33.65
C SER A 685 -22.31 2.64 33.17
N GLU A 686 -23.27 2.62 34.08
CA GLU A 686 -24.67 2.88 33.74
C GLU A 686 -25.09 4.31 34.01
N ASP A 687 -24.40 5.03 34.89
CA ASP A 687 -24.79 6.38 35.26
C ASP A 687 -24.00 7.45 34.53
N VAL A 688 -23.22 7.07 33.52
CA VAL A 688 -22.46 8.02 32.71
C VAL A 688 -23.10 8.08 31.34
N LYS A 689 -23.69 9.22 31.00
CA LYS A 689 -24.35 9.41 29.71
C LYS A 689 -24.06 10.79 29.14
N SER A 690 -22.80 11.22 29.22
CA SER A 690 -22.43 12.57 28.83
C SER A 690 -21.71 12.63 27.49
N MET A 691 -20.60 11.90 27.33
CA MET A 691 -19.76 11.97 26.13
C MET A 691 -19.49 10.55 25.65
N MET A 692 -20.39 10.04 24.81
CA MET A 692 -20.29 8.64 24.38
C MET A 692 -19.16 8.45 23.37
N THR A 693 -18.98 9.40 22.46
CA THR A 693 -17.96 9.24 21.41
C THR A 693 -16.56 9.19 21.98
N ASN A 694 -16.26 10.06 22.95
CA ASN A 694 -14.92 10.08 23.53
C ASN A 694 -14.63 8.79 24.29
N ARG A 695 -15.61 8.29 25.04
CA ARG A 695 -15.40 7.02 25.74
C ARG A 695 -15.25 5.87 24.75
N PHE A 696 -16.01 5.89 23.65
CA PHE A 696 -15.89 4.85 22.64
C PHE A 696 -14.48 4.83 22.06
N LYS A 697 -13.97 5.99 21.65
CA LYS A 697 -12.63 5.99 21.06
C LYS A 697 -11.55 5.73 22.10
N PHE A 698 -11.79 6.10 23.36
CA PHE A 698 -10.86 5.75 24.43
C PHE A 698 -10.76 4.23 24.57
N ILE A 699 -11.90 3.54 24.58
CA ILE A 699 -11.86 2.09 24.70
C ILE A 699 -11.24 1.46 23.45
N LEU A 700 -11.50 2.04 22.27
CA LEU A 700 -10.90 1.52 21.05
C LEU A 700 -9.38 1.64 21.08
N ASN A 701 -8.87 2.79 21.55
CA ASN A 701 -7.42 2.96 21.62
C ASN A 701 -6.80 2.12 22.74
N ILE A 702 -7.56 1.84 23.80
CA ILE A 702 -7.10 0.87 24.79
C ILE A 702 -6.97 -0.50 24.16
N SER A 703 -7.95 -0.88 23.33
CA SER A 703 -7.93 -2.17 22.65
C SER A 703 -6.73 -2.26 21.70
N TYR A 704 -6.45 -1.18 20.98
CA TYR A 704 -5.35 -1.20 20.02
C TYR A 704 -3.97 -1.23 20.67
N MET A 705 -3.82 -1.37 21.98
CA MET A 705 -2.51 -1.50 22.60
C MET A 705 -1.83 -2.83 22.30
N CYS A 706 -2.54 -3.78 21.69
CA CYS A 706 -1.96 -5.09 21.41
C CYS A 706 -0.80 -5.01 20.44
N HIS A 707 -0.66 -3.91 19.70
CA HIS A 707 0.45 -3.77 18.76
C HIS A 707 1.79 -3.54 19.45
N PHE A 708 1.79 -3.27 20.75
CA PHE A 708 3.04 -3.01 21.46
C PHE A 708 3.87 -4.26 21.72
N ILE A 709 3.33 -5.46 21.50
CA ILE A 709 4.02 -6.65 21.96
C ILE A 709 5.08 -7.09 20.97
N THR A 710 4.66 -7.58 19.80
CA THR A 710 5.54 -8.04 18.74
C THR A 710 4.72 -8.52 17.55
N LYS A 711 5.38 -8.88 16.45
CA LYS A 711 4.76 -9.65 15.39
C LYS A 711 5.40 -11.01 15.17
N GLU A 712 6.64 -11.21 15.57
CA GLU A 712 7.31 -12.48 15.36
C GLU A 712 6.75 -13.56 16.28
N THR A 713 6.85 -14.81 15.83
CA THR A 713 6.30 -15.92 16.57
C THR A 713 7.15 -16.23 17.80
N PRO A 714 6.51 -16.67 18.89
CA PRO A 714 7.30 -17.11 20.06
C PRO A 714 8.01 -18.42 19.82
N ASP A 715 7.34 -19.39 19.20
CA ASP A 715 7.93 -20.69 18.88
C ASP A 715 7.52 -21.06 17.46
N ARG A 716 8.46 -21.65 16.72
CA ARG A 716 8.21 -21.94 15.31
C ARG A 716 7.49 -23.27 15.12
N LEU A 717 7.93 -24.32 15.81
CA LEU A 717 7.33 -25.64 15.65
C LEU A 717 5.88 -25.64 16.09
N THR A 718 5.60 -25.01 17.23
CA THR A 718 4.22 -24.94 17.72
C THR A 718 3.34 -24.18 16.75
N ASP A 719 3.84 -23.08 16.19
CA ASP A 719 3.08 -22.31 15.22
C ASP A 719 2.79 -23.12 13.97
N GLN A 720 3.80 -23.86 13.48
CA GLN A 720 3.58 -24.70 12.30
C GLN A 720 2.53 -25.78 12.58
N ILE A 721 2.60 -26.40 13.75
CA ILE A 721 1.64 -27.45 14.08
C ILE A 721 0.23 -26.88 14.20
N LYS A 722 0.10 -25.71 14.84
CA LYS A 722 -1.21 -25.07 14.95
C LYS A 722 -1.78 -24.73 13.58
N CYS A 723 -0.94 -24.20 12.69
CA CYS A 723 -1.40 -23.87 11.34
C CYS A 723 -1.81 -25.11 10.57
N PHE A 724 -1.05 -26.20 10.72
CA PHE A 724 -1.43 -27.43 10.03
C PHE A 724 -2.75 -27.99 10.57
N GLU A 725 -2.96 -27.91 11.89
CA GLU A 725 -4.23 -28.35 12.45
C GLU A 725 -5.38 -27.51 11.92
N LYS A 726 -5.19 -26.18 11.84
CA LYS A 726 -6.22 -25.32 11.29
C LYS A 726 -6.51 -25.67 9.83
N PHE A 727 -5.46 -25.99 9.07
CA PHE A 727 -5.63 -26.38 7.68
C PHE A 727 -6.39 -27.70 7.56
N LEU A 728 -6.13 -28.65 8.45
CA LEU A 728 -6.61 -30.01 8.27
C LEU A 728 -7.99 -30.28 8.87
N GLU A 729 -8.33 -29.64 9.99
CA GLU A 729 -9.56 -30.02 10.70
C GLU A 729 -10.83 -29.89 9.86
N PRO A 730 -11.10 -28.76 9.17
CA PRO A 730 -12.36 -28.68 8.40
C PRO A 730 -12.47 -29.73 7.31
N LYS A 731 -11.36 -30.12 6.68
CA LYS A 731 -11.43 -31.17 5.66
C LYS A 731 -11.83 -32.50 6.28
N LEU A 732 -11.26 -32.84 7.45
CA LEU A 732 -11.66 -34.07 8.13
C LEU A 732 -13.13 -34.02 8.53
N GLU A 733 -13.60 -32.85 8.97
CA GLU A 733 -15.02 -32.72 9.32
C GLU A 733 -15.90 -32.94 8.09
N PHE A 734 -15.52 -32.37 6.95
CA PHE A 734 -16.30 -32.55 5.73
C PHE A 734 -16.28 -34.00 5.27
N GLY A 735 -15.12 -34.65 5.33
CA GLY A 735 -15.01 -36.05 4.99
C GLY A 735 -14.26 -36.38 3.71
N HIS A 736 -13.58 -35.42 3.10
CA HIS A 736 -12.83 -35.65 1.87
C HIS A 736 -11.36 -35.32 2.11
N VAL A 737 -10.54 -36.35 2.33
CA VAL A 737 -9.10 -36.21 2.46
C VAL A 737 -8.46 -37.34 1.67
N SER A 738 -7.81 -37.01 0.55
CA SER A 738 -7.08 -37.98 -0.24
C SER A 738 -5.61 -37.94 0.16
N ILE A 739 -5.06 -39.09 0.56
CA ILE A 739 -3.72 -39.18 1.12
C ILE A 739 -2.77 -39.67 0.04
N ASN A 740 -1.68 -38.92 -0.17
CA ASN A 740 -0.62 -39.23 -1.11
C ASN A 740 -1.14 -39.42 -2.53
N PRO A 741 -1.64 -38.37 -3.18
CA PRO A 741 -1.99 -38.49 -4.59
C PRO A 741 -0.76 -38.61 -5.46
N ALA A 742 -0.93 -39.22 -6.63
CA ALA A 742 0.15 -39.42 -7.58
C ALA A 742 -0.04 -38.50 -8.79
N ASP A 743 1.02 -38.40 -9.61
CA ASP A 743 0.93 -37.64 -10.83
C ASP A 743 -0.09 -38.25 -11.80
N VAL A 744 -0.15 -39.58 -11.85
CA VAL A 744 -1.16 -40.29 -12.60
C VAL A 744 -2.25 -40.72 -11.62
N ALA A 745 -3.39 -40.03 -11.67
CA ALA A 745 -4.45 -40.24 -10.69
C ALA A 745 -5.02 -41.65 -10.80
N THR A 746 -5.39 -42.21 -9.65
CA THR A 746 -6.00 -43.53 -9.59
C THR A 746 -7.52 -43.41 -9.69
N GLU A 747 -8.17 -44.54 -9.93
CA GLU A 747 -9.62 -44.55 -10.09
C GLU A 747 -10.33 -44.16 -8.81
N GLU A 748 -9.84 -44.65 -7.66
CA GLU A 748 -10.53 -44.42 -6.39
C GLU A 748 -10.57 -42.93 -6.04
N GLU A 749 -9.46 -42.22 -6.23
CA GLU A 749 -9.47 -40.80 -5.88
C GLU A 749 -10.32 -39.99 -6.85
N LEU A 750 -10.35 -40.37 -8.12
CA LEU A 750 -11.25 -39.70 -9.06
C LEU A 750 -12.71 -39.91 -8.68
N ASP A 751 -13.06 -41.15 -8.29
CA ASP A 751 -14.42 -41.43 -7.84
C ASP A 751 -14.76 -40.63 -6.59
N ASP A 752 -13.81 -40.54 -5.65
CA ASP A 752 -14.03 -39.74 -4.45
C ASP A 752 -14.23 -38.26 -4.80
N MET A 753 -13.45 -37.75 -5.75
CA MET A 753 -13.61 -36.36 -6.16
C MET A 753 -14.98 -36.12 -6.76
N VAL A 754 -15.45 -37.03 -7.61
CA VAL A 754 -16.78 -36.88 -8.20
C VAL A 754 -17.86 -36.96 -7.13
N TYR A 755 -17.72 -37.90 -6.19
CA TYR A 755 -18.71 -38.05 -5.13
C TYR A 755 -18.78 -36.80 -4.26
N ASN A 756 -17.62 -36.23 -3.92
CA ASN A 756 -17.63 -35.03 -3.09
C ASN A 756 -18.10 -33.82 -3.86
N ALA A 757 -17.86 -33.77 -5.17
CA ALA A 757 -18.43 -32.71 -5.99
C ALA A 757 -19.95 -32.77 -5.98
N LYS A 758 -20.51 -33.99 -6.07
CA LYS A 758 -21.96 -34.13 -5.98
C LYS A 758 -22.46 -33.76 -4.58
N LYS A 759 -21.71 -34.13 -3.54
CA LYS A 759 -22.12 -33.84 -2.18
C LYS A 759 -22.11 -32.34 -1.89
N PHE A 760 -21.14 -31.61 -2.46
CA PHE A 760 -21.03 -30.19 -2.21
C PHE A 760 -22.22 -29.40 -2.74
N LEU A 761 -22.95 -29.95 -3.70
CA LEU A 761 -24.09 -29.27 -4.31
C LEU A 761 -25.43 -29.72 -3.74
N SER A 762 -25.43 -30.47 -2.63
CA SER A 762 -26.64 -31.05 -2.08
C SER A 762 -27.01 -30.45 -0.73
N LYS A 763 -26.76 -29.16 -0.55
CA LYS A 763 -27.18 -28.49 0.68
C LYS A 763 -28.69 -28.25 0.64
N GLU A 764 -29.35 -28.45 1.78
CA GLU A 764 -30.78 -28.27 1.91
C GLU A 764 -31.09 -27.38 3.10
N GLY A 765 -32.24 -26.72 3.05
CA GLY A 765 -32.66 -25.88 4.15
C GLY A 765 -34.02 -25.23 3.97
N CYS A 766 -34.73 -25.04 5.09
CA CYS A 766 -35.96 -24.26 5.17
C CYS A 766 -37.13 -24.98 4.50
N THR A 767 -36.88 -26.11 3.88
CA THR A 767 -37.94 -26.90 3.26
C THR A 767 -37.92 -28.34 3.69
N SER A 768 -36.74 -28.93 3.87
CA SER A 768 -36.63 -30.29 4.36
C SER A 768 -37.09 -30.37 5.82
N ILE A 769 -37.29 -31.60 6.28
CA ILE A 769 -37.76 -31.80 7.66
C ILE A 769 -36.74 -31.28 8.65
N LYS A 770 -35.46 -31.58 8.43
CA LYS A 770 -34.42 -31.18 9.38
C LYS A 770 -34.26 -29.66 9.41
N GLY A 771 -34.31 -29.00 8.26
CA GLY A 771 -34.11 -27.58 8.18
C GLY A 771 -32.67 -27.23 7.86
N PRO A 772 -32.36 -25.94 7.87
CA PRO A 772 -30.99 -25.51 7.55
C PRO A 772 -29.99 -25.96 8.60
N ASP A 773 -28.76 -26.19 8.15
CA ASP A 773 -27.64 -26.55 9.02
C ASP A 773 -26.56 -25.49 8.81
N TYR A 774 -26.47 -24.56 9.76
CA TYR A 774 -25.59 -23.41 9.61
C TYR A 774 -24.12 -23.82 9.73
N LYS A 775 -23.26 -22.97 9.15
CA LYS A 775 -21.81 -23.15 9.21
C LYS A 775 -21.38 -24.51 8.66
N LYS A 776 -22.02 -24.93 7.57
CA LYS A 776 -21.64 -26.15 6.86
C LYS A 776 -21.25 -25.79 5.43
N PRO A 777 -20.04 -26.13 4.99
CA PRO A 777 -19.65 -25.79 3.62
C PRO A 777 -20.54 -26.46 2.59
N GLY A 778 -20.82 -25.73 1.51
CA GLY A 778 -21.69 -26.23 0.46
C GLY A 778 -22.59 -25.15 -0.10
N VAL A 779 -23.24 -25.44 -1.22
CA VAL A 779 -24.18 -24.52 -1.85
C VAL A 779 -25.43 -25.29 -2.24
N SER A 780 -26.53 -24.57 -2.36
CA SER A 780 -27.83 -25.15 -2.68
C SER A 780 -28.12 -25.00 -4.16
N LYS A 781 -28.72 -26.04 -4.74
CA LYS A 781 -29.09 -25.98 -6.16
C LYS A 781 -30.12 -24.88 -6.42
N ARG A 782 -31.08 -24.73 -5.51
CA ARG A 782 -32.15 -23.75 -5.72
C ARG A 782 -31.59 -22.34 -5.77
N PHE A 783 -30.74 -21.97 -4.81
CA PHE A 783 -30.25 -20.60 -4.78
C PHE A 783 -29.19 -20.35 -5.84
N LEU A 784 -28.39 -21.37 -6.18
CA LEU A 784 -27.48 -21.22 -7.31
C LEU A 784 -28.24 -20.98 -8.61
N SER A 785 -29.32 -21.74 -8.81
CA SER A 785 -30.16 -21.54 -9.98
C SER A 785 -30.78 -20.15 -9.99
N LEU A 786 -31.27 -19.69 -8.84
CA LEU A 786 -31.86 -18.35 -8.77
C LEU A 786 -30.82 -17.27 -9.09
N LEU A 787 -29.61 -17.40 -8.55
CA LEU A 787 -28.57 -16.41 -8.81
C LEU A 787 -28.19 -16.39 -10.29
N THR A 788 -27.98 -17.56 -10.88
CA THR A 788 -27.60 -17.60 -12.29
C THR A 788 -28.72 -17.07 -13.18
N SER A 789 -29.97 -17.41 -12.88
CA SER A 789 -31.08 -16.90 -13.67
C SER A 789 -31.21 -15.39 -13.55
N SER A 790 -31.04 -14.86 -12.34
CA SER A 790 -31.12 -13.42 -12.14
C SER A 790 -30.02 -12.69 -12.90
N PHE A 791 -28.82 -13.26 -12.92
CA PHE A 791 -27.75 -12.65 -13.71
C PHE A 791 -28.05 -12.73 -15.20
N ASN A 792 -28.57 -13.88 -15.66
CA ASN A 792 -28.76 -14.07 -17.10
C ASN A 792 -29.89 -13.21 -17.65
N ASN A 793 -30.99 -13.07 -16.91
CA ASN A 793 -32.12 -12.32 -17.44
C ASN A 793 -31.98 -10.81 -17.26
N GLY A 794 -30.90 -10.34 -16.64
CA GLY A 794 -30.63 -8.92 -16.60
C GLY A 794 -31.32 -8.15 -15.50
N SER A 795 -31.74 -8.81 -14.43
CA SER A 795 -32.40 -8.14 -13.33
C SER A 795 -31.42 -7.60 -12.29
N LEU A 796 -30.13 -7.95 -12.39
CA LEU A 796 -29.12 -7.46 -11.47
C LEU A 796 -28.35 -6.26 -12.01
N PHE A 797 -28.62 -5.84 -13.24
CA PHE A 797 -27.87 -4.76 -13.85
C PHE A 797 -28.46 -3.40 -13.47
N LYS A 798 -27.60 -2.40 -13.41
CA LYS A 798 -28.00 -1.02 -13.22
C LYS A 798 -28.06 -0.30 -14.57
N GLU A 799 -28.75 0.83 -14.58
CA GLU A 799 -28.90 1.59 -15.82
C GLU A 799 -27.58 2.15 -16.33
N SER A 800 -26.58 2.32 -15.46
CA SER A 800 -25.29 2.84 -15.86
C SER A 800 -24.34 1.76 -16.34
N GLU A 801 -24.69 0.48 -16.17
CA GLU A 801 -23.86 -0.63 -16.61
C GLU A 801 -24.26 -1.18 -17.97
N VAL A 802 -25.23 -0.56 -18.64
CA VAL A 802 -25.67 -0.98 -19.96
C VAL A 802 -25.51 0.10 -21.01
N LYS A 803 -24.92 1.24 -20.66
CA LYS A 803 -24.68 2.30 -21.64
C LYS A 803 -23.69 1.87 -22.72
N ARG A 804 -22.84 0.90 -22.43
CA ARG A 804 -21.83 0.43 -23.37
C ARG A 804 -21.85 -1.09 -23.44
N GLU A 805 -21.40 -1.62 -24.56
CA GLU A 805 -21.35 -3.07 -24.73
C GLU A 805 -20.26 -3.67 -23.86
N ILE A 806 -20.35 -4.98 -23.63
CA ILE A 806 -19.43 -5.70 -22.78
C ILE A 806 -18.31 -6.27 -23.66
N LYS A 807 -17.07 -5.87 -23.37
CA LYS A 807 -15.93 -6.37 -24.12
C LYS A 807 -15.60 -7.80 -23.68
N ASP A 808 -15.14 -8.59 -24.63
CA ASP A 808 -14.74 -9.96 -24.34
C ASP A 808 -13.43 -9.97 -23.57
N PRO A 809 -13.38 -10.49 -22.35
CA PRO A 809 -12.11 -10.49 -21.61
C PRO A 809 -11.03 -11.34 -22.24
N LEU A 810 -11.38 -12.26 -23.13
CA LEU A 810 -10.39 -13.14 -23.74
C LEU A 810 -9.47 -12.40 -24.71
N VAL A 811 -9.91 -11.26 -25.26
CA VAL A 811 -9.13 -10.55 -26.25
C VAL A 811 -8.98 -9.09 -25.87
N THR A 812 -9.28 -8.76 -24.60
CA THR A 812 -9.14 -7.40 -24.11
C THR A 812 -8.27 -7.28 -22.87
N SER A 813 -7.84 -8.37 -22.26
CA SER A 813 -6.95 -8.35 -21.11
C SER A 813 -5.56 -8.75 -21.57
N GLY A 814 -4.59 -7.87 -21.35
CA GLY A 814 -3.23 -8.13 -21.76
C GLY A 814 -2.57 -9.21 -20.92
N CYS A 815 -1.46 -9.73 -21.45
CA CYS A 815 -0.71 -10.75 -20.74
C CYS A 815 0.21 -10.10 -19.70
N ALA A 816 0.94 -10.94 -18.97
CA ALA A 816 1.82 -10.47 -17.91
C ALA A 816 3.27 -10.73 -18.30
N THR A 817 4.12 -9.72 -18.10
CA THR A 817 5.53 -9.86 -18.40
C THR A 817 6.20 -10.82 -17.42
N ALA A 818 7.37 -11.33 -17.82
CA ALA A 818 8.09 -12.26 -16.97
C ALA A 818 8.60 -11.59 -15.70
N LEU A 819 8.81 -10.27 -15.73
CA LEU A 819 9.32 -9.55 -14.57
C LEU A 819 8.23 -9.18 -13.57
N ASP A 820 6.96 -9.47 -13.88
CA ASP A 820 5.89 -9.24 -12.90
C ASP A 820 5.90 -10.27 -11.79
N LEU A 821 6.54 -11.42 -12.01
CA LEU A 821 6.67 -12.46 -11.00
C LEU A 821 8.06 -12.48 -10.37
N ALA A 822 8.87 -11.46 -10.61
CA ALA A 822 10.25 -11.43 -10.14
C ALA A 822 10.33 -10.70 -8.81
N SER A 823 10.87 -11.38 -7.80
CA SER A 823 11.07 -10.82 -6.47
C SER A 823 12.00 -11.76 -5.71
N ASN A 824 12.25 -11.43 -4.44
CA ASN A 824 13.05 -12.27 -3.57
C ASN A 824 12.22 -13.25 -2.76
N LYS A 825 10.91 -13.30 -2.98
CA LYS A 825 10.05 -14.19 -2.24
C LYS A 825 10.32 -15.65 -2.60
N SER A 826 10.02 -16.54 -1.67
CA SER A 826 10.39 -17.94 -1.83
C SER A 826 9.51 -18.62 -2.88
N VAL A 827 10.04 -19.71 -3.44
CA VAL A 827 9.35 -20.52 -4.42
C VAL A 827 9.90 -21.94 -4.32
N VAL A 828 9.01 -22.90 -4.55
CA VAL A 828 9.33 -24.32 -4.38
C VAL A 828 9.97 -24.84 -5.65
N VAL A 829 10.97 -25.72 -5.48
CA VAL A 829 11.60 -26.44 -6.59
C VAL A 829 11.57 -27.92 -6.27
N ASN A 830 11.22 -28.72 -7.26
CA ASN A 830 11.02 -30.15 -7.07
C ASN A 830 12.34 -30.91 -7.19
N LYS A 831 12.35 -32.13 -6.66
CA LYS A 831 13.49 -33.02 -6.72
C LYS A 831 13.11 -34.26 -7.52
N TYR A 832 13.90 -34.57 -8.55
CA TYR A 832 13.68 -35.71 -9.41
C TYR A 832 14.67 -36.81 -9.07
N THR A 833 14.18 -38.03 -8.87
CA THR A 833 15.08 -39.13 -8.51
C THR A 833 15.76 -39.71 -9.74
N ASP A 834 14.99 -40.28 -10.66
CA ASP A 834 15.52 -40.73 -11.94
C ASP A 834 14.87 -40.01 -13.11
N GLY A 835 13.56 -40.13 -13.27
CA GLY A 835 12.86 -39.42 -14.34
C GLY A 835 11.65 -38.64 -13.86
N SER A 836 11.15 -38.99 -12.67
CA SER A 836 9.95 -38.40 -12.12
C SER A 836 10.26 -37.77 -10.76
N ARG A 837 9.56 -36.68 -10.47
CA ARG A 837 9.78 -35.98 -9.21
C ARG A 837 9.26 -36.79 -8.03
N VAL A 838 9.97 -36.70 -6.91
CA VAL A 838 9.56 -37.42 -5.71
C VAL A 838 8.35 -36.74 -5.07
N LEU A 839 7.45 -37.55 -4.54
CA LEU A 839 6.24 -37.01 -3.92
C LEU A 839 5.90 -37.65 -2.57
N ASN A 840 6.67 -38.63 -2.10
CA ASN A 840 6.36 -39.33 -0.87
C ASN A 840 7.60 -39.42 0.01
N TYR A 841 7.44 -39.13 1.31
CA TYR A 841 8.50 -39.37 2.26
C TYR A 841 8.73 -40.87 2.45
N ASP A 842 9.95 -41.23 2.82
CA ASP A 842 10.30 -42.63 3.05
C ASP A 842 10.10 -42.96 4.52
N PHE A 843 9.32 -44.01 4.77
CA PHE A 843 8.97 -44.37 6.15
C PHE A 843 10.20 -44.80 6.94
N ASN A 844 11.04 -45.64 6.33
CA ASN A 844 12.19 -46.19 7.05
C ASN A 844 13.20 -45.11 7.40
N LYS A 845 13.54 -44.26 6.42
CA LYS A 845 14.49 -43.19 6.69
C LYS A 845 13.93 -42.20 7.70
N LEU A 846 12.63 -41.92 7.61
CA LEU A 846 12.01 -41.00 8.57
C LEU A 846 12.06 -41.55 9.99
N THR A 847 11.74 -42.83 10.17
CA THR A 847 11.79 -43.39 11.52
C THR A 847 13.22 -43.51 12.03
N ALA A 848 14.17 -43.79 11.13
CA ALA A 848 15.57 -43.80 11.55
C ALA A 848 16.02 -42.43 12.01
N LEU A 849 15.63 -41.38 11.28
CA LEU A 849 15.95 -40.02 11.68
C LEU A 849 15.31 -39.66 13.01
N ALA A 850 14.06 -40.07 13.21
CA ALA A 850 13.39 -39.80 14.48
C ALA A 850 14.09 -40.50 15.64
N VAL A 851 14.48 -41.75 15.46
CA VAL A 851 15.19 -42.48 16.50
C VAL A 851 16.53 -41.81 16.81
N SER A 852 17.25 -41.41 15.75
CA SER A 852 18.53 -40.73 15.96
C SER A 852 18.35 -39.42 16.73
N GLN A 853 17.32 -38.65 16.38
CA GLN A 853 17.06 -37.40 17.08
C GLN A 853 16.70 -37.64 18.54
N LEU A 854 15.88 -38.67 18.81
CA LEU A 854 15.52 -38.98 20.19
C LEU A 854 16.75 -39.37 20.99
N THR A 855 17.61 -40.21 20.41
CA THR A 855 18.83 -40.63 21.12
C THR A 855 19.74 -39.44 21.37
N GLU A 856 19.89 -38.56 20.39
CA GLU A 856 20.76 -37.40 20.56
C GLU A 856 20.22 -36.44 21.62
N VAL A 857 18.91 -36.19 21.61
CA VAL A 857 18.35 -35.25 22.59
C VAL A 857 18.36 -35.85 23.99
N PHE A 858 18.24 -37.17 24.11
CA PHE A 858 18.33 -37.78 25.44
C PHE A 858 19.77 -37.83 25.92
N SER A 859 20.74 -37.99 25.01
CA SER A 859 22.14 -38.03 25.42
C SER A 859 22.61 -36.69 25.96
N ARG A 860 22.09 -35.58 25.41
CA ARG A 860 22.50 -34.25 25.85
C ARG A 860 21.85 -33.85 27.17
N LYS A 861 20.79 -34.52 27.59
CA LYS A 861 20.07 -34.16 28.81
C LYS A 861 20.06 -35.25 29.86
N GLY A 862 19.98 -36.53 29.47
CA GLY A 862 19.93 -37.61 30.42
C GLY A 862 21.26 -37.97 31.02
N LYS A 863 21.97 -36.98 31.55
CA LYS A 863 23.28 -37.21 32.18
C LYS A 863 23.30 -36.66 33.59
N ASP A 870 14.50 -46.70 36.13
CA ASP A 870 13.28 -46.20 35.50
C ASP A 870 13.10 -46.78 34.11
N TYR A 871 11.84 -46.92 33.68
CA TYR A 871 11.57 -47.48 32.36
C TYR A 871 12.13 -46.59 31.26
N ASP A 872 11.96 -45.27 31.41
CA ASP A 872 12.40 -44.34 30.38
C ASP A 872 13.91 -44.41 30.18
N TYR A 873 14.67 -44.42 31.27
CA TYR A 873 16.12 -44.49 31.17
C TYR A 873 16.56 -45.79 30.52
N LYS A 874 15.94 -46.92 30.91
CA LYS A 874 16.32 -48.20 30.33
C LYS A 874 16.04 -48.23 28.83
N VAL A 875 14.85 -47.79 28.42
CA VAL A 875 14.52 -47.86 27.00
C VAL A 875 15.38 -46.89 26.20
N GLN A 876 15.69 -45.70 26.75
CA GLN A 876 16.50 -44.76 26.01
C GLN A 876 17.94 -45.23 25.88
N GLN A 877 18.49 -45.85 26.94
CA GLN A 877 19.85 -46.35 26.84
C GLN A 877 19.93 -47.57 25.93
N ALA A 878 18.86 -48.37 25.88
CA ALA A 878 18.83 -49.47 24.91
C ALA A 878 18.74 -48.94 23.48
N MET A 879 17.96 -47.89 23.25
CA MET A 879 17.81 -47.34 21.91
C MET A 879 19.04 -46.58 21.46
N SER A 880 19.81 -46.03 22.41
CA SER A 880 21.02 -45.30 22.05
C SER A 880 22.13 -46.20 21.52
N ASN A 881 21.99 -47.51 21.65
CA ASN A 881 23.01 -48.45 21.19
C ASN A 881 22.97 -48.68 19.69
N LEU A 882 22.21 -47.88 18.94
CA LEU A 882 22.11 -48.04 17.49
C LEU A 882 22.65 -46.81 16.77
N TYR A 910 7.15 -54.86 17.42
CA TYR A 910 7.33 -53.43 17.20
C TYR A 910 8.77 -53.01 17.45
N PHE A 911 9.28 -53.35 18.63
CA PHE A 911 10.64 -52.96 18.99
C PHE A 911 11.66 -53.62 18.07
N ASP A 912 11.45 -54.90 17.74
CA ASP A 912 12.38 -55.60 16.86
C ASP A 912 12.36 -55.02 15.46
N GLN A 913 11.19 -54.60 14.98
CA GLN A 913 11.12 -53.96 13.66
C GLN A 913 11.93 -52.67 13.63
N LEU A 914 11.80 -51.84 14.66
CA LEU A 914 12.58 -50.61 14.74
C LEU A 914 14.07 -50.91 14.81
N LYS A 915 14.44 -51.91 15.62
CA LYS A 915 15.84 -52.32 15.71
C LYS A 915 16.39 -52.71 14.34
N GLU A 916 15.67 -53.57 13.62
CA GLU A 916 16.12 -54.02 12.32
C GLU A 916 16.24 -52.87 11.33
N THR A 917 15.23 -51.99 11.29
CA THR A 917 15.26 -50.89 10.35
C THR A 917 16.43 -49.95 10.63
N VAL A 918 16.62 -49.58 11.90
CA VAL A 918 17.70 -48.66 12.25
C VAL A 918 19.06 -49.28 11.97
N GLU A 919 19.23 -50.56 12.32
CA GLU A 919 20.51 -51.23 12.06
C GLU A 919 20.79 -51.32 10.57
N ARG A 920 19.78 -51.62 9.76
CA ARG A 920 19.99 -51.71 8.32
C ARG A 920 20.29 -50.34 7.71
N ILE A 921 19.67 -49.28 8.24
CA ILE A 921 19.82 -47.96 7.63
C ILE A 921 21.12 -47.28 8.04
N ILE A 922 21.40 -47.21 9.34
CA ILE A 922 22.58 -46.47 9.80
C ILE A 922 23.86 -47.07 9.23
N ASP A 923 23.97 -48.40 9.25
CA ASP A 923 25.17 -49.04 8.72
C ASP A 923 25.32 -48.81 7.22
N GLN A 924 24.22 -48.88 6.47
CA GLN A 924 24.25 -48.80 5.02
C GLN A 924 24.01 -47.40 4.46
N TYR A 925 23.82 -46.41 5.33
CA TYR A 925 23.59 -45.04 4.86
C TYR A 925 24.41 -44.04 5.66
N ASP A 1059 27.17 -38.46 9.54
CA ASP A 1059 26.33 -39.63 9.63
C ASP A 1059 24.87 -39.25 9.80
N MET A 1060 24.61 -37.95 9.92
CA MET A 1060 23.26 -37.46 10.15
C MET A 1060 22.91 -36.34 9.18
N GLY A 1061 23.91 -35.61 8.71
CA GLY A 1061 23.64 -34.49 7.80
C GLY A 1061 23.03 -34.94 6.48
N ARG A 1062 23.67 -35.91 5.83
CA ARG A 1062 23.13 -36.41 4.56
C ARG A 1062 21.81 -37.13 4.77
N LEU A 1063 21.67 -37.87 5.88
CA LEU A 1063 20.40 -38.50 6.19
C LEU A 1063 19.31 -37.46 6.40
N SER A 1064 19.63 -36.37 7.09
CA SER A 1064 18.65 -35.31 7.29
C SER A 1064 18.27 -34.64 5.98
N ASP A 1065 19.24 -34.44 5.09
CA ASP A 1065 18.97 -33.78 3.81
C ASP A 1065 18.36 -34.72 2.76
N ASP A 1066 18.33 -36.02 3.01
CA ASP A 1066 17.79 -36.99 2.06
C ASP A 1066 16.37 -37.43 2.41
N VAL A 1067 15.70 -36.74 3.32
CA VAL A 1067 14.32 -37.04 3.65
C VAL A 1067 13.41 -35.98 3.03
N ARG A 1068 13.95 -34.78 2.85
CA ARG A 1068 13.19 -33.71 2.23
C ARG A 1068 12.88 -34.06 0.77
N ILE A 1069 11.70 -33.64 0.31
CA ILE A 1069 11.23 -33.94 -1.03
C ILE A 1069 11.11 -32.70 -1.90
N SER A 1070 11.47 -31.52 -1.39
CA SER A 1070 11.43 -30.30 -2.17
C SER A 1070 12.39 -29.30 -1.55
N GLU A 1071 12.75 -28.29 -2.33
CA GLU A 1071 13.66 -27.25 -1.86
C GLU A 1071 13.05 -25.88 -2.14
N ARG A 1072 13.70 -24.84 -1.64
CA ARG A 1072 13.24 -23.47 -1.80
C ARG A 1072 14.30 -22.65 -2.50
N GLU A 1073 13.86 -21.64 -3.24
CA GLU A 1073 14.76 -20.67 -3.85
C GLU A 1073 13.99 -19.37 -4.06
N SER A 1074 14.58 -18.45 -4.81
CA SER A 1074 13.96 -17.15 -5.08
C SER A 1074 13.23 -17.18 -6.42
N ASN A 1075 12.28 -16.24 -6.56
CA ASN A 1075 11.55 -16.13 -7.82
C ASN A 1075 12.48 -15.75 -8.97
N SER A 1076 13.42 -14.84 -8.70
CA SER A 1076 14.32 -14.37 -9.76
C SER A 1076 15.18 -15.49 -10.30
N GLU A 1077 15.68 -16.36 -9.42
CA GLU A 1077 16.51 -17.48 -9.86
C GLU A 1077 15.73 -18.43 -10.76
N ALA A 1078 14.51 -18.78 -10.36
CA ALA A 1078 13.67 -19.65 -11.17
C ALA A 1078 13.34 -19.00 -12.50
N LEU A 1079 13.04 -17.70 -12.50
CA LEU A 1079 12.73 -17.01 -13.74
C LEU A 1079 13.93 -16.98 -14.68
N SER A 1080 15.13 -16.74 -14.14
CA SER A 1080 16.33 -16.75 -14.97
C SER A 1080 16.58 -18.14 -15.55
N LYS A 1081 16.40 -19.19 -14.74
CA LYS A 1081 16.57 -20.54 -15.25
C LYS A 1081 15.56 -20.85 -16.34
N ALA A 1082 14.32 -20.39 -16.19
CA ALA A 1082 13.31 -20.62 -17.20
C ALA A 1082 13.62 -19.85 -18.48
N LEU A 1083 14.04 -18.59 -18.36
CA LEU A 1083 14.38 -17.79 -19.53
C LEU A 1083 15.60 -18.33 -20.26
N SER A 1084 16.48 -19.04 -19.55
CA SER A 1084 17.61 -19.66 -20.21
C SER A 1084 17.22 -20.80 -21.14
N LEU A 1085 15.97 -21.26 -21.08
CA LEU A 1085 15.49 -22.36 -21.91
C LEU A 1085 14.44 -21.92 -22.92
N THR A 1086 14.39 -20.64 -23.25
CA THR A 1086 13.42 -20.10 -24.19
C THR A 1086 14.15 -19.46 -25.36
N ASN A 1087 13.71 -19.77 -26.58
CA ASN A 1087 14.30 -19.20 -27.79
C ASN A 1087 13.51 -18.01 -28.33
N CYS A 1088 12.47 -17.58 -27.62
CA CYS A 1088 11.67 -16.46 -28.08
C CYS A 1088 12.38 -15.13 -27.82
N THR A 1089 11.87 -14.08 -28.45
CA THR A 1089 12.46 -12.75 -28.32
C THR A 1089 11.90 -11.97 -27.14
N THR A 1090 10.60 -12.09 -26.88
CA THR A 1090 9.97 -11.37 -25.78
C THR A 1090 9.73 -12.31 -24.61
N ALA A 1091 9.78 -11.76 -23.40
CA ALA A 1091 9.62 -12.52 -22.16
C ALA A 1091 8.19 -12.31 -21.67
N MET A 1092 7.30 -13.24 -22.02
CA MET A 1092 5.92 -13.23 -21.58
C MET A 1092 5.59 -14.55 -20.92
N LEU A 1093 4.51 -14.56 -20.14
CA LEU A 1093 4.11 -15.77 -19.46
C LEU A 1093 3.72 -16.87 -20.44
N LYS A 1094 3.06 -16.50 -21.54
CA LYS A 1094 2.65 -17.51 -22.51
C LYS A 1094 3.84 -18.14 -23.22
N ASN A 1095 4.92 -17.37 -23.41
CA ASN A 1095 6.13 -17.95 -23.99
C ASN A 1095 6.77 -18.96 -23.05
N LEU A 1096 6.79 -18.66 -21.75
CA LEU A 1096 7.40 -19.57 -20.80
C LEU A 1096 6.54 -20.81 -20.55
N CYS A 1097 5.22 -20.65 -20.57
CA CYS A 1097 4.33 -21.77 -20.27
C CYS A 1097 4.27 -22.78 -21.41
N PHE A 1098 4.18 -22.30 -22.65
CA PHE A 1098 3.91 -23.17 -23.78
C PHE A 1098 5.06 -23.27 -24.76
N TYR A 1099 5.68 -22.14 -25.13
CA TYR A 1099 6.74 -22.14 -26.13
C TYR A 1099 8.11 -22.17 -25.45
N SER A 1100 8.42 -23.35 -24.90
CA SER A 1100 9.68 -23.53 -24.20
C SER A 1100 10.16 -24.96 -24.45
N GLN A 1101 11.47 -25.17 -24.22
CA GLN A 1101 12.04 -26.49 -24.43
C GLN A 1101 11.47 -27.51 -23.45
N GLU A 1102 11.36 -27.13 -22.17
CA GLU A 1102 10.75 -27.98 -21.16
C GLU A 1102 9.31 -27.50 -20.94
N SER A 1103 8.45 -27.85 -21.89
CA SER A 1103 7.06 -27.41 -21.88
C SER A 1103 6.15 -28.61 -22.10
N PRO A 1104 4.93 -28.57 -21.56
CA PRO A 1104 4.02 -29.71 -21.73
C PRO A 1104 3.66 -29.93 -23.19
N GLN A 1105 3.43 -31.20 -23.54
CA GLN A 1105 2.99 -31.56 -24.88
C GLN A 1105 1.48 -31.70 -24.96
N SER A 1106 0.87 -32.36 -23.98
CA SER A 1106 -0.58 -32.48 -23.92
C SER A 1106 -1.07 -32.11 -22.53
N TYR A 1107 -2.36 -32.29 -22.27
CA TYR A 1107 -2.91 -31.99 -20.96
C TYR A 1107 -4.17 -32.82 -20.76
N SER A 1108 -4.61 -32.89 -19.50
CA SER A 1108 -5.79 -33.65 -19.13
C SER A 1108 -6.64 -32.86 -18.15
N SER A 1109 -7.63 -33.52 -17.54
CA SER A 1109 -8.47 -32.84 -16.57
C SER A 1109 -7.75 -32.59 -15.25
N THR A 1110 -6.77 -33.42 -14.93
CA THR A 1110 -6.04 -33.29 -13.67
C THR A 1110 -4.77 -32.44 -13.79
N GLY A 1111 -4.51 -31.87 -14.96
CA GLY A 1111 -3.33 -31.05 -15.16
C GLY A 1111 -2.54 -31.47 -16.37
N PRO A 1112 -1.51 -30.69 -16.72
CA PRO A 1112 -0.68 -31.03 -17.88
C PRO A 1112 0.13 -32.29 -17.63
N ASP A 1113 0.70 -32.82 -18.71
CA ASP A 1113 1.45 -34.07 -18.61
C ASP A 1113 2.76 -33.92 -17.84
N THR A 1114 3.18 -32.69 -17.56
CA THR A 1114 4.40 -32.48 -16.77
C THR A 1114 4.16 -32.64 -15.28
N GLY A 1115 2.92 -32.81 -14.84
CA GLY A 1115 2.62 -32.99 -13.44
C GLY A 1115 1.50 -32.10 -12.94
N ARG A 1116 0.87 -32.50 -11.85
CA ARG A 1116 -0.22 -31.73 -11.27
C ARG A 1116 0.32 -30.51 -10.54
N LEU A 1117 -0.57 -29.54 -10.32
CA LEU A 1117 -0.19 -28.34 -9.58
C LEU A 1117 0.15 -28.67 -8.14
N LYS A 1118 1.17 -28.02 -7.61
CA LYS A 1118 1.70 -28.34 -6.29
C LYS A 1118 1.83 -27.07 -5.45
N PHE A 1119 1.47 -27.20 -4.18
CA PHE A 1119 1.68 -26.16 -3.18
C PHE A 1119 2.32 -26.80 -1.95
N SER A 1120 2.90 -25.95 -1.11
CA SER A 1120 3.49 -26.38 0.15
C SER A 1120 2.97 -25.48 1.27
N LEU A 1121 2.84 -26.05 2.47
CA LEU A 1121 2.30 -25.30 3.59
C LEU A 1121 3.39 -24.50 4.32
N SER A 1122 2.98 -23.35 4.85
CA SER A 1122 3.84 -22.55 5.72
C SER A 1122 2.95 -21.73 6.65
N TYR A 1123 3.58 -20.93 7.51
CA TYR A 1123 2.84 -20.12 8.47
C TYR A 1123 3.17 -18.64 8.30
N LYS A 1124 2.45 -17.80 9.02
CA LYS A 1124 2.57 -16.36 8.92
C LYS A 1124 2.74 -15.75 10.30
N GLU A 1125 3.47 -14.64 10.36
CA GLU A 1125 3.63 -13.86 11.58
C GLU A 1125 2.70 -12.66 11.52
N GLN A 1126 1.85 -12.50 12.53
CA GLN A 1126 0.89 -11.42 12.56
C GLN A 1126 0.43 -11.18 13.99
N VAL A 1127 -0.23 -10.05 14.20
CA VAL A 1127 -0.82 -9.71 15.49
C VAL A 1127 -2.16 -10.42 15.58
N GLY A 1128 -2.22 -11.48 16.38
CA GLY A 1128 -3.45 -12.23 16.53
C GLY A 1128 -3.27 -13.73 16.46
N GLY A 1129 -4.22 -14.42 15.83
CA GLY A 1129 -4.19 -15.85 15.74
C GLY A 1129 -3.29 -16.35 14.63
N ASN A 1130 -3.40 -17.64 14.36
CA ASN A 1130 -2.57 -18.29 13.36
C ASN A 1130 -3.19 -18.15 11.97
N ARG A 1131 -2.36 -18.39 10.95
CA ARG A 1131 -2.82 -18.34 9.57
C ARG A 1131 -1.85 -19.14 8.72
N GLU A 1132 -2.37 -20.03 7.89
CA GLU A 1132 -1.55 -20.86 7.02
C GLU A 1132 -1.41 -20.22 5.65
N LEU A 1133 -0.31 -20.55 4.97
CA LEU A 1133 0.03 -19.97 3.69
C LEU A 1133 0.43 -21.07 2.71
N TYR A 1134 0.13 -20.85 1.44
CA TYR A 1134 0.47 -21.77 0.36
C TYR A 1134 1.61 -21.19 -0.46
N ILE A 1135 2.59 -22.02 -0.80
CA ILE A 1135 3.69 -21.62 -1.65
C ILE A 1135 3.75 -22.58 -2.83
N GLY A 1136 3.58 -22.04 -4.05
CA GLY A 1136 3.61 -22.85 -5.25
C GLY A 1136 4.93 -22.72 -6.00
N ASP A 1137 5.10 -23.61 -6.98
CA ASP A 1137 6.26 -23.54 -7.86
C ASP A 1137 5.96 -22.57 -9.01
N LEU A 1138 6.91 -22.47 -9.95
CA LEU A 1138 6.83 -21.43 -10.97
C LEU A 1138 5.65 -21.64 -11.90
N ARG A 1139 5.43 -22.87 -12.37
CA ARG A 1139 4.36 -23.11 -13.33
C ARG A 1139 2.98 -22.89 -12.72
N THR A 1140 2.78 -23.35 -11.47
CA THR A 1140 1.52 -23.11 -10.80
C THR A 1140 1.28 -21.62 -10.61
N LYS A 1141 2.34 -20.87 -10.28
CA LYS A 1141 2.20 -19.42 -10.14
C LYS A 1141 1.82 -18.77 -11.46
N MET A 1142 2.41 -19.23 -12.57
CA MET A 1142 2.07 -18.69 -13.87
C MET A 1142 0.60 -18.93 -14.21
N PHE A 1143 0.13 -20.17 -14.02
CA PHE A 1143 -1.25 -20.49 -14.33
C PHE A 1143 -2.22 -19.71 -13.43
N THR A 1144 -1.88 -19.62 -12.14
CA THR A 1144 -2.71 -18.84 -11.22
C THR A 1144 -2.75 -17.37 -11.62
N ARG A 1145 -1.63 -16.83 -12.08
CA ARG A 1145 -1.60 -15.44 -12.54
C ARG A 1145 -2.49 -15.26 -13.75
N LEU A 1146 -2.49 -16.23 -14.69
CA LEU A 1146 -3.38 -16.15 -15.84
C LEU A 1146 -4.84 -16.12 -15.38
N ILE A 1147 -5.21 -17.02 -14.47
CA ILE A 1147 -6.58 -17.07 -14.00
C ILE A 1147 -6.96 -15.76 -13.31
N GLU A 1148 -6.07 -15.25 -12.45
CA GLU A 1148 -6.35 -14.02 -11.72
C GLU A 1148 -6.52 -12.83 -12.66
N ASP A 1149 -5.67 -12.73 -13.68
CA ASP A 1149 -5.81 -11.64 -14.64
C ASP A 1149 -7.13 -11.73 -15.39
N TYR A 1150 -7.51 -12.95 -15.80
CA TYR A 1150 -8.78 -13.10 -16.51
C TYR A 1150 -9.95 -12.68 -15.63
N PHE A 1151 -9.96 -13.12 -14.37
CA PHE A 1151 -11.09 -12.80 -13.51
C PHE A 1151 -11.09 -11.34 -13.08
N GLU A 1152 -9.91 -10.72 -12.96
CA GLU A 1152 -9.86 -9.29 -12.70
C GLU A 1152 -10.44 -8.49 -13.86
N ALA A 1153 -10.09 -8.88 -15.10
CA ALA A 1153 -10.67 -8.21 -16.26
C ALA A 1153 -12.17 -8.43 -16.31
N LEU A 1154 -12.63 -9.63 -15.94
CA LEU A 1154 -14.06 -9.90 -15.93
C LEU A 1154 -14.79 -9.04 -14.90
N SER A 1155 -14.22 -8.90 -13.69
CA SER A 1155 -14.86 -8.15 -12.63
C SER A 1155 -14.73 -6.64 -12.81
N LEU A 1156 -13.79 -6.17 -13.64
CA LEU A 1156 -13.62 -4.74 -13.84
C LEU A 1156 -14.83 -4.09 -14.51
N GLN A 1157 -15.73 -4.89 -15.09
CA GLN A 1157 -16.84 -4.38 -15.87
C GLN A 1157 -18.12 -4.26 -15.05
N LEU A 1158 -18.04 -4.33 -13.73
CA LEU A 1158 -19.19 -4.16 -12.86
C LEU A 1158 -18.81 -3.21 -11.72
N SER A 1159 -19.80 -2.50 -11.21
CA SER A 1159 -19.60 -1.50 -10.17
C SER A 1159 -19.91 -2.09 -8.80
N GLY A 1160 -19.20 -1.59 -7.79
CA GLY A 1160 -19.41 -2.01 -6.41
C GLY A 1160 -18.24 -2.74 -5.79
N SER A 1161 -17.13 -2.95 -6.50
CA SER A 1161 -15.96 -3.63 -5.96
C SER A 1161 -14.84 -2.63 -5.75
N CYS A 1162 -14.22 -2.66 -4.58
CA CYS A 1162 -13.16 -1.72 -4.22
C CYS A 1162 -11.79 -2.37 -4.18
N LEU A 1163 -11.67 -3.62 -4.63
CA LEU A 1163 -10.38 -4.31 -4.53
C LEU A 1163 -9.35 -3.70 -5.48
N ASN A 1164 -9.76 -3.35 -6.70
CA ASN A 1164 -8.86 -2.79 -7.70
C ASN A 1164 -9.40 -1.48 -8.24
N ASN A 1165 -10.03 -0.67 -7.38
CA ASN A 1165 -10.61 0.60 -7.81
C ASN A 1165 -10.62 1.55 -6.61
N GLU A 1166 -9.68 2.49 -6.58
CA GLU A 1166 -9.60 3.42 -5.47
C GLU A 1166 -10.74 4.43 -5.48
N ARG A 1167 -11.21 4.82 -6.68
CA ARG A 1167 -12.35 5.72 -6.76
C ARG A 1167 -13.58 5.09 -6.13
N GLU A 1168 -13.77 3.79 -6.32
CA GLU A 1168 -14.88 3.10 -5.69
C GLU A 1168 -14.74 3.12 -4.16
N PHE A 1169 -13.52 2.97 -3.67
CA PHE A 1169 -13.28 3.05 -2.23
C PHE A 1169 -13.61 4.44 -1.68
N GLU A 1170 -13.21 5.48 -2.41
CA GLU A 1170 -13.54 6.85 -1.99
C GLU A 1170 -15.05 7.07 -1.98
N ASN A 1171 -15.74 6.58 -3.01
CA ASN A 1171 -17.19 6.70 -3.05
C ASN A 1171 -17.84 5.94 -1.89
N ALA A 1172 -17.31 4.76 -1.57
CA ALA A 1172 -17.83 4.00 -0.44
C ALA A 1172 -17.66 4.75 0.87
N ILE A 1173 -16.49 5.37 1.08
CA ILE A 1173 -16.26 6.13 2.29
C ILE A 1173 -17.22 7.32 2.37
N LEU A 1174 -17.39 8.03 1.27
CA LEU A 1174 -18.30 9.18 1.27
C LEU A 1174 -19.74 8.75 1.54
N SER A 1175 -20.17 7.65 0.92
CA SER A 1175 -21.53 7.15 1.15
C SER A 1175 -21.73 6.71 2.59
N MET A 1176 -20.70 6.07 3.18
CA MET A 1176 -20.80 5.66 4.57
C MET A 1176 -20.93 6.86 5.50
N LYS A 1177 -20.12 7.89 5.26
CA LYS A 1177 -20.22 9.10 6.08
C LYS A 1177 -21.58 9.76 5.94
N LEU A 1178 -22.09 9.85 4.71
CA LEU A 1178 -23.42 10.43 4.49
C LEU A 1178 -24.50 9.62 5.19
N ASN A 1179 -24.38 8.28 5.14
CA ASN A 1179 -25.38 7.43 5.80
C ASN A 1179 -25.35 7.64 7.31
N VAL A 1180 -24.16 7.74 7.90
CA VAL A 1180 -24.08 7.95 9.33
C VAL A 1180 -24.63 9.32 9.71
N SER A 1181 -24.37 10.33 8.89
CA SER A 1181 -24.83 11.68 9.21
C SER A 1181 -26.35 11.77 9.24
N LEU A 1182 -27.04 10.90 8.51
CA LEU A 1182 -28.50 10.89 8.47
C LEU A 1182 -29.13 9.92 9.46
N ALA A 1183 -28.32 9.27 10.30
CA ALA A 1183 -28.81 8.35 11.32
C ALA A 1183 -29.56 7.17 10.73
N HIS A 1184 -29.14 6.71 9.56
CA HIS A 1184 -29.70 5.50 8.96
C HIS A 1184 -28.99 4.26 9.50
N VAL A 1185 -29.59 3.11 9.25
CA VAL A 1185 -29.05 1.85 9.71
C VAL A 1185 -27.89 1.43 8.83
N SER A 1186 -26.80 0.98 9.45
CA SER A 1186 -25.60 0.54 8.75
C SER A 1186 -25.23 -0.86 9.21
N TYR A 1187 -24.63 -1.62 8.30
CA TYR A 1187 -24.28 -3.01 8.54
C TYR A 1187 -22.81 -3.21 8.17
N SER A 1188 -21.99 -3.56 9.14
CA SER A 1188 -20.57 -3.83 8.92
C SER A 1188 -20.35 -5.33 9.04
N MET A 1189 -19.85 -5.96 7.97
CA MET A 1189 -19.80 -7.40 7.88
C MET A 1189 -18.39 -7.87 7.55
N ASP A 1190 -17.98 -8.95 8.21
CA ASP A 1190 -16.87 -9.79 7.79
C ASP A 1190 -17.37 -11.22 7.73
N HIS A 1191 -16.62 -12.07 7.05
CA HIS A 1191 -17.00 -13.46 6.88
C HIS A 1191 -16.00 -14.38 7.57
N SER A 1192 -16.50 -15.49 8.09
CA SER A 1192 -15.68 -16.43 8.85
C SER A 1192 -15.01 -17.41 7.89
N LYS A 1193 -13.68 -17.44 7.92
CA LYS A 1193 -12.88 -18.37 7.12
C LYS A 1193 -13.25 -18.29 5.65
N TRP A 1194 -13.03 -17.10 5.08
CA TRP A 1194 -13.36 -16.86 3.68
C TRP A 1194 -12.53 -17.74 2.75
N GLY A 1195 -11.24 -17.89 3.06
CA GLY A 1195 -10.36 -18.68 2.25
C GLY A 1195 -10.60 -20.18 2.35
N PRO A 1196 -10.40 -20.75 3.54
CA PRO A 1196 -10.51 -22.21 3.69
C PRO A 1196 -11.91 -22.77 3.49
N MET A 1197 -12.91 -21.95 3.18
CA MET A 1197 -14.25 -22.46 2.87
C MET A 1197 -14.60 -22.40 1.40
N MET A 1198 -14.14 -21.37 0.68
CA MET A 1198 -14.34 -21.33 -0.76
C MET A 1198 -13.57 -22.45 -1.44
N CYS A 1199 -14.09 -22.90 -2.58
CA CYS A 1199 -13.46 -23.97 -3.35
C CYS A 1199 -13.47 -23.61 -4.81
N PRO A 1200 -12.49 -24.09 -5.58
CA PRO A 1200 -12.51 -23.85 -7.04
C PRO A 1200 -13.72 -24.47 -7.71
N PHE A 1201 -14.28 -25.53 -7.14
CA PHE A 1201 -15.45 -26.17 -7.74
C PHE A 1201 -16.66 -25.24 -7.74
N LEU A 1202 -16.81 -24.44 -6.69
CA LEU A 1202 -17.90 -23.47 -6.66
C LEU A 1202 -17.75 -22.43 -7.77
N PHE A 1203 -16.52 -21.95 -7.98
CA PHE A 1203 -16.28 -21.00 -9.07
C PHE A 1203 -16.55 -21.63 -10.42
N LEU A 1204 -16.13 -22.89 -10.60
CA LEU A 1204 -16.40 -23.59 -11.85
C LEU A 1204 -17.89 -23.75 -12.10
N ALA A 1205 -18.64 -24.15 -11.06
CA ALA A 1205 -20.08 -24.33 -11.21
C ALA A 1205 -20.77 -23.00 -11.52
N THR A 1206 -20.34 -21.92 -10.88
CA THR A 1206 -20.92 -20.61 -11.17
C THR A 1206 -20.60 -20.18 -12.60
N LEU A 1207 -19.36 -20.43 -13.05
CA LEU A 1207 -18.96 -20.01 -14.39
C LEU A 1207 -19.70 -20.80 -15.46
N GLN A 1208 -19.93 -22.10 -15.22
CA GLN A 1208 -20.59 -22.92 -16.22
C GLN A 1208 -22.03 -22.52 -16.49
N ASN A 1209 -22.64 -21.71 -15.63
CA ASN A 1209 -24.03 -21.32 -15.78
C ASN A 1209 -24.23 -19.85 -16.08
N LEU A 1210 -23.15 -19.07 -16.20
CA LEU A 1210 -23.25 -17.64 -16.48
C LEU A 1210 -22.99 -17.40 -17.97
N ILE A 1211 -23.72 -16.43 -18.53
CA ILE A 1211 -23.58 -16.03 -19.92
C ILE A 1211 -23.32 -14.53 -19.96
N PHE A 1212 -22.17 -14.14 -20.47
CA PHE A 1212 -21.79 -12.73 -20.51
C PHE A 1212 -22.18 -12.08 -21.83
N LEU A 1213 -21.78 -12.67 -22.95
CA LEU A 1213 -22.14 -12.16 -24.28
C LEU A 1213 -23.35 -12.96 -24.76
N SER A 1214 -24.54 -12.45 -24.44
CA SER A 1214 -25.78 -13.16 -24.73
C SER A 1214 -26.11 -13.24 -26.22
N LYS A 1215 -25.46 -12.43 -27.05
CA LYS A 1215 -25.71 -12.45 -28.49
C LYS A 1215 -24.48 -12.83 -29.29
N ASP A 1216 -23.44 -13.34 -28.63
CA ASP A 1216 -22.18 -13.71 -29.27
C ASP A 1216 -21.71 -15.08 -28.77
N LEU A 1217 -22.61 -16.07 -28.83
CA LEU A 1217 -22.32 -17.37 -28.22
C LEU A 1217 -21.37 -18.20 -29.06
N GLN A 1218 -20.21 -17.65 -29.37
CA GLN A 1218 -19.11 -18.39 -29.97
C GLN A 1218 -17.79 -18.17 -29.24
N ALA A 1219 -17.53 -16.95 -28.78
CA ALA A 1219 -16.37 -16.70 -27.93
C ALA A 1219 -16.61 -17.16 -26.50
N ASP A 1220 -17.87 -17.08 -26.05
CA ASP A 1220 -18.19 -17.51 -24.69
C ASP A 1220 -17.89 -18.99 -24.50
N ILE A 1221 -18.20 -19.82 -25.50
CA ILE A 1221 -17.99 -21.25 -25.37
C ILE A 1221 -16.52 -21.57 -25.15
N LYS A 1222 -15.65 -21.01 -25.98
CA LYS A 1222 -14.22 -21.33 -25.87
C LYS A 1222 -13.60 -20.70 -24.63
N GLY A 1223 -14.01 -19.47 -24.29
CA GLY A 1223 -13.51 -18.87 -23.06
C GLY A 1223 -13.90 -19.67 -21.83
N ARG A 1224 -15.16 -20.10 -21.76
CA ARG A 1224 -15.61 -20.91 -20.64
C ARG A 1224 -14.90 -22.26 -20.62
N ASP A 1225 -14.64 -22.84 -21.80
CA ASP A 1225 -13.91 -24.11 -21.84
C ASP A 1225 -12.50 -23.97 -21.28
N TYR A 1226 -11.79 -22.92 -21.71
CA TYR A 1226 -10.42 -22.71 -21.21
C TYR A 1226 -10.42 -22.46 -19.71
N LEU A 1227 -11.30 -21.58 -19.23
CA LEU A 1227 -11.34 -21.26 -17.81
C LEU A 1227 -11.76 -22.48 -17.00
N SER A 1228 -12.66 -23.31 -17.53
CA SER A 1228 -13.06 -24.52 -16.85
C SER A 1228 -11.91 -25.50 -16.74
N THR A 1229 -11.10 -25.63 -17.80
CA THR A 1229 -9.93 -26.49 -17.73
C THR A 1229 -8.96 -26.01 -16.66
N LEU A 1230 -8.70 -24.70 -16.62
CA LEU A 1230 -7.79 -24.17 -15.61
C LEU A 1230 -8.34 -24.37 -14.20
N LEU A 1231 -9.65 -24.15 -14.02
CA LEU A 1231 -10.25 -24.31 -12.70
C LEU A 1231 -10.24 -25.77 -12.25
N THR A 1232 -10.41 -26.70 -13.19
CA THR A 1232 -10.28 -28.12 -12.82
C THR A 1232 -8.84 -28.47 -12.44
N TRP A 1233 -7.87 -27.91 -13.17
CA TRP A 1233 -6.47 -28.08 -12.77
C TRP A 1233 -6.27 -27.60 -11.34
N HIS A 1234 -6.84 -26.45 -10.99
CA HIS A 1234 -6.73 -25.97 -9.62
C HIS A 1234 -7.47 -26.87 -8.64
N MET A 1235 -8.58 -27.48 -9.08
CA MET A 1235 -9.31 -28.42 -8.24
C MET A 1235 -8.46 -29.64 -7.88
N HIS A 1236 -7.66 -30.12 -8.82
CA HIS A 1236 -6.88 -31.34 -8.62
C HIS A 1236 -5.46 -31.05 -8.12
N LYS A 1237 -5.28 -30.01 -7.30
CA LYS A 1237 -3.97 -29.66 -6.80
C LYS A 1237 -3.56 -30.57 -5.63
N MET A 1238 -2.26 -30.55 -5.34
CA MET A 1238 -1.69 -31.33 -4.24
C MET A 1238 -0.96 -30.39 -3.29
N VAL A 1239 -1.20 -30.54 -1.99
CA VAL A 1239 -0.63 -29.69 -0.96
C VAL A 1239 0.34 -30.51 -0.13
N GLU A 1240 1.50 -29.94 0.17
CA GLU A 1240 2.59 -30.63 0.85
C GLU A 1240 2.66 -30.23 2.31
N ILE A 1241 2.65 -31.23 3.17
CA ILE A 1241 2.80 -31.07 4.62
C ILE A 1241 4.25 -30.70 4.94
N PRO A 1242 4.51 -29.79 5.87
CA PRO A 1242 5.90 -29.44 6.19
C PRO A 1242 6.66 -30.62 6.78
N PHE A 1243 7.98 -30.61 6.57
CA PHE A 1243 8.84 -31.70 7.03
C PHE A 1243 8.95 -31.72 8.54
N ASN A 1244 9.05 -30.54 9.17
CA ASN A 1244 9.19 -30.49 10.62
C ASN A 1244 7.96 -31.05 11.32
N VAL A 1245 6.77 -30.78 10.79
CA VAL A 1245 5.55 -31.31 11.37
C VAL A 1245 5.56 -32.83 11.33
N VAL A 1246 5.97 -33.40 10.18
CA VAL A 1246 5.99 -34.85 10.04
C VAL A 1246 7.01 -35.47 10.99
N SER A 1247 8.18 -34.85 11.11
CA SER A 1247 9.20 -35.38 12.02
C SER A 1247 8.72 -35.33 13.48
N ALA A 1248 8.09 -34.22 13.87
CA ALA A 1248 7.58 -34.10 15.24
C ALA A 1248 6.50 -35.13 15.50
N MET A 1249 5.60 -35.35 14.54
CA MET A 1249 4.54 -36.34 14.73
C MET A 1249 5.13 -37.75 14.81
N MET A 1250 6.17 -38.03 14.02
CA MET A 1250 6.79 -39.35 14.09
C MET A 1250 7.46 -39.57 15.44
N LYS A 1251 8.16 -38.56 15.95
CA LYS A 1251 8.77 -38.70 17.28
C LYS A 1251 7.71 -38.89 18.36
N SER A 1252 6.62 -38.13 18.27
CA SER A 1252 5.53 -38.29 19.24
C SER A 1252 4.93 -39.68 19.17
N PHE A 1253 4.74 -40.21 17.95
CA PHE A 1253 4.21 -41.56 17.80
C PHE A 1253 5.14 -42.60 18.40
N ILE A 1254 6.45 -42.45 18.16
CA ILE A 1254 7.40 -43.41 18.72
C ILE A 1254 7.38 -43.36 20.24
N LYS A 1255 7.35 -42.15 20.82
CA LYS A 1255 7.33 -42.05 22.27
C LYS A 1255 6.04 -42.61 22.87
N ALA A 1256 4.90 -42.32 22.25
CA ALA A 1256 3.62 -42.80 22.78
C ALA A 1256 3.50 -44.31 22.65
N GLN A 1257 3.98 -44.88 21.54
CA GLN A 1257 3.85 -46.32 21.32
C GLN A 1257 4.68 -47.11 22.32
N LEU A 1258 5.76 -46.54 22.84
CA LEU A 1258 6.64 -47.22 23.77
C LEU A 1258 6.25 -47.03 25.22
N GLY A 1259 5.17 -46.31 25.49
CA GLY A 1259 4.70 -46.09 26.85
C GLY A 1259 5.35 -44.94 27.58
N LEU A 1260 6.23 -44.17 26.93
CA LEU A 1260 6.89 -43.06 27.60
C LEU A 1260 5.93 -41.90 27.84
N LYS A 1261 5.12 -41.56 26.83
CA LYS A 1261 4.20 -40.43 26.94
C LYS A 1261 2.90 -40.89 27.62
N LYS A 1262 2.10 -39.89 28.02
CA LYS A 1262 0.80 -40.14 28.63
C LYS A 1262 -0.24 -40.36 27.55
N LYS A 1263 -1.51 -40.33 27.94
CA LYS A 1263 -2.62 -40.65 27.05
C LYS A 1263 -3.75 -39.65 27.32
N THR A 1264 -4.95 -40.01 26.86
CA THR A 1264 -6.23 -39.36 27.14
C THR A 1264 -6.59 -38.30 26.09
N THR A 1265 -5.79 -37.25 25.97
CA THR A 1265 -6.13 -36.13 25.08
C THR A 1265 -6.31 -36.60 23.65
N GLN A 1266 -5.23 -37.07 23.02
CA GLN A 1266 -5.28 -37.77 21.74
C GLN A 1266 -6.07 -36.98 20.70
N SER A 1267 -5.49 -35.83 20.32
CA SER A 1267 -6.12 -34.95 19.35
C SER A 1267 -6.37 -35.67 18.03
N ILE A 1268 -7.30 -35.12 17.24
CA ILE A 1268 -7.75 -35.79 16.02
C ILE A 1268 -6.63 -35.83 14.98
N THR A 1269 -5.84 -34.77 14.90
CA THR A 1269 -4.69 -34.79 13.98
C THR A 1269 -3.69 -35.88 14.39
N GLU A 1270 -3.46 -36.03 15.69
CA GLU A 1270 -2.59 -37.10 16.17
C GLU A 1270 -3.17 -38.46 15.83
N ASP A 1271 -4.49 -38.61 15.95
CA ASP A 1271 -5.12 -39.87 15.59
C ASP A 1271 -4.95 -40.19 14.12
N PHE A 1272 -5.12 -39.18 13.26
CA PHE A 1272 -4.92 -39.37 11.82
C PHE A 1272 -3.49 -39.81 11.53
N PHE A 1273 -2.52 -39.10 12.11
CA PHE A 1273 -1.12 -39.44 11.87
C PHE A 1273 -0.79 -40.83 12.38
N TYR A 1274 -1.29 -41.21 13.56
CA TYR A 1274 -1.01 -42.52 14.12
C TYR A 1274 -1.64 -43.62 13.27
N SER A 1275 -2.87 -43.40 12.81
CA SER A 1275 -3.52 -44.40 11.96
C SER A 1275 -2.76 -44.60 10.68
N ASN A 1276 -2.24 -43.52 10.09
CA ASN A 1276 -1.43 -43.67 8.89
C ASN A 1276 -0.10 -44.36 9.19
N PHE A 1277 0.50 -44.05 10.34
CA PHE A 1277 1.81 -44.62 10.67
C PHE A 1277 1.72 -46.11 10.96
N GLN A 1278 0.63 -46.56 11.57
CA GLN A 1278 0.53 -47.95 12.00
C GLN A 1278 0.62 -48.92 10.81
N ILE A 1279 -0.06 -48.60 9.71
CA ILE A 1279 0.00 -49.46 8.54
C ILE A 1279 1.31 -49.30 7.77
N GLY A 1280 2.05 -48.23 8.03
CA GLY A 1280 3.31 -47.99 7.37
C GLY A 1280 3.28 -46.97 6.25
N VAL A 1281 2.45 -45.93 6.37
CA VAL A 1281 2.31 -44.91 5.34
C VAL A 1281 2.57 -43.55 5.98
N VAL A 1282 3.44 -42.76 5.35
CA VAL A 1282 3.75 -41.41 5.80
C VAL A 1282 2.93 -40.44 4.96
N PRO A 1283 2.01 -39.68 5.55
CA PRO A 1283 1.23 -38.72 4.76
C PRO A 1283 2.10 -37.59 4.23
N SER A 1284 2.30 -37.56 2.91
CA SER A 1284 3.16 -36.58 2.27
C SER A 1284 2.38 -35.45 1.62
N HIS A 1285 1.40 -35.78 0.77
CA HIS A 1285 0.57 -34.79 0.11
C HIS A 1285 -0.89 -35.09 0.39
N VAL A 1286 -1.69 -34.03 0.44
CA VAL A 1286 -3.13 -34.13 0.69
C VAL A 1286 -3.86 -33.32 -0.37
N SER A 1287 -4.83 -33.94 -1.02
CA SER A 1287 -5.68 -33.28 -2.00
C SER A 1287 -7.13 -33.37 -1.56
N SER A 1288 -7.84 -32.25 -1.66
CA SER A 1288 -9.23 -32.19 -1.26
C SER A 1288 -9.97 -31.17 -2.12
N ILE A 1289 -11.29 -31.31 -2.16
CA ILE A 1289 -12.12 -30.42 -2.97
C ILE A 1289 -12.54 -29.16 -2.23
N LEU A 1290 -12.24 -29.05 -0.94
CA LEU A 1290 -12.83 -28.01 -0.11
C LEU A 1290 -12.03 -26.72 -0.09
N ASP A 1291 -10.73 -26.81 0.22
CA ASP A 1291 -9.96 -25.61 0.51
C ASP A 1291 -9.53 -24.90 -0.77
N MET A 1292 -9.58 -23.57 -0.72
CA MET A 1292 -8.98 -22.70 -1.70
C MET A 1292 -7.87 -21.90 -1.01
N GLY A 1293 -6.72 -21.81 -1.67
CA GLY A 1293 -5.54 -21.21 -1.07
C GLY A 1293 -5.75 -19.86 -0.41
N GLN A 1294 -4.94 -19.57 0.60
CA GLN A 1294 -5.07 -18.31 1.35
C GLN A 1294 -4.59 -17.15 0.48
N GLY A 1295 -5.52 -16.50 -0.21
CA GLY A 1295 -5.18 -15.42 -1.12
C GLY A 1295 -4.75 -15.86 -2.50
N ILE A 1296 -4.74 -17.16 -2.78
CA ILE A 1296 -4.29 -17.64 -4.08
C ILE A 1296 -5.26 -17.20 -5.18
N LEU A 1297 -6.55 -17.41 -4.97
CA LEU A 1297 -7.60 -16.99 -5.89
C LEU A 1297 -8.36 -15.85 -5.21
N HIS A 1298 -7.86 -14.62 -5.40
CA HIS A 1298 -8.42 -13.45 -4.73
C HIS A 1298 -9.46 -12.75 -5.59
N ASN A 1299 -9.13 -12.50 -6.85
CA ASN A 1299 -10.05 -11.78 -7.73
C ASN A 1299 -11.31 -12.60 -8.04
N THR A 1300 -11.16 -13.93 -8.16
CA THR A 1300 -12.33 -14.78 -8.37
C THR A 1300 -13.25 -14.71 -7.15
N SER A 1301 -12.68 -14.73 -5.95
CA SER A 1301 -13.49 -14.59 -4.74
C SER A 1301 -14.17 -13.23 -4.70
N ASP A 1302 -13.46 -12.18 -5.11
CA ASP A 1302 -14.07 -10.85 -5.15
C ASP A 1302 -15.26 -10.81 -6.10
N PHE A 1303 -15.10 -11.39 -7.29
CA PHE A 1303 -16.18 -11.41 -8.27
C PHE A 1303 -17.38 -12.19 -7.75
N TYR A 1304 -17.13 -13.36 -7.15
CA TYR A 1304 -18.21 -14.16 -6.60
C TYR A 1304 -18.94 -13.42 -5.48
N ALA A 1305 -18.18 -12.76 -4.60
CA ALA A 1305 -18.81 -12.00 -3.53
C ALA A 1305 -19.64 -10.86 -4.09
N LEU A 1306 -19.14 -10.18 -5.12
CA LEU A 1306 -19.89 -9.09 -5.73
C LEU A 1306 -21.23 -9.57 -6.27
N ILE A 1307 -21.21 -10.63 -7.08
CA ILE A 1307 -22.46 -11.08 -7.69
C ILE A 1307 -23.42 -11.66 -6.63
N SER A 1308 -22.88 -12.38 -5.64
CA SER A 1308 -23.72 -12.93 -4.60
C SER A 1308 -24.39 -11.84 -3.78
N GLU A 1309 -23.65 -10.79 -3.43
CA GLU A 1309 -24.24 -9.71 -2.66
C GLU A 1309 -25.26 -8.94 -3.49
N ARG A 1310 -25.00 -8.77 -4.79
CA ARG A 1310 -25.98 -8.14 -5.66
C ARG A 1310 -27.28 -8.93 -5.66
N PHE A 1311 -27.19 -10.26 -5.79
CA PHE A 1311 -28.39 -11.08 -5.78
C PHE A 1311 -29.12 -11.03 -4.44
N ILE A 1312 -28.37 -11.04 -3.34
CA ILE A 1312 -29.00 -11.02 -2.02
C ILE A 1312 -29.73 -9.71 -1.81
N ASN A 1313 -29.11 -8.59 -2.20
CA ASN A 1313 -29.78 -7.30 -2.10
C ASN A 1313 -31.02 -7.25 -2.98
N TYR A 1314 -30.94 -7.82 -4.18
CA TYR A 1314 -32.12 -7.87 -5.06
C TYR A 1314 -33.25 -8.66 -4.41
N ALA A 1315 -32.93 -9.81 -3.81
CA ALA A 1315 -33.95 -10.62 -3.17
C ALA A 1315 -34.58 -9.88 -1.98
N ILE A 1316 -33.75 -9.21 -1.17
CA ILE A 1316 -34.27 -8.45 -0.04
C ILE A 1316 -35.20 -7.35 -0.53
N SER A 1317 -34.80 -6.63 -1.59
CA SER A 1317 -35.66 -5.60 -2.15
C SER A 1317 -36.93 -6.18 -2.73
N CYS A 1318 -36.88 -7.43 -3.22
CA CYS A 1318 -38.10 -8.08 -3.68
C CYS A 1318 -39.05 -8.39 -2.53
N ILE A 1319 -38.51 -8.80 -1.39
CA ILE A 1319 -39.38 -9.17 -0.26
C ILE A 1319 -39.99 -7.92 0.37
N CYS A 1320 -39.15 -7.03 0.88
CA CYS A 1320 -39.62 -5.81 1.52
C CYS A 1320 -39.72 -4.70 0.46
N GLY A 1321 -39.89 -3.46 0.90
CA GLY A 1321 -39.95 -2.34 -0.02
C GLY A 1321 -38.69 -1.50 -0.04
N GLY A 1322 -37.74 -1.81 0.86
CA GLY A 1322 -36.55 -1.02 1.00
C GLY A 1322 -35.47 -1.37 0.00
N THR A 1323 -34.38 -0.60 0.06
CA THR A 1323 -33.23 -0.78 -0.82
C THR A 1323 -31.96 -0.75 0.01
N ILE A 1324 -30.98 -1.55 -0.40
CA ILE A 1324 -29.70 -1.67 0.30
C ILE A 1324 -28.59 -1.39 -0.69
N ASP A 1325 -27.62 -0.57 -0.28
CA ASP A 1325 -26.45 -0.26 -1.10
C ASP A 1325 -25.21 -0.86 -0.45
N ALA A 1326 -24.52 -1.73 -1.16
CA ALA A 1326 -23.45 -2.54 -0.58
C ALA A 1326 -22.12 -2.29 -1.28
N TYR A 1327 -21.05 -2.31 -0.50
CA TYR A 1327 -19.69 -2.25 -1.03
C TYR A 1327 -18.87 -3.37 -0.42
N THR A 1328 -18.16 -4.12 -1.27
CA THR A 1328 -17.31 -5.22 -0.84
C THR A 1328 -15.95 -5.10 -1.52
N SER A 1329 -14.90 -5.58 -0.84
CA SER A 1329 -13.59 -5.64 -1.46
C SER A 1329 -13.11 -7.08 -1.64
N SER A 1330 -12.92 -7.84 -0.55
CA SER A 1330 -12.67 -9.28 -0.66
C SER A 1330 -13.70 -10.08 0.11
N ASP A 1331 -13.85 -9.83 1.40
CA ASP A 1331 -14.94 -10.37 2.20
C ASP A 1331 -15.50 -9.34 3.17
N ASP A 1332 -14.80 -8.23 3.40
CA ASP A 1332 -15.33 -7.14 4.17
C ASP A 1332 -16.44 -6.45 3.39
N GLN A 1333 -17.50 -6.04 4.08
CA GLN A 1333 -18.65 -5.47 3.40
C GLN A 1333 -19.26 -4.38 4.27
N ILE A 1334 -19.69 -3.30 3.61
CA ILE A 1334 -20.45 -2.24 4.25
C ILE A 1334 -21.77 -2.10 3.52
N SER A 1335 -22.87 -2.19 4.26
CA SER A 1335 -24.22 -2.12 3.70
C SER A 1335 -24.95 -0.93 4.31
N LEU A 1336 -25.56 -0.11 3.46
CA LEU A 1336 -26.29 1.07 3.86
C LEU A 1336 -27.76 0.88 3.53
N PHE A 1337 -28.61 1.02 4.54
CA PHE A 1337 -30.05 0.90 4.35
C PHE A 1337 -30.67 2.26 4.09
N ASP A 1338 -31.81 2.25 3.41
CA ASP A 1338 -32.48 3.48 3.04
C ASP A 1338 -33.43 3.90 4.16
N GLN A 1339 -34.25 4.91 3.89
CA GLN A 1339 -35.19 5.40 4.90
C GLN A 1339 -36.26 4.37 5.24
N VAL A 1340 -36.69 3.58 4.24
CA VAL A 1340 -37.78 2.64 4.47
C VAL A 1340 -37.40 1.60 5.50
N LEU A 1341 -36.18 1.04 5.40
CA LEU A 1341 -35.77 0.00 6.34
C LEU A 1341 -35.59 0.56 7.74
N THR A 1342 -35.05 1.78 7.86
CA THR A 1342 -34.91 2.39 9.17
C THR A 1342 -36.27 2.65 9.81
N GLU A 1343 -37.23 3.15 9.02
CA GLU A 1343 -38.58 3.35 9.54
C GLU A 1343 -39.21 2.03 9.95
N LEU A 1344 -38.99 0.97 9.16
CA LEU A 1344 -39.52 -0.35 9.52
C LEU A 1344 -38.93 -0.84 10.82
N MET A 1345 -37.62 -0.63 11.01
CA MET A 1345 -37.00 -1.00 12.28
C MET A 1345 -37.59 -0.22 13.44
N GLN A 1346 -37.84 1.07 13.23
CA GLN A 1346 -38.41 1.89 14.30
C GLN A 1346 -39.84 1.50 14.63
N ARG A 1347 -40.62 1.05 13.64
CA ARG A 1347 -42.02 0.74 13.83
C ARG A 1347 -42.28 -0.73 14.15
N ASP A 1348 -41.73 -1.65 13.35
CA ASP A 1348 -42.02 -3.08 13.45
C ASP A 1348 -40.71 -3.83 13.67
N PRO A 1349 -40.26 -3.94 14.93
CA PRO A 1349 -38.98 -4.65 15.18
C PRO A 1349 -38.99 -6.10 14.74
N GLU A 1350 -40.11 -6.80 14.84
CA GLU A 1350 -40.15 -8.21 14.49
C GLU A 1350 -39.88 -8.41 13.00
N GLU A 1351 -40.48 -7.58 12.14
CA GLU A 1351 -40.27 -7.72 10.71
C GLU A 1351 -38.83 -7.42 10.33
N PHE A 1352 -38.24 -6.38 10.94
CA PHE A 1352 -36.84 -6.08 10.67
C PHE A 1352 -35.93 -7.22 11.12
N LYS A 1353 -36.20 -7.79 12.30
CA LYS A 1353 -35.37 -8.89 12.79
C LYS A 1353 -35.50 -10.10 11.88
N THR A 1354 -36.70 -10.42 11.42
CA THR A 1354 -36.85 -11.58 10.55
C THR A 1354 -36.27 -11.33 9.16
N LEU A 1355 -36.23 -10.07 8.72
CA LEU A 1355 -35.51 -9.75 7.49
C LEU A 1355 -34.02 -9.98 7.66
N ILE A 1356 -33.46 -9.60 8.81
CA ILE A 1356 -32.06 -9.89 9.09
C ILE A 1356 -31.83 -11.39 9.11
N GLU A 1357 -32.75 -12.15 9.71
CA GLU A 1357 -32.65 -13.61 9.72
C GLU A 1357 -32.63 -14.17 8.31
N PHE A 1358 -33.51 -13.66 7.45
CA PHE A 1358 -33.58 -14.15 6.08
C PHE A 1358 -32.32 -13.79 5.30
N HIS A 1359 -31.76 -12.60 5.55
CA HIS A 1359 -30.50 -12.24 4.92
C HIS A 1359 -29.39 -13.20 5.33
N TYR A 1360 -29.32 -13.52 6.62
CA TYR A 1360 -28.32 -14.48 7.09
C TYR A 1360 -28.53 -15.85 6.46
N TYR A 1361 -29.78 -16.29 6.37
CA TYR A 1361 -30.08 -17.60 5.78
C TYR A 1361 -29.69 -17.65 4.31
N MET A 1362 -30.01 -16.59 3.55
CA MET A 1362 -29.65 -16.56 2.14
C MET A 1362 -28.14 -16.51 1.95
N SER A 1363 -27.43 -15.77 2.80
CA SER A 1363 -25.98 -15.76 2.73
C SER A 1363 -25.41 -17.16 3.01
N ASP A 1364 -25.97 -17.86 3.99
CA ASP A 1364 -25.51 -19.20 4.31
C ASP A 1364 -25.77 -20.17 3.16
N GLN A 1365 -26.92 -20.02 2.49
CA GLN A 1365 -27.25 -20.92 1.39
C GLN A 1365 -26.27 -20.78 0.23
N LEU A 1366 -25.63 -19.62 0.09
CA LEU A 1366 -24.68 -19.37 -0.98
C LEU A 1366 -23.23 -19.53 -0.52
N ASN A 1367 -23.00 -20.29 0.55
CA ASN A 1367 -21.64 -20.58 1.05
C ASN A 1367 -20.93 -19.29 1.48
N LYS A 1368 -21.64 -18.45 2.22
CA LYS A 1368 -21.08 -17.22 2.77
C LYS A 1368 -21.55 -17.10 4.21
N PHE A 1369 -20.64 -17.25 5.16
CA PHE A 1369 -20.98 -17.30 6.58
C PHE A 1369 -20.58 -15.98 7.23
N VAL A 1370 -21.56 -15.31 7.84
CA VAL A 1370 -21.32 -14.01 8.47
C VAL A 1370 -20.55 -14.23 9.77
N SER A 1371 -19.48 -13.46 9.94
CA SER A 1371 -18.64 -13.57 11.13
C SER A 1371 -19.32 -12.92 12.34
N PRO A 1372 -19.02 -13.41 13.55
CA PRO A 1372 -19.58 -12.80 14.75
C PRO A 1372 -19.09 -11.37 14.98
N LYS A 1373 -18.18 -10.90 14.14
CA LYS A 1373 -17.64 -9.55 14.22
C LYS A 1373 -18.49 -8.53 13.47
N SER A 1374 -19.60 -8.96 12.89
CA SER A 1374 -20.47 -8.06 12.15
C SER A 1374 -21.45 -7.37 13.09
N VAL A 1375 -21.75 -6.10 12.81
CA VAL A 1375 -22.61 -5.30 13.67
C VAL A 1375 -23.58 -4.50 12.82
N ILE A 1376 -24.81 -4.36 13.31
CA ILE A 1376 -25.84 -3.54 12.70
C ILE A 1376 -26.19 -2.43 13.69
N GLY A 1377 -26.16 -1.19 13.22
CA GLY A 1377 -26.47 -0.08 14.12
C GLY A 1377 -26.45 1.24 13.39
N ARG A 1378 -26.84 2.28 14.13
CA ARG A 1378 -26.93 3.63 13.60
C ARG A 1378 -25.91 4.58 14.22
N PHE A 1379 -25.04 4.09 15.11
CA PHE A 1379 -24.10 4.95 15.83
C PHE A 1379 -22.71 4.94 15.22
N VAL A 1380 -22.18 3.77 14.89
CA VAL A 1380 -20.81 3.63 14.41
C VAL A 1380 -20.81 2.87 13.10
N ALA A 1381 -19.97 3.30 12.17
CA ALA A 1381 -19.74 2.57 10.93
C ALA A 1381 -18.24 2.36 10.74
N GLU A 1382 -17.90 1.29 10.02
CA GLU A 1382 -16.50 0.94 9.80
C GLU A 1382 -16.37 0.13 8.53
N PHE A 1383 -15.34 0.44 7.75
CA PHE A 1383 -15.06 -0.30 6.51
C PHE A 1383 -13.56 -0.27 6.28
N LYS A 1384 -12.92 -1.43 6.43
CA LYS A 1384 -11.47 -1.59 6.27
C LYS A 1384 -10.71 -0.66 7.22
N SER A 1385 -11.04 -0.77 8.51
CA SER A 1385 -10.34 -0.07 9.58
C SER A 1385 -10.41 1.45 9.40
N ARG A 1386 -11.61 1.96 9.14
CA ARG A 1386 -11.85 3.40 9.06
C ARG A 1386 -13.19 3.67 9.74
N PHE A 1387 -13.13 4.06 11.01
CA PHE A 1387 -14.31 4.20 11.85
C PHE A 1387 -14.91 5.59 11.71
N TYR A 1388 -16.22 5.67 11.92
CA TYR A 1388 -16.94 6.94 11.88
C TYR A 1388 -18.08 6.87 12.89
N VAL A 1389 -18.07 7.77 13.86
CA VAL A 1389 -19.06 7.78 14.95
C VAL A 1389 -19.71 9.15 14.99
N TRP A 1390 -21.03 9.18 14.81
CA TRP A 1390 -21.86 10.36 15.00
C TRP A 1390 -21.26 11.63 14.42
N GLY A 1391 -20.64 11.53 13.24
CA GLY A 1391 -20.06 12.70 12.61
C GLY A 1391 -18.69 13.09 13.11
N ASP A 1392 -17.96 12.17 13.72
CA ASP A 1392 -16.62 12.44 14.24
C ASP A 1392 -15.61 11.49 13.61
N GLU A 1393 -14.35 11.91 13.64
CA GLU A 1393 -13.24 11.09 13.15
C GLU A 1393 -12.59 10.36 14.32
N VAL A 1394 -12.24 9.10 14.09
CA VAL A 1394 -11.67 8.24 15.13
C VAL A 1394 -10.16 8.16 14.88
N PRO A 1395 -9.33 8.74 15.74
CA PRO A 1395 -7.88 8.61 15.57
C PRO A 1395 -7.38 7.26 16.04
N LEU A 1396 -6.40 6.73 15.31
CA LEU A 1396 -5.73 5.47 15.67
C LEU A 1396 -4.32 5.85 16.14
N LEU A 1397 -4.20 6.14 17.43
CA LEU A 1397 -2.97 6.67 18.00
C LEU A 1397 -2.03 5.57 18.47
N THR A 1398 -2.52 4.66 19.32
CA THR A 1398 -1.66 3.66 19.93
C THR A 1398 -1.06 2.72 18.89
N LYS A 1399 -1.82 2.38 17.85
CA LYS A 1399 -1.32 1.48 16.82
C LYS A 1399 -0.06 2.03 16.16
N PHE A 1400 -0.12 3.29 15.70
CA PHE A 1400 1.03 3.86 15.01
C PHE A 1400 2.14 4.25 15.97
N VAL A 1401 1.81 4.63 17.20
CA VAL A 1401 2.85 4.88 18.20
C VAL A 1401 3.64 3.60 18.45
N ALA A 1402 2.95 2.47 18.57
CA ALA A 1402 3.64 1.19 18.75
C ALA A 1402 4.41 0.80 17.49
N ALA A 1403 3.86 1.11 16.32
CA ALA A 1403 4.54 0.78 15.08
C ALA A 1403 5.87 1.51 14.95
N ALA A 1404 5.90 2.79 15.36
CA ALA A 1404 7.13 3.57 15.22
C ALA A 1404 8.21 3.18 16.22
N LEU A 1405 7.86 2.45 17.28
CA LEU A 1405 8.81 2.13 18.35
C LEU A 1405 9.43 0.75 18.21
N HIS A 1406 9.16 0.02 17.14
CA HIS A 1406 9.66 -1.33 17.00
C HIS A 1406 11.02 -1.36 16.30
N ASN A 1407 11.69 -2.49 16.39
CA ASN A 1407 13.03 -2.68 15.85
C ASN A 1407 12.93 -2.85 14.34
N ILE A 1408 13.05 -1.75 13.62
CA ILE A 1408 13.00 -1.77 12.15
C ILE A 1408 14.32 -2.31 11.63
N LYS A 1409 14.25 -3.30 10.74
CA LYS A 1409 15.44 -3.95 10.20
C LYS A 1409 16.08 -3.03 9.17
N CYS A 1410 16.99 -2.18 9.64
CA CYS A 1410 17.73 -1.27 8.78
C CYS A 1410 19.23 -1.59 8.87
N LYS A 1411 19.98 -1.06 7.91
CA LYS A 1411 21.40 -1.37 7.81
C LYS A 1411 22.31 -0.15 7.85
N GLU A 1412 21.84 1.03 7.45
CA GLU A 1412 22.64 2.23 7.52
C GLU A 1412 21.84 3.35 8.17
N PRO A 1413 22.51 4.31 8.82
CA PRO A 1413 21.78 5.35 9.54
C PRO A 1413 20.81 6.16 8.68
N HIS A 1414 21.16 6.46 7.43
CA HIS A 1414 20.27 7.26 6.60
C HIS A 1414 19.03 6.47 6.19
N GLN A 1415 19.19 5.17 5.92
CA GLN A 1415 18.02 4.33 5.64
C GLN A 1415 17.09 4.29 6.84
N LEU A 1416 17.65 4.14 8.04
CA LEU A 1416 16.83 4.15 9.26
C LEU A 1416 16.13 5.49 9.41
N ALA A 1417 16.83 6.59 9.16
CA ALA A 1417 16.23 7.92 9.32
C ALA A 1417 15.07 8.11 8.36
N GLU A 1418 15.25 7.72 7.10
CA GLU A 1418 14.16 7.91 6.14
C GLU A 1418 13.00 6.97 6.40
N THR A 1419 13.27 5.74 6.84
CA THR A 1419 12.18 4.83 7.21
C THR A 1419 11.38 5.38 8.37
N ILE A 1420 12.07 5.89 9.39
CA ILE A 1420 11.37 6.48 10.54
C ILE A 1420 10.58 7.70 10.12
N ASP A 1421 11.13 8.51 9.21
CA ASP A 1421 10.41 9.67 8.72
C ASP A 1421 9.13 9.27 8.01
N THR A 1422 9.20 8.23 7.17
CA THR A 1422 7.99 7.76 6.49
C THR A 1422 6.95 7.24 7.48
N ILE A 1423 7.40 6.48 8.49
CA ILE A 1423 6.47 5.95 9.48
C ILE A 1423 5.82 7.08 10.27
N ILE A 1424 6.61 8.11 10.60
CA ILE A 1424 6.07 9.24 11.36
C ILE A 1424 5.08 10.03 10.52
N ASP A 1425 5.35 10.18 9.22
CA ASP A 1425 4.38 10.83 8.34
C ASP A 1425 3.07 10.04 8.31
N GLN A 1426 3.17 8.72 8.19
CA GLN A 1426 1.95 7.89 8.20
C GLN A 1426 1.21 8.01 9.52
N SER A 1427 1.95 8.10 10.63
CA SER A 1427 1.32 8.27 11.94
C SER A 1427 0.60 9.61 12.05
N VAL A 1428 1.23 10.68 11.54
CA VAL A 1428 0.61 12.00 11.56
C VAL A 1428 -0.67 11.98 10.72
N ALA A 1429 -0.66 11.23 9.61
CA ALA A 1429 -1.86 11.14 8.79
C ALA A 1429 -3.04 10.54 9.54
N ASN A 1430 -2.78 9.80 10.63
CA ASN A 1430 -3.81 9.07 11.35
C ASN A 1430 -4.09 9.64 12.74
N GLY A 1431 -3.93 10.95 12.92
CA GLY A 1431 -4.38 11.61 14.13
C GLY A 1431 -3.39 11.70 15.27
N VAL A 1432 -2.17 11.20 15.09
CA VAL A 1432 -1.16 11.31 16.15
C VAL A 1432 -0.65 12.75 16.19
N PRO A 1433 -0.70 13.42 17.34
CA PRO A 1433 -0.21 14.80 17.43
C PRO A 1433 1.29 14.88 17.19
N VAL A 1434 1.72 16.03 16.66
CA VAL A 1434 3.13 16.22 16.33
C VAL A 1434 3.98 16.30 17.58
N HIS A 1435 3.39 16.70 18.72
CA HIS A 1435 4.15 16.78 19.96
C HIS A 1435 4.72 15.43 20.37
N LEU A 1436 4.05 14.34 20.01
CA LEU A 1436 4.54 13.00 20.30
C LEU A 1436 5.45 12.47 19.20
N CYS A 1437 5.23 12.89 17.95
CA CYS A 1437 6.11 12.50 16.86
C CYS A 1437 7.50 13.09 17.05
N ASN A 1438 7.58 14.31 17.59
CA ASN A 1438 8.88 14.90 17.92
C ASN A 1438 9.59 14.06 18.97
N LEU A 1439 8.87 13.58 19.97
CA LEU A 1439 9.47 12.72 20.98
C LEU A 1439 9.96 11.41 20.38
N ILE A 1440 9.20 10.83 19.44
CA ILE A 1440 9.62 9.61 18.79
C ILE A 1440 10.90 9.84 17.98
N GLN A 1441 10.96 10.97 17.26
CA GLN A 1441 12.18 11.30 16.52
C GLN A 1441 13.36 11.52 17.45
N LYS A 1442 13.13 12.15 18.59
CA LYS A 1442 14.20 12.30 19.59
C LYS A 1442 14.68 10.95 20.09
N ARG A 1443 13.76 10.02 20.29
CA ARG A 1443 14.15 8.67 20.71
C ARG A 1443 15.01 8.00 19.64
N THR A 1444 14.63 8.14 18.37
CA THR A 1444 15.45 7.57 17.30
C THR A 1444 16.84 8.19 17.27
N LEU A 1445 16.92 9.51 17.45
CA LEU A 1445 18.23 10.16 17.50
C LEU A 1445 19.05 9.68 18.69
N SER A 1446 18.39 9.45 19.83
CA SER A 1446 19.10 8.92 20.99
C SER A 1446 19.63 7.51 20.72
N LEU A 1447 18.84 6.69 20.03
CA LEU A 1447 19.31 5.36 19.63
C LEU A 1447 20.53 5.46 18.74
N LEU A 1448 20.53 6.41 17.80
CA LEU A 1448 21.70 6.62 16.95
C LEU A 1448 22.90 7.09 17.78
N GLN A 1449 22.66 7.98 18.75
CA GLN A 1449 23.75 8.49 19.58
C GLN A 1449 24.35 7.41 20.46
N TYR A 1450 23.56 6.42 20.86
CA TYR A 1450 24.10 5.34 21.70
C TYR A 1450 25.17 4.57 20.96
N ALA A 1451 25.02 4.38 19.65
CA ALA A 1451 26.03 3.72 18.84
C ALA A 1451 27.23 4.61 18.56
N ARG A 1452 27.26 5.83 19.09
CA ARG A 1452 28.36 6.77 18.91
C ARG A 1452 28.57 7.09 17.42
N TYR A 1453 27.52 7.62 16.81
CA TYR A 1453 27.53 8.06 15.43
C TYR A 1453 27.23 9.55 15.37
N PRO A 1454 28.07 10.36 14.73
CA PRO A 1454 27.81 11.80 14.68
C PRO A 1454 26.50 12.11 13.99
N ILE A 1455 25.78 13.11 14.53
CA ILE A 1455 24.45 13.46 14.06
C ILE A 1455 24.60 14.61 13.08
N ASP A 1456 24.50 14.31 11.79
CA ASP A 1456 24.54 15.34 10.77
C ASP A 1456 23.16 15.98 10.61
N PRO A 1457 23.09 17.18 10.03
CA PRO A 1457 21.79 17.88 9.93
C PRO A 1457 20.87 17.30 8.87
N PHE A 1458 21.20 16.12 8.33
CA PHE A 1458 20.41 15.50 7.28
C PHE A 1458 19.78 14.18 7.73
N LEU A 1459 19.57 14.01 9.04
CA LEU A 1459 18.97 12.81 9.57
C LEU A 1459 17.49 12.98 9.90
N LEU A 1460 17.16 13.90 10.81
CA LEU A 1460 15.79 14.09 11.26
C LEU A 1460 15.58 15.52 11.71
N ASN A 1461 14.33 15.95 11.69
CA ASN A 1461 13.93 17.26 12.19
C ASN A 1461 12.97 17.04 13.37
N CYS A 1462 13.32 17.63 14.52
CA CYS A 1462 12.60 17.38 15.76
C CYS A 1462 11.81 18.57 16.25
N GLU A 1463 11.54 19.55 15.38
CA GLU A 1463 10.73 20.70 15.73
C GLU A 1463 9.76 21.01 14.60
N THR A 1464 9.13 19.97 14.07
CA THR A 1464 8.22 20.13 12.94
C THR A 1464 6.85 20.59 13.40
N ASP A 1465 6.10 21.17 12.47
CA ASP A 1465 4.72 21.60 12.68
C ASP A 1465 3.79 20.72 11.84
N VAL A 1466 2.49 21.04 11.89
CA VAL A 1466 1.52 20.32 11.07
C VAL A 1466 1.78 20.56 9.59
N ARG A 1467 2.09 21.80 9.21
CA ARG A 1467 2.33 22.12 7.82
C ARG A 1467 3.59 21.43 7.30
N ASP A 1468 4.54 21.14 8.17
CA ASP A 1468 5.74 20.44 7.74
C ASP A 1468 5.44 19.03 7.26
N TRP A 1469 4.34 18.44 7.72
CA TRP A 1469 3.94 17.10 7.32
C TRP A 1469 2.82 17.09 6.31
N VAL A 1470 1.95 18.10 6.32
CA VAL A 1470 0.82 18.11 5.38
C VAL A 1470 1.23 18.68 4.04
N ASP A 1471 1.95 19.80 4.04
CA ASP A 1471 2.31 20.50 2.82
C ASP A 1471 3.78 20.35 2.43
N GLY A 1472 4.52 19.49 3.10
CA GLY A 1472 5.94 19.36 2.85
C GLY A 1472 6.37 17.91 2.80
N ASN A 1473 7.44 17.66 2.05
CA ASN A 1473 8.08 16.37 1.97
C ASN A 1473 9.34 16.36 2.83
N ARG A 1474 10.14 15.30 2.70
CA ARG A 1474 11.38 15.20 3.47
C ARG A 1474 12.32 16.35 3.19
N SER A 1475 12.42 16.76 1.91
CA SER A 1475 13.31 17.85 1.55
C SER A 1475 12.90 19.15 2.23
N TYR A 1476 11.59 19.39 2.34
CA TYR A 1476 11.11 20.59 3.02
C TYR A 1476 11.50 20.58 4.49
N ARG A 1477 11.41 19.41 5.14
CA ARG A 1477 11.81 19.32 6.53
C ARG A 1477 13.31 19.56 6.69
N ILE A 1478 14.12 19.05 5.76
CA ILE A 1478 15.55 19.31 5.80
C ILE A 1478 15.83 20.80 5.62
N MET A 1479 15.11 21.44 4.70
CA MET A 1479 15.25 22.88 4.53
C MET A 1479 14.91 23.64 5.81
N ARG A 1480 13.82 23.24 6.47
CA ARG A 1480 13.43 23.89 7.71
C ARG A 1480 14.50 23.73 8.78
N GLN A 1481 15.06 22.53 8.90
CA GLN A 1481 16.11 22.31 9.90
C GLN A 1481 17.35 23.15 9.61
N ILE A 1482 17.75 23.22 8.33
CA ILE A 1482 18.94 23.99 7.99
C ILE A 1482 18.69 25.48 8.21
N GLU A 1483 17.49 25.96 7.90
CA GLU A 1483 17.17 27.36 8.17
C GLU A 1483 17.18 27.65 9.67
N ARG A 1484 16.71 26.70 10.48
CA ARG A 1484 16.74 26.89 11.93
C ARG A 1484 18.18 26.91 12.45
N LEU A 1485 19.06 26.09 11.88
CA LEU A 1485 20.44 26.04 12.34
C LEU A 1485 21.16 27.38 12.13
N ILE A 1486 21.05 27.94 10.93
CA ILE A 1486 21.79 29.16 10.59
C ILE A 1486 20.84 30.20 10.00
N PRO A 1487 20.08 30.91 10.82
CA PRO A 1487 19.24 31.99 10.28
C PRO A 1487 20.06 33.18 9.82
N ASP A 1488 19.39 34.21 9.30
CA ASP A 1488 19.99 35.46 8.83
C ASP A 1488 21.13 35.24 7.85
N ALA A 1489 21.24 34.01 7.33
CA ALA A 1489 22.17 33.69 6.27
C ALA A 1489 21.51 32.93 5.12
N CYS A 1490 20.43 32.20 5.37
CA CYS A 1490 19.66 31.57 4.31
C CYS A 1490 18.68 32.52 3.64
N GLY A 1491 18.47 33.71 4.20
CA GLY A 1491 17.57 34.66 3.56
C GLY A 1491 18.11 35.17 2.23
N ARG A 1492 19.40 35.51 2.19
CA ARG A 1492 20.01 35.93 0.94
C ARG A 1492 20.02 34.79 -0.08
N ILE A 1493 20.30 33.58 0.37
CA ILE A 1493 20.25 32.42 -0.52
C ILE A 1493 18.85 32.22 -1.07
N ARG A 1494 17.83 32.41 -0.22
CA ARG A 1494 16.45 32.27 -0.69
C ARG A 1494 16.09 33.35 -1.70
N SER A 1495 16.53 34.59 -1.47
CA SER A 1495 16.26 35.66 -2.43
C SER A 1495 16.91 35.36 -3.78
N MET A 1496 18.18 34.94 -3.74
CA MET A 1496 18.88 34.60 -4.98
C MET A 1496 18.20 33.43 -5.68
N LEU A 1497 17.78 32.42 -4.92
CA LEU A 1497 17.10 31.27 -5.52
C LEU A 1497 15.77 31.67 -6.13
N ARG A 1498 15.03 32.57 -5.46
CA ARG A 1498 13.76 33.03 -5.99
C ARG A 1498 13.96 33.73 -7.34
N LYS A 1499 14.92 34.66 -7.39
CA LYS A 1499 15.18 35.36 -8.66
C LYS A 1499 15.66 34.39 -9.73
N LEU A 1500 16.56 33.47 -9.36
CA LEU A 1500 17.10 32.52 -10.33
C LEU A 1500 16.01 31.60 -10.89
N TYR A 1501 15.13 31.10 -10.02
CA TYR A 1501 14.03 30.25 -10.47
C TYR A 1501 13.07 31.03 -11.36
N ASN A 1502 12.79 32.29 -11.01
CA ASN A 1502 11.92 33.10 -11.86
C ASN A 1502 12.52 33.31 -13.24
N LYS A 1503 13.84 33.53 -13.31
CA LYS A 1503 14.48 33.68 -14.61
C LYS A 1503 14.51 32.36 -15.38
N LEU A 1504 14.79 31.25 -14.69
CA LEU A 1504 14.92 29.96 -15.36
C LEU A 1504 13.58 29.46 -15.90
N LYS A 1505 12.48 29.72 -15.18
CA LYS A 1505 11.17 29.27 -15.66
C LYS A 1505 10.84 29.85 -17.02
N THR A 1506 11.29 31.08 -17.28
CA THR A 1506 11.14 31.69 -18.60
C THR A 1506 12.25 31.30 -19.56
N GLY A 1507 13.21 30.49 -19.13
CA GLY A 1507 14.30 30.10 -20.00
C GLY A 1507 15.30 31.19 -20.28
N GLN A 1508 15.41 32.18 -19.40
CA GLN A 1508 16.23 33.36 -19.66
C GLN A 1508 17.71 33.02 -19.82
N LEU A 1509 18.36 32.54 -18.75
CA LEU A 1509 19.81 32.34 -18.83
C LEU A 1509 20.15 31.00 -19.46
N HIS A 1510 19.84 29.90 -18.76
CA HIS A 1510 19.98 28.54 -19.27
C HIS A 1510 21.40 28.21 -19.77
N GLU A 1511 22.36 29.11 -19.54
CA GLU A 1511 23.73 28.89 -19.97
C GLU A 1511 24.72 28.94 -18.82
N GLU A 1512 24.65 29.98 -17.98
CA GLU A 1512 25.62 30.10 -16.89
C GLU A 1512 25.38 29.04 -15.82
N PHE A 1513 24.11 28.69 -15.58
CA PHE A 1513 23.79 27.72 -14.55
C PHE A 1513 24.16 26.29 -14.94
N THR A 1514 24.46 26.04 -16.22
CA THR A 1514 24.64 24.68 -16.68
C THR A 1514 25.92 24.06 -16.13
N THR A 1515 27.07 24.61 -16.48
CA THR A 1515 28.35 24.05 -16.07
C THR A 1515 29.28 25.07 -15.42
N ASN A 1516 29.12 26.35 -15.72
CA ASN A 1516 29.99 27.36 -15.13
C ASN A 1516 29.82 27.43 -13.62
N TYR A 1517 28.64 27.12 -13.11
CA TYR A 1517 28.36 27.20 -11.68
C TYR A 1517 27.98 25.86 -11.07
N LEU A 1518 27.05 25.13 -11.71
CA LEU A 1518 26.63 23.85 -11.13
C LEU A 1518 27.71 22.79 -11.27
N SER A 1519 28.32 22.67 -12.45
CA SER A 1519 29.37 21.69 -12.68
C SER A 1519 30.75 22.33 -12.55
N SER A 1520 31.03 22.81 -11.35
CA SER A 1520 32.30 23.50 -11.07
C SER A 1520 32.54 23.45 -9.55
N GLU A 1521 33.45 24.29 -9.08
CA GLU A 1521 33.66 24.46 -7.64
C GLU A 1521 32.38 24.96 -6.98
N HIS A 1522 32.38 25.00 -5.66
CA HIS A 1522 31.17 25.28 -4.90
C HIS A 1522 31.13 26.71 -4.36
N LEU A 1523 32.12 27.11 -3.56
CA LEU A 1523 32.06 28.44 -2.93
C LEU A 1523 32.16 29.55 -3.95
N SER A 1524 33.18 29.50 -4.83
CA SER A 1524 33.36 30.55 -5.81
C SER A 1524 32.19 30.61 -6.78
N SER A 1525 31.71 29.45 -7.23
CA SER A 1525 30.57 29.44 -8.14
C SER A 1525 29.31 29.96 -7.46
N LEU A 1526 29.12 29.62 -6.18
CA LEU A 1526 27.98 30.15 -5.44
C LEU A 1526 28.04 31.67 -5.35
N SER A 1527 29.22 32.21 -5.04
CA SER A 1527 29.35 33.67 -4.96
C SER A 1527 29.12 34.32 -6.31
N ASN A 1528 29.65 33.72 -7.39
CA ASN A 1528 29.46 34.28 -8.72
C ASN A 1528 27.99 34.26 -9.12
N LEU A 1529 27.30 33.15 -8.83
CA LEU A 1529 25.88 33.07 -9.15
C LEU A 1529 25.08 34.09 -8.35
N CYS A 1530 25.44 34.27 -7.07
CA CYS A 1530 24.72 35.25 -6.25
C CYS A 1530 24.93 36.66 -6.76
N GLU A 1531 26.17 37.01 -7.14
CA GLU A 1531 26.43 38.37 -7.61
C GLU A 1531 25.94 38.60 -9.03
N LEU A 1532 25.74 37.54 -9.81
CA LEU A 1532 25.26 37.72 -11.18
C LEU A 1532 23.85 38.30 -11.20
N LEU A 1533 23.01 37.90 -10.26
CA LEU A 1533 21.62 38.32 -10.24
C LEU A 1533 21.42 39.72 -9.64
N GLY A 1534 22.46 40.32 -9.08
CA GLY A 1534 22.36 41.66 -8.55
C GLY A 1534 22.07 41.75 -7.06
N VAL A 1535 22.16 40.65 -6.33
CA VAL A 1535 21.94 40.66 -4.89
C VAL A 1535 23.28 40.55 -4.18
N GLU A 1536 23.28 40.83 -2.89
CA GLU A 1536 24.52 40.82 -2.13
C GLU A 1536 25.02 39.40 -1.91
N PRO A 1537 26.30 39.13 -2.16
CA PRO A 1537 26.83 37.79 -1.93
C PRO A 1537 26.91 37.48 -0.45
N PRO A 1538 26.90 36.20 -0.07
CA PRO A 1538 27.03 35.85 1.35
C PRO A 1538 28.39 36.24 1.90
N SER A 1539 28.41 36.56 3.19
CA SER A 1539 29.64 36.99 3.84
C SER A 1539 30.61 35.83 3.99
N GLU A 1540 31.87 36.16 4.28
CA GLU A 1540 32.90 35.14 4.44
C GLU A 1540 32.62 34.25 5.63
N SER A 1541 31.96 34.78 6.67
CA SER A 1541 31.62 33.96 7.82
C SER A 1541 30.62 32.87 7.44
N ASP A 1542 29.67 33.19 6.57
CA ASP A 1542 28.66 32.20 6.17
C ASP A 1542 29.28 31.04 5.40
N LEU A 1543 30.30 31.31 4.59
CA LEU A 1543 30.92 30.25 3.78
C LEU A 1543 31.75 29.28 4.61
N GLU A 1544 32.05 29.60 5.86
CA GLU A 1544 32.82 28.70 6.70
C GLU A 1544 32.00 27.58 7.30
N PHE A 1545 30.66 27.70 7.27
CA PHE A 1545 29.81 26.66 7.82
C PHE A 1545 29.91 25.38 6.98
N SER A 1546 30.10 24.26 7.65
CA SER A 1546 30.26 22.98 6.96
C SER A 1546 29.78 21.86 7.86
N TRP A 1547 29.54 20.71 7.26
CA TRP A 1547 29.14 19.51 7.99
C TRP A 1547 30.02 18.34 7.58
N LEU A 1548 30.24 17.44 8.52
CA LEU A 1548 31.11 16.29 8.31
C LEU A 1548 30.35 15.20 7.58
N ASN A 1549 30.66 15.00 6.30
CA ASN A 1549 29.98 14.01 5.47
C ASN A 1549 30.87 12.77 5.42
N LEU A 1550 30.59 11.81 6.29
CA LEU A 1550 31.24 10.52 6.19
C LEU A 1550 30.81 9.81 4.91
N ALA A 1551 31.63 8.86 4.48
CA ALA A 1551 31.42 8.17 3.21
C ALA A 1551 31.37 9.16 2.04
N ALA A 1552 32.26 10.15 2.08
CA ALA A 1552 32.34 11.13 1.00
C ALA A 1552 33.02 10.57 -0.24
N HIS A 1553 33.70 9.43 -0.11
CA HIS A 1553 34.35 8.77 -1.23
C HIS A 1553 33.64 7.49 -1.64
N HIS A 1554 33.43 6.58 -0.69
CA HIS A 1554 32.69 5.35 -0.91
C HIS A 1554 31.76 5.13 0.28
N PRO A 1555 30.61 4.49 0.06
CA PRO A 1555 29.66 4.27 1.15
C PRO A 1555 30.25 3.39 2.24
N LEU A 1556 29.60 3.41 3.40
CA LEU A 1556 30.10 2.67 4.55
C LEU A 1556 30.08 1.17 4.27
N ARG A 1557 31.02 0.46 4.89
CA ARG A 1557 31.19 -0.97 4.70
C ARG A 1557 30.55 -1.70 5.88
N MET A 1558 29.37 -2.27 5.64
CA MET A 1558 28.67 -2.98 6.70
C MET A 1558 29.36 -4.30 7.02
N VAL A 1559 29.04 -4.84 8.19
CA VAL A 1559 29.64 -6.07 8.68
C VAL A 1559 28.80 -7.25 8.21
N LEU A 1560 29.45 -8.23 7.58
CA LEU A 1560 28.78 -9.40 7.05
C LEU A 1560 28.84 -10.52 8.07
N ARG A 1561 27.67 -11.00 8.51
CA ARG A 1561 27.64 -12.11 9.45
C ARG A 1561 27.96 -13.43 8.78
N GLN A 1562 27.63 -13.56 7.49
CA GLN A 1562 27.90 -14.80 6.76
C GLN A 1562 28.53 -14.50 5.41
N VAL A 1577 28.50 5.44 -18.84
CA VAL A 1577 27.08 5.56 -19.17
C VAL A 1577 26.33 6.29 -18.08
N PRO A 1578 25.61 7.35 -18.45
CA PRO A 1578 24.85 8.12 -17.46
C PRO A 1578 23.77 7.27 -16.80
N THR A 1579 23.45 7.62 -15.55
CA THR A 1579 22.45 6.86 -14.81
C THR A 1579 21.06 7.00 -15.41
N ILE A 1580 20.74 8.17 -15.98
CA ILE A 1580 19.43 8.35 -16.60
C ILE A 1580 19.27 7.43 -17.81
N VAL A 1581 20.33 7.31 -18.63
CA VAL A 1581 20.27 6.41 -19.78
C VAL A 1581 20.10 4.97 -19.31
N LYS A 1582 20.81 4.59 -18.24
CA LYS A 1582 20.65 3.24 -17.71
C LYS A 1582 19.23 2.99 -17.22
N THR A 1583 18.63 3.98 -16.55
CA THR A 1583 17.26 3.82 -16.07
C THR A 1583 16.28 3.67 -17.24
N ILE A 1584 16.45 4.49 -18.28
CA ILE A 1584 15.57 4.40 -19.45
C ILE A 1584 15.72 3.03 -20.12
N GLN A 1585 16.97 2.57 -20.27
CA GLN A 1585 17.20 1.28 -20.90
C GLN A 1585 16.61 0.14 -20.08
N ASN A 1586 16.75 0.21 -18.75
CA ASN A 1586 16.17 -0.82 -17.90
C ASN A 1586 14.65 -0.82 -17.99
N LYS A 1587 14.04 0.36 -18.07
CA LYS A 1587 12.59 0.43 -18.20
C LYS A 1587 12.12 -0.13 -19.54
N LEU A 1588 12.87 0.14 -20.61
CA LEU A 1588 12.44 -0.27 -21.95
C LEU A 1588 12.84 -1.70 -22.31
N SER A 1589 13.94 -2.20 -21.75
CA SER A 1589 14.43 -3.53 -22.10
C SER A 1589 13.85 -4.64 -21.24
N SER A 1590 12.90 -4.32 -20.36
CA SER A 1590 12.31 -5.34 -19.50
C SER A 1590 11.45 -6.33 -20.27
N THR A 1591 11.00 -5.96 -21.47
CA THR A 1591 10.15 -6.86 -22.25
C THR A 1591 10.98 -7.93 -22.96
N PHE A 1592 12.16 -7.56 -23.45
CA PHE A 1592 12.97 -8.48 -24.22
C PHE A 1592 13.70 -9.48 -23.31
N THR A 1593 14.06 -10.63 -23.89
CA THR A 1593 14.60 -11.72 -23.09
C THR A 1593 15.99 -11.40 -22.56
N ARG A 1594 16.86 -10.85 -23.39
CA ARG A 1594 18.24 -10.60 -22.97
C ARG A 1594 18.31 -9.54 -21.87
N GLY A 1595 17.57 -8.44 -22.04
CA GLY A 1595 17.53 -7.43 -20.99
C GLY A 1595 16.93 -7.96 -19.70
N ALA A 1596 15.89 -8.79 -19.81
CA ALA A 1596 15.30 -9.41 -18.64
C ALA A 1596 16.31 -10.29 -17.92
N GLN A 1597 17.09 -11.07 -18.67
CA GLN A 1597 18.10 -11.93 -18.05
C GLN A 1597 19.16 -11.10 -17.34
N LYS A 1598 19.62 -10.01 -17.98
CA LYS A 1598 20.62 -9.16 -17.34
C LYS A 1598 20.08 -8.54 -16.05
N LEU A 1599 18.84 -8.03 -16.10
CA LEU A 1599 18.24 -7.44 -14.91
C LEU A 1599 18.08 -8.48 -13.80
N LEU A 1600 17.63 -9.69 -14.16
CA LEU A 1600 17.46 -10.73 -13.16
C LEU A 1600 18.80 -11.11 -12.53
N SER A 1601 19.85 -11.22 -13.33
CA SER A 1601 21.15 -11.58 -12.79
C SER A 1601 21.67 -10.50 -11.84
N GLU A 1602 21.56 -9.24 -12.23
CA GLU A 1602 22.06 -8.18 -11.35
C GLU A 1602 21.22 -8.09 -10.07
N ALA A 1603 19.91 -8.30 -10.18
CA ALA A 1603 19.06 -8.30 -8.98
C ALA A 1603 19.40 -9.46 -8.06
N ILE A 1604 19.69 -10.63 -8.63
CA ILE A 1604 20.08 -11.78 -7.81
C ILE A 1604 21.37 -11.48 -7.07
N ASN A 1605 22.35 -10.91 -7.76
CA ASN A 1605 23.62 -10.57 -7.10
C ASN A 1605 23.40 -9.55 -5.99
N LYS A 1606 22.60 -8.52 -6.26
CA LYS A 1606 22.34 -7.49 -5.24
C LYS A 1606 21.64 -8.08 -4.03
N SER A 1607 20.63 -8.94 -4.25
CA SER A 1607 19.93 -9.55 -3.14
C SER A 1607 20.84 -10.47 -2.33
N ALA A 1608 21.69 -11.23 -3.01
CA ALA A 1608 22.62 -12.09 -2.30
C ALA A 1608 23.59 -11.27 -1.45
N PHE A 1609 24.06 -10.15 -1.98
CA PHE A 1609 24.92 -9.28 -1.18
C PHE A 1609 24.19 -8.68 0.01
N GLN A 1610 22.94 -8.25 -0.19
CA GLN A 1610 22.22 -7.58 0.89
C GLN A 1610 21.80 -8.54 1.99
N SER A 1611 21.47 -9.78 1.64
CA SER A 1611 20.93 -10.72 2.61
C SER A 1611 21.96 -11.17 3.64
N SER A 1612 23.25 -10.88 3.43
CA SER A 1612 24.30 -11.31 4.35
C SER A 1612 24.82 -10.16 5.21
N ILE A 1613 24.00 -9.15 5.46
CA ILE A 1613 24.37 -7.99 6.27
C ILE A 1613 23.62 -8.09 7.60
N ALA A 1614 24.34 -7.84 8.69
CA ALA A 1614 23.70 -7.78 10.00
C ALA A 1614 22.79 -6.58 10.08
N SER A 1615 21.55 -6.80 10.52
CA SER A 1615 20.52 -5.77 10.56
C SER A 1615 20.01 -5.60 11.99
N GLY A 1616 19.11 -4.64 12.17
CA GLY A 1616 18.57 -4.35 13.48
C GLY A 1616 19.46 -3.43 14.29
N PHE A 1617 19.01 -3.16 15.51
CA PHE A 1617 19.76 -2.29 16.40
C PHE A 1617 21.10 -2.88 16.77
N VAL A 1618 21.13 -4.18 17.10
CA VAL A 1618 22.38 -4.83 17.47
C VAL A 1618 23.35 -4.84 16.29
N GLY A 1619 22.84 -5.16 15.10
CA GLY A 1619 23.69 -5.16 13.92
C GLY A 1619 24.22 -3.78 13.58
N LEU A 1620 23.37 -2.76 13.72
CA LEU A 1620 23.81 -1.39 13.45
C LEU A 1620 24.88 -0.94 14.44
N CYS A 1621 24.71 -1.29 15.72
CA CYS A 1621 25.71 -0.94 16.72
C CYS A 1621 27.02 -1.68 16.45
N ARG A 1622 26.94 -2.95 16.05
CA ARG A 1622 28.15 -3.71 15.77
C ARG A 1622 28.86 -3.19 14.53
N THR A 1623 28.09 -2.72 13.54
CA THR A 1623 28.70 -2.21 12.31
C THR A 1623 29.46 -0.91 12.58
N LEU A 1624 28.83 0.03 13.27
CA LEU A 1624 29.49 1.29 13.58
C LEU A 1624 30.61 1.06 14.58
N GLY A 1625 31.70 1.81 14.41
CA GLY A 1625 32.89 1.58 15.21
C GLY A 1625 33.57 0.25 14.93
N SER A 1626 33.54 -0.20 13.69
CA SER A 1626 34.17 -1.45 13.28
C SER A 1626 34.89 -1.28 11.95
N LYS A 1627 35.58 -0.16 11.77
CA LYS A 1627 36.29 0.17 10.53
C LYS A 1627 35.33 0.19 9.35
N CYS A 1628 34.35 1.10 9.42
CA CYS A 1628 33.35 1.24 8.37
C CYS A 1628 33.63 2.38 7.40
N VAL A 1629 34.47 3.33 7.78
CA VAL A 1629 34.77 4.47 6.92
C VAL A 1629 35.78 4.06 5.87
N ARG A 1630 35.49 4.37 4.60
CA ARG A 1630 36.37 4.04 3.50
C ARG A 1630 37.34 5.20 3.26
N GLY A 1631 38.63 4.86 3.12
CA GLY A 1631 39.65 5.86 2.96
C GLY A 1631 39.63 6.44 1.56
N PRO A 1632 40.58 7.36 1.30
CA PRO A 1632 40.60 8.06 0.01
C PRO A 1632 40.72 7.13 -1.18
N ASN A 1633 41.82 6.39 -1.29
CA ASN A 1633 41.97 5.44 -2.41
C ASN A 1633 41.32 4.10 -2.08
N LYS A 1634 41.90 3.36 -1.13
CA LYS A 1634 41.31 2.10 -0.67
C LYS A 1634 41.90 1.78 0.71
N GLU A 1635 41.13 2.05 1.76
CA GLU A 1635 41.48 1.64 3.11
C GLU A 1635 40.29 1.86 4.02
N SER A 1636 40.34 1.25 5.20
CA SER A 1636 39.27 1.33 6.18
C SER A 1636 39.78 1.98 7.46
N LEU A 1637 38.97 2.86 8.04
CA LEU A 1637 39.32 3.56 9.25
C LEU A 1637 38.15 3.56 10.22
N TYR A 1638 38.45 3.68 11.50
CA TYR A 1638 37.42 3.85 12.51
C TYR A 1638 36.88 5.28 12.46
N ILE A 1639 35.69 5.46 13.03
CA ILE A 1639 35.17 6.81 13.21
C ILE A 1639 36.02 7.58 14.21
N LYS A 1640 36.52 6.88 15.23
CA LYS A 1640 37.42 7.52 16.20
C LYS A 1640 38.69 8.03 15.53
N SER A 1641 39.19 7.34 14.50
CA SER A 1641 40.37 7.81 13.79
C SER A 1641 40.10 9.15 13.12
N ILE A 1642 38.96 9.26 12.43
CA ILE A 1642 38.61 10.51 11.77
C ILE A 1642 38.41 11.62 12.80
N GLN A 1643 37.75 11.31 13.91
CA GLN A 1643 37.53 12.32 14.94
C GLN A 1643 38.85 12.80 15.55
N SER A 1644 39.78 11.87 15.78
CA SER A 1644 41.09 12.26 16.31
C SER A 1644 41.86 13.11 15.30
N LEU A 1645 41.79 12.76 14.01
CA LEU A 1645 42.46 13.56 13.00
C LEU A 1645 41.88 14.97 12.94
N ILE A 1646 40.56 15.10 13.06
CA ILE A 1646 39.93 16.42 13.10
C ILE A 1646 40.37 17.16 14.34
N SER A 1647 40.46 16.47 15.47
CA SER A 1647 40.83 17.12 16.73
C SER A 1647 42.28 17.60 16.74
N ASP A 1648 43.10 17.16 15.79
CA ASP A 1648 44.48 17.60 15.72
C ASP A 1648 44.65 18.92 14.98
N ILE A 1649 43.58 19.52 14.50
CA ILE A 1649 43.61 20.82 13.83
C ILE A 1649 42.91 21.83 14.72
N GLN A 1650 43.59 22.95 14.99
CA GLN A 1650 43.08 23.96 15.90
C GLN A 1650 42.19 24.99 15.23
N GLY A 1651 42.02 24.91 13.91
CA GLY A 1651 41.17 25.85 13.20
C GLY A 1651 39.72 25.40 13.13
N ILE A 1652 39.50 24.08 13.04
CA ILE A 1652 38.15 23.54 12.97
C ILE A 1652 37.45 23.77 14.31
N GLU A 1653 36.23 24.28 14.26
CA GLU A 1653 35.47 24.55 15.48
C GLU A 1653 34.14 23.81 15.45
N PRO A 1654 33.90 22.86 16.33
CA PRO A 1654 32.59 22.20 16.37
C PRO A 1654 31.50 23.10 16.93
N LEU A 1655 30.27 22.85 16.48
CA LEU A 1655 29.10 23.57 16.97
C LEU A 1655 27.94 22.60 17.09
N ILE A 1656 27.20 22.70 18.20
CA ILE A 1656 26.10 21.80 18.50
C ILE A 1656 24.90 22.61 18.96
N ASP A 1657 23.73 22.00 18.87
CA ASP A 1657 22.47 22.63 19.28
C ASP A 1657 21.86 21.82 20.42
N SER A 1658 20.64 22.19 20.79
CA SER A 1658 19.97 21.52 21.91
C SER A 1658 19.65 20.06 21.58
N HIS A 1659 19.24 19.78 20.34
CA HIS A 1659 18.81 18.44 19.98
C HIS A 1659 19.97 17.51 19.62
N GLY A 1660 21.20 18.02 19.56
CA GLY A 1660 22.35 17.19 19.26
C GLY A 1660 22.83 17.27 17.82
N VAL A 1661 22.22 18.10 16.98
CA VAL A 1661 22.69 18.26 15.62
C VAL A 1661 24.01 19.00 15.63
N GLN A 1662 25.04 18.40 15.02
CA GLN A 1662 26.40 18.92 15.09
C GLN A 1662 26.87 19.31 13.71
N TYR A 1663 27.41 20.51 13.59
CA TYR A 1663 28.07 20.98 12.38
C TYR A 1663 29.41 21.61 12.76
N TRP A 1664 30.10 22.15 11.77
CA TRP A 1664 31.47 22.60 11.98
C TRP A 1664 31.70 23.95 11.30
N ARG A 1665 32.67 24.68 11.83
CA ARG A 1665 33.16 25.92 11.23
C ARG A 1665 34.60 25.68 10.79
N VAL A 1666 34.84 25.82 9.49
CA VAL A 1666 36.14 25.53 8.88
C VAL A 1666 36.60 26.76 8.12
N PRO A 1667 37.56 27.54 8.64
CA PRO A 1667 38.04 28.71 7.91
C PRO A 1667 38.75 28.31 6.63
N LEU A 1668 38.69 29.21 5.64
CA LEU A 1668 39.23 28.91 4.31
C LEU A 1668 40.75 28.88 4.29
N ASN A 1669 41.41 29.49 5.27
CA ASN A 1669 42.87 29.56 5.26
C ASN A 1669 43.55 28.25 5.64
N ILE A 1670 42.79 27.26 6.11
CA ILE A 1670 43.35 25.96 6.46
C ILE A 1670 42.81 24.85 5.57
N ARG A 1671 42.30 25.21 4.40
CA ARG A 1671 41.78 24.24 3.44
C ARG A 1671 42.86 23.72 2.50
N ASP A 1672 44.11 24.12 2.68
CA ASP A 1672 45.19 23.74 1.79
C ASP A 1672 46.31 23.07 2.57
N GLY A 1673 46.82 21.97 2.03
CA GLY A 1673 47.94 21.26 2.61
C GLY A 1673 47.54 20.05 3.42
N ASN A 1674 46.52 20.20 4.26
CA ASN A 1674 45.97 19.08 5.03
C ASN A 1674 44.74 18.50 4.32
N GLU A 1675 44.95 18.07 3.08
CA GLU A 1675 43.86 17.58 2.25
C GLU A 1675 43.35 16.22 2.69
N GLY A 1676 44.04 15.55 3.63
CA GLY A 1676 43.64 14.21 4.02
C GLY A 1676 42.27 14.17 4.68
N VAL A 1677 41.99 15.13 5.55
CA VAL A 1677 40.76 15.13 6.33
C VAL A 1677 39.74 16.17 5.87
N ILE A 1678 40.18 17.22 5.17
CA ILE A 1678 39.24 18.25 4.71
C ILE A 1678 38.30 17.72 3.64
N SER A 1679 38.66 16.62 2.98
CA SER A 1679 37.81 16.06 1.92
C SER A 1679 36.50 15.50 2.46
N TYR A 1680 36.35 15.34 3.77
CA TYR A 1680 35.13 14.81 4.35
C TYR A 1680 34.12 15.90 4.70
N PHE A 1681 34.50 17.17 4.64
CA PHE A 1681 33.60 18.27 4.99
C PHE A 1681 32.91 18.80 3.73
N ARG A 1682 31.64 19.16 3.90
CA ARG A 1682 30.89 19.77 2.80
C ARG A 1682 30.21 21.04 3.28
N PRO A 1683 30.22 22.10 2.47
CA PRO A 1683 29.58 23.35 2.88
C PRO A 1683 28.07 23.21 2.99
N LEU A 1684 27.50 23.92 3.96
CA LEU A 1684 26.06 23.86 4.18
C LEU A 1684 25.29 24.67 3.16
N LEU A 1685 25.83 25.82 2.74
CA LEU A 1685 25.07 26.72 1.88
C LEU A 1685 24.80 26.10 0.51
N TRP A 1686 25.79 25.41 -0.06
CA TRP A 1686 25.61 24.80 -1.37
C TRP A 1686 24.54 23.72 -1.32
N ASP A 1687 24.59 22.85 -0.31
CA ASP A 1687 23.59 21.79 -0.18
C ASP A 1687 22.21 22.39 0.07
N TYR A 1688 22.14 23.44 0.89
CA TYR A 1688 20.86 24.09 1.13
C TYR A 1688 20.28 24.66 -0.16
N MET A 1689 21.13 25.31 -0.97
CA MET A 1689 20.66 25.86 -2.24
C MET A 1689 20.16 24.77 -3.16
N CYS A 1690 20.90 23.67 -3.27
CA CYS A 1690 20.48 22.58 -4.15
C CYS A 1690 19.16 21.97 -3.68
N ILE A 1691 19.02 21.73 -2.37
CA ILE A 1691 17.80 21.12 -1.85
C ILE A 1691 16.62 22.06 -2.03
N SER A 1692 16.82 23.36 -1.78
CA SER A 1692 15.74 24.32 -1.97
C SER A 1692 15.30 24.38 -3.42
N LEU A 1693 16.26 24.38 -4.35
CA LEU A 1693 15.91 24.39 -5.77
C LEU A 1693 15.13 23.14 -6.15
N SER A 1694 15.58 21.96 -5.69
CA SER A 1694 14.88 20.73 -6.02
C SER A 1694 13.47 20.72 -5.45
N THR A 1695 13.32 21.21 -4.21
CA THR A 1695 11.99 21.26 -3.59
C THR A 1695 11.08 22.22 -4.35
N ALA A 1696 11.60 23.37 -4.76
CA ALA A 1696 10.81 24.31 -5.55
C ALA A 1696 10.38 23.69 -6.87
N ILE A 1697 11.26 22.91 -7.49
CA ILE A 1697 10.90 22.20 -8.71
C ILE A 1697 9.77 21.21 -8.43
N GLU A 1698 9.87 20.47 -7.33
CA GLU A 1698 8.91 19.40 -7.04
C GLU A 1698 7.59 19.96 -6.50
N LEU A 1699 7.67 20.69 -5.38
CA LEU A 1699 6.45 21.17 -4.74
C LEU A 1699 5.92 22.44 -5.41
N GLY A 1700 6.69 23.51 -5.38
CA GLY A 1700 6.26 24.77 -5.96
C GLY A 1700 7.13 25.90 -5.48
N ALA A 1701 6.85 27.09 -6.04
CA ALA A 1701 7.62 28.27 -5.71
C ALA A 1701 7.34 28.81 -4.32
N TRP A 1702 6.20 28.44 -3.71
CA TRP A 1702 5.84 28.98 -2.41
C TRP A 1702 6.85 28.63 -1.33
N VAL A 1703 7.63 27.57 -1.53
CA VAL A 1703 8.66 27.20 -0.55
C VAL A 1703 9.81 28.18 -0.51
N LEU A 1704 9.93 29.06 -1.50
CA LEU A 1704 11.00 30.05 -1.53
C LEU A 1704 10.63 31.34 -0.82
N GLY A 1705 9.42 31.45 -0.29
CA GLY A 1705 9.02 32.64 0.44
C GLY A 1705 9.61 32.70 1.83
N GLU A 1706 9.44 33.86 2.46
CA GLU A 1706 9.97 34.06 3.80
C GLU A 1706 9.05 33.42 4.83
N PRO A 1707 9.54 32.49 5.64
CA PRO A 1707 8.69 31.89 6.68
C PRO A 1707 8.48 32.85 7.84
N LYS A 1708 7.35 32.69 8.51
CA LYS A 1708 7.05 33.52 9.67
C LYS A 1708 6.08 32.79 10.58
N LYS A 1709 6.11 33.16 11.85
CA LYS A 1709 5.20 32.63 12.87
C LYS A 1709 4.14 33.68 13.16
N VAL A 1710 2.88 33.31 13.02
CA VAL A 1710 1.76 34.22 13.19
C VAL A 1710 1.30 34.18 14.64
N ARG A 1711 0.80 35.31 15.12
CA ARG A 1711 0.22 35.44 16.46
C ARG A 1711 -1.29 35.48 16.27
N VAL A 1712 -1.93 34.32 16.35
CA VAL A 1712 -3.36 34.18 16.07
C VAL A 1712 -4.13 34.27 17.37
N LEU A 1713 -5.15 35.13 17.40
CA LEU A 1713 -5.99 35.25 18.57
C LEU A 1713 -6.89 34.01 18.70
N GLU A 1714 -6.99 33.49 19.90
CA GLU A 1714 -7.77 32.29 20.18
C GLU A 1714 -9.13 32.70 20.73
N PHE A 1715 -10.20 32.31 20.03
CA PHE A 1715 -11.55 32.69 20.41
C PHE A 1715 -12.39 31.54 20.93
N PHE A 1716 -12.02 30.30 20.65
CA PHE A 1716 -12.76 29.14 21.11
C PHE A 1716 -11.81 28.13 21.73
N LYS A 1717 -12.24 27.52 22.83
CA LYS A 1717 -11.43 26.54 23.55
C LYS A 1717 -11.81 25.15 23.05
N HIS A 1718 -10.96 24.57 22.21
CA HIS A 1718 -11.25 23.27 21.62
C HIS A 1718 -11.03 22.15 22.63
N ASN A 1719 -11.87 21.13 22.54
CA ASN A 1719 -11.67 19.93 23.33
C ASN A 1719 -10.40 19.22 22.86
N PRO A 1720 -9.66 18.57 23.78
CA PRO A 1720 -8.41 17.91 23.39
C PRO A 1720 -8.57 16.79 22.38
N CYS A 1721 -9.81 16.45 22.03
CA CYS A 1721 -10.10 15.37 21.09
C CYS A 1721 -10.96 15.88 19.93
N ASP A 1722 -10.69 17.10 19.47
CA ASP A 1722 -11.39 17.68 18.33
C ASP A 1722 -10.48 17.61 17.12
N TYR A 1723 -10.78 16.69 16.21
CA TYR A 1723 -9.96 16.47 15.02
C TYR A 1723 -10.61 17.11 13.79
N PHE A 1724 -9.82 17.20 12.73
CA PHE A 1724 -10.20 17.92 11.54
C PHE A 1724 -9.59 17.24 10.32
N PRO A 1725 -10.38 17.00 9.27
CA PRO A 1725 -9.82 16.46 8.02
C PRO A 1725 -9.28 17.59 7.15
N LEU A 1726 -8.07 17.40 6.64
CA LEU A 1726 -7.37 18.43 5.88
C LEU A 1726 -6.81 17.82 4.59
N LYS A 1727 -6.77 18.66 3.55
CA LYS A 1727 -6.22 18.28 2.25
C LYS A 1727 -4.95 19.07 1.98
N PRO A 1728 -3.87 18.41 1.56
CA PRO A 1728 -2.65 19.15 1.23
C PRO A 1728 -2.87 20.09 0.07
N ALA A 1729 -2.24 21.26 0.13
CA ALA A 1729 -2.36 22.25 -0.93
C ALA A 1729 -1.56 21.81 -2.14
N ALA A 1730 -2.20 21.84 -3.30
CA ALA A 1730 -1.59 21.43 -4.55
C ALA A 1730 -1.38 22.64 -5.46
N SER A 1731 -0.31 22.56 -6.27
CA SER A 1731 0.02 23.63 -7.19
C SER A 1731 0.33 23.15 -8.61
N LYS A 1732 0.53 21.86 -8.81
CA LYS A 1732 0.83 21.31 -10.14
C LYS A 1732 -0.42 20.66 -10.70
N LEU A 1733 -0.82 21.10 -11.90
CA LEU A 1733 -2.02 20.59 -12.55
C LEU A 1733 -1.65 19.42 -13.45
N LEU A 1734 -2.60 18.95 -14.25
CA LEU A 1734 -2.37 17.80 -15.11
C LEU A 1734 -1.50 18.12 -16.31
N GLU A 1735 -1.49 19.39 -16.75
CA GLU A 1735 -0.68 19.76 -17.90
C GLU A 1735 0.78 20.03 -17.55
N ASP A 1736 1.12 20.04 -16.26
CA ASP A 1736 2.49 20.27 -15.82
C ASP A 1736 3.22 18.98 -15.46
N ARG A 1737 2.65 17.83 -15.79
CA ARG A 1737 3.22 16.54 -15.45
C ARG A 1737 4.01 15.99 -16.63
N VAL A 1738 5.22 15.53 -16.36
CA VAL A 1738 6.13 15.03 -17.40
C VAL A 1738 6.24 13.52 -17.26
N GLY A 1739 6.11 12.81 -18.39
CA GLY A 1739 6.19 11.38 -18.42
C GLY A 1739 7.47 10.86 -19.07
N LEU A 1740 7.44 9.56 -19.37
CA LEU A 1740 8.61 8.92 -19.97
C LEU A 1740 8.84 9.40 -21.40
N ASN A 1741 7.77 9.67 -22.14
CA ASN A 1741 7.90 10.04 -23.54
C ASN A 1741 8.70 11.33 -23.71
N HIS A 1742 8.43 12.32 -22.84
CA HIS A 1742 9.14 13.58 -22.95
C HIS A 1742 10.63 13.40 -22.73
N ILE A 1743 11.02 12.61 -21.72
CA ILE A 1743 12.42 12.37 -21.45
C ILE A 1743 13.07 11.62 -22.62
N ILE A 1744 12.38 10.61 -23.15
CA ILE A 1744 12.94 9.83 -24.25
C ILE A 1744 13.17 10.72 -25.47
N HIS A 1745 12.19 11.56 -25.81
CA HIS A 1745 12.34 12.43 -26.97
C HIS A 1745 13.38 13.51 -26.73
N SER A 1746 13.50 14.02 -25.50
CA SER A 1746 14.56 14.98 -25.21
C SER A 1746 15.93 14.34 -25.38
N LEU A 1747 16.11 13.12 -24.90
CA LEU A 1747 17.37 12.40 -25.12
C LEU A 1747 17.61 12.19 -26.60
N ARG A 1748 16.56 11.86 -27.36
CA ARG A 1748 16.72 11.65 -28.80
C ARG A 1748 17.18 12.93 -29.50
N ARG A 1749 16.59 14.07 -29.15
CA ARG A 1749 16.88 15.31 -29.85
C ARG A 1749 18.06 16.07 -29.27
N LEU A 1750 18.61 15.64 -28.14
CA LEU A 1750 19.78 16.30 -27.54
C LEU A 1750 21.07 15.49 -27.69
N TYR A 1751 21.00 14.17 -27.53
CA TYR A 1751 22.16 13.30 -27.66
C TYR A 1751 21.81 12.18 -28.63
N PRO A 1752 21.81 12.47 -29.94
CA PRO A 1752 21.38 11.45 -30.91
C PRO A 1752 22.22 10.18 -30.89
N SER A 1753 23.52 10.29 -30.64
CA SER A 1753 24.38 9.10 -30.64
C SER A 1753 24.01 8.16 -29.50
N VAL A 1754 23.84 8.70 -28.29
CA VAL A 1754 23.50 7.88 -27.13
C VAL A 1754 22.12 7.27 -27.32
N PHE A 1755 21.16 8.05 -27.82
CA PHE A 1755 19.83 7.53 -28.08
C PHE A 1755 19.87 6.40 -29.10
N GLU A 1756 20.67 6.55 -30.15
CA GLU A 1756 20.73 5.54 -31.19
C GLU A 1756 21.41 4.27 -30.69
N LYS A 1757 22.44 4.40 -29.86
CA LYS A 1757 23.20 3.23 -29.41
C LYS A 1757 22.67 2.61 -28.13
N HIS A 1758 21.69 3.24 -27.47
CA HIS A 1758 21.17 2.66 -26.24
C HIS A 1758 19.67 2.51 -26.22
N ILE A 1759 18.93 3.44 -26.83
CA ILE A 1759 17.47 3.45 -26.73
C ILE A 1759 16.84 2.88 -27.99
N LEU A 1760 17.48 3.12 -29.13
CA LEU A 1760 16.91 2.70 -30.42
C LEU A 1760 16.67 1.20 -30.51
N PRO A 1761 17.60 0.30 -30.14
CA PRO A 1761 17.35 -1.13 -30.32
C PRO A 1761 16.33 -1.70 -29.34
N PHE A 1762 15.71 -0.84 -28.52
CA PHE A 1762 14.68 -1.27 -27.58
C PHE A 1762 13.36 -0.53 -27.80
N MET A 1763 13.16 0.04 -28.99
CA MET A 1763 11.96 0.78 -29.31
C MET A 1763 11.02 -0.07 -30.14
N SER A 1764 9.78 -0.20 -29.69
CA SER A 1764 8.72 -0.89 -30.42
C SER A 1764 7.55 0.08 -30.61
N ASP A 1765 6.53 -0.37 -31.35
CA ASP A 1765 5.37 0.48 -31.61
C ASP A 1765 4.41 0.43 -30.44
N LEU A 1766 4.92 0.67 -29.23
CA LEU A 1766 4.11 0.67 -28.02
C LEU A 1766 3.66 2.10 -27.72
N ALA A 1767 3.13 2.32 -26.52
CA ALA A 1767 2.69 3.66 -26.11
C ALA A 1767 3.84 4.65 -26.04
N SER A 1768 5.09 4.18 -26.02
CA SER A 1768 6.24 5.09 -26.03
C SER A 1768 6.35 5.87 -27.33
N THR A 1769 5.78 5.36 -28.42
CA THR A 1769 5.81 6.08 -29.69
C THR A 1769 4.97 7.34 -29.66
N LYS A 1770 4.02 7.45 -28.72
CA LYS A 1770 3.18 8.63 -28.63
C LYS A 1770 4.03 9.85 -28.29
N MET A 1771 3.78 10.95 -28.99
CA MET A 1771 4.51 12.21 -28.80
C MET A 1771 3.51 13.26 -28.33
N LYS A 1772 3.61 13.64 -27.06
CA LYS A 1772 2.79 14.69 -26.48
C LYS A 1772 3.65 15.90 -26.17
N TRP A 1773 3.11 17.09 -26.41
CA TRP A 1773 3.85 18.33 -26.27
C TRP A 1773 3.27 19.13 -25.09
N SER A 1774 4.17 19.67 -24.28
CA SER A 1774 3.81 20.45 -23.10
C SER A 1774 4.59 21.75 -23.10
N PRO A 1775 4.06 22.79 -22.45
CA PRO A 1775 4.81 24.05 -22.35
C PRO A 1775 6.16 23.90 -21.67
N ARG A 1776 6.28 22.99 -20.69
CA ARG A 1776 7.54 22.74 -20.00
C ARG A 1776 8.41 21.86 -20.88
N ILE A 1777 9.13 22.48 -21.82
CA ILE A 1777 10.00 21.79 -22.75
C ILE A 1777 11.44 22.25 -22.64
N LYS A 1778 11.67 23.55 -22.69
CA LYS A 1778 13.03 24.08 -22.60
C LYS A 1778 13.64 23.79 -21.24
N PHE A 1779 12.87 23.98 -20.17
CA PHE A 1779 13.36 23.68 -18.84
C PHE A 1779 13.62 22.18 -18.67
N LEU A 1780 12.76 21.35 -19.24
CA LEU A 1780 12.98 19.91 -19.22
C LEU A 1780 14.26 19.54 -19.95
N ASP A 1781 14.51 20.18 -21.11
CA ASP A 1781 15.76 19.93 -21.82
C ASP A 1781 16.96 20.34 -21.00
N LEU A 1782 16.87 21.49 -20.31
CA LEU A 1782 17.95 21.92 -19.44
C LEU A 1782 18.21 20.91 -18.33
N CYS A 1783 17.14 20.40 -17.70
CA CYS A 1783 17.30 19.42 -16.64
C CYS A 1783 17.91 18.12 -17.17
N VAL A 1784 17.49 17.68 -18.36
CA VAL A 1784 18.05 16.47 -18.94
C VAL A 1784 19.53 16.65 -19.25
N ALA A 1785 19.90 17.81 -19.80
CA ALA A 1785 21.31 18.07 -20.07
C ALA A 1785 22.13 18.08 -18.79
N LEU A 1786 21.59 18.70 -17.73
CA LEU A 1786 22.30 18.73 -16.45
C LEU A 1786 22.48 17.32 -15.90
N ASP A 1787 21.44 16.48 -15.99
CA ASP A 1787 21.55 15.13 -15.48
C ASP A 1787 22.53 14.30 -16.30
N VAL A 1788 22.59 14.52 -17.61
CA VAL A 1788 23.53 13.79 -18.45
C VAL A 1788 24.96 14.20 -18.15
N ASN A 1789 25.21 15.52 -18.01
CA ASN A 1789 26.58 15.99 -17.82
C ASN A 1789 27.13 15.57 -16.47
N CYS A 1790 26.37 15.77 -15.40
CA CYS A 1790 26.82 15.45 -14.05
C CYS A 1790 25.85 14.48 -13.38
N GLU A 1791 26.40 13.56 -12.61
CA GLU A 1791 25.62 12.54 -11.91
C GLU A 1791 25.69 12.73 -10.39
N ALA A 1792 25.74 13.98 -9.95
CA ALA A 1792 25.79 14.24 -8.50
C ALA A 1792 24.46 13.94 -7.85
N LEU A 1793 23.40 14.63 -8.27
CA LEU A 1793 22.06 14.39 -7.76
C LEU A 1793 21.06 14.51 -8.90
N SER A 1794 20.02 13.68 -8.85
CA SER A 1794 19.00 13.68 -9.88
C SER A 1794 18.19 14.97 -9.83
N LEU A 1795 17.88 15.50 -11.00
CA LEU A 1795 17.07 16.71 -11.12
C LEU A 1795 15.78 16.50 -11.92
N VAL A 1796 15.78 15.58 -12.88
CA VAL A 1796 14.55 15.29 -13.62
C VAL A 1796 13.61 14.40 -12.81
N SER A 1797 14.11 13.72 -11.79
CA SER A 1797 13.25 12.86 -10.96
C SER A 1797 12.23 13.69 -10.18
N HIS A 1798 12.58 14.91 -9.78
CA HIS A 1798 11.67 15.77 -9.06
C HIS A 1798 10.59 16.37 -9.96
N ILE A 1799 10.71 16.22 -11.27
CA ILE A 1799 9.70 16.76 -12.18
C ILE A 1799 8.60 15.73 -12.47
N VAL A 1800 8.93 14.44 -12.44
CA VAL A 1800 7.97 13.39 -12.77
C VAL A 1800 7.19 12.99 -11.51
N LYS A 1801 7.40 13.71 -10.42
CA LYS A 1801 6.73 13.44 -9.15
C LYS A 1801 5.89 14.64 -8.74
N TRP A 1802 4.81 14.36 -8.02
CA TRP A 1802 3.89 15.40 -7.56
C TRP A 1802 3.47 15.08 -6.14
N LYS A 1803 2.93 16.10 -5.46
CA LYS A 1803 2.47 15.92 -4.10
C LYS A 1803 1.16 15.13 -4.08
N ARG A 1804 1.11 14.11 -3.24
CA ARG A 1804 -0.08 13.27 -3.14
C ARG A 1804 -1.21 14.01 -2.44
N GLU A 1805 -2.43 13.80 -2.94
CA GLU A 1805 -3.64 14.35 -2.33
C GLU A 1805 -4.34 13.26 -1.54
N GLU A 1806 -4.46 13.46 -0.23
CA GLU A 1806 -5.07 12.48 0.66
C GLU A 1806 -5.46 13.16 1.96
N HIS A 1807 -6.46 12.61 2.63
CA HIS A 1807 -6.94 13.20 3.87
C HIS A 1807 -5.89 13.08 4.98
N TYR A 1808 -5.82 14.11 5.81
CA TYR A 1808 -5.03 14.10 7.03
C TYR A 1808 -5.94 14.44 8.21
N ILE A 1809 -5.88 13.63 9.25
CA ILE A 1809 -6.68 13.85 10.45
C ILE A 1809 -5.75 14.55 11.45
N VAL A 1810 -5.97 15.85 11.65
CA VAL A 1810 -5.09 16.66 12.48
C VAL A 1810 -5.88 17.27 13.63
N LEU A 1811 -5.17 17.86 14.57
CA LEU A 1811 -5.79 18.56 15.69
C LEU A 1811 -6.02 20.02 15.31
N SER A 1812 -7.18 20.55 15.70
CA SER A 1812 -7.51 21.93 15.39
C SER A 1812 -6.55 22.90 16.07
N SER A 1813 -6.25 22.67 17.35
CA SER A 1813 -5.36 23.56 18.08
C SER A 1813 -3.96 23.56 17.48
N GLU A 1814 -3.43 22.38 17.13
CA GLU A 1814 -2.13 22.33 16.48
C GLU A 1814 -2.15 22.92 15.08
N LEU A 1815 -3.26 22.71 14.35
CA LEU A 1815 -3.36 23.27 13.00
C LEU A 1815 -3.36 24.79 13.02
N ARG A 1816 -4.03 25.40 14.00
CA ARG A 1816 -4.13 26.85 14.04
C ARG A 1816 -2.86 27.53 14.52
N LEU A 1817 -1.84 26.77 14.94
CA LEU A 1817 -0.59 27.33 15.43
C LEU A 1817 0.60 26.95 14.55
N SER A 1818 0.40 26.96 13.24
CA SER A 1818 1.46 26.61 12.30
C SER A 1818 2.08 27.86 11.69
N HIS A 1819 3.24 27.68 11.08
CA HIS A 1819 3.93 28.79 10.41
C HIS A 1819 3.33 29.03 9.03
N THR A 1820 3.65 30.20 8.46
CA THR A 1820 3.16 30.58 7.15
C THR A 1820 4.32 31.09 6.30
N ARG A 1821 4.33 30.69 5.02
CA ARG A 1821 5.30 31.18 4.05
C ARG A 1821 4.55 32.05 3.04
N THR A 1822 4.67 33.36 3.22
CA THR A 1822 3.99 34.31 2.34
C THR A 1822 4.78 34.49 1.05
N HIS A 1823 4.08 35.01 0.03
CA HIS A 1823 4.68 35.27 -1.31
C HIS A 1823 4.71 36.78 -1.58
N GLU A 1824 5.86 37.30 -2.01
CA GLU A 1824 6.01 38.75 -2.31
C GLU A 1824 6.44 38.92 -3.77
N VAL A 1831 9.01 45.05 -8.94
CA VAL A 1831 8.92 43.60 -8.87
C VAL A 1831 7.59 43.12 -9.44
N VAL A 1832 7.61 42.62 -10.67
CA VAL A 1832 6.42 42.12 -11.34
C VAL A 1832 6.72 40.72 -11.87
N SER A 1833 5.88 39.76 -11.51
CA SER A 1833 6.02 38.38 -11.95
C SER A 1833 4.77 37.96 -12.71
N THR A 1834 4.97 37.15 -13.76
CA THR A 1834 3.85 36.72 -14.60
C THR A 1834 2.84 35.91 -13.79
N SER A 1835 3.32 34.96 -12.99
CA SER A 1835 2.41 34.15 -12.19
C SER A 1835 1.66 34.99 -11.17
N ASP A 1836 2.36 35.92 -10.50
CA ASP A 1836 1.70 36.80 -9.56
C ASP A 1836 0.68 37.69 -10.27
N ALA A 1837 1.04 38.20 -11.45
CA ALA A 1837 0.12 39.07 -12.18
C ALA A 1837 -1.15 38.31 -12.58
N VAL A 1838 -1.00 37.10 -13.11
CA VAL A 1838 -2.17 36.35 -13.55
C VAL A 1838 -3.02 35.93 -12.35
N ASP A 1839 -2.38 35.58 -11.22
CA ASP A 1839 -3.14 35.25 -10.03
C ASP A 1839 -3.92 36.45 -9.52
N ASN A 1840 -3.30 37.63 -9.51
CA ASN A 1840 -4.01 38.83 -9.11
C ASN A 1840 -5.17 39.14 -10.04
N PHE A 1841 -4.97 38.97 -11.34
CA PHE A 1841 -6.05 39.20 -12.29
C PHE A 1841 -7.21 38.23 -12.08
N MET A 1842 -6.90 36.95 -11.87
CA MET A 1842 -7.95 35.97 -11.63
C MET A 1842 -8.70 36.27 -10.35
N ARG A 1843 -7.99 36.64 -9.28
CA ARG A 1843 -8.66 36.97 -8.03
C ARG A 1843 -9.53 38.22 -8.17
N GLN A 1844 -9.06 39.23 -8.91
CA GLN A 1844 -9.87 40.41 -9.15
C GLN A 1844 -11.14 40.07 -9.92
N ILE A 1845 -11.01 39.24 -10.97
CA ILE A 1845 -12.19 38.84 -11.73
C ILE A 1845 -13.17 38.08 -10.85
N TYR A 1846 -12.65 37.15 -10.04
CA TYR A 1846 -13.51 36.35 -9.17
C TYR A 1846 -14.23 37.23 -8.15
N PHE A 1847 -13.52 38.20 -7.56
CA PHE A 1847 -14.15 39.07 -6.57
C PHE A 1847 -15.19 39.98 -7.21
N GLU A 1848 -14.87 40.58 -8.36
CA GLU A 1848 -15.82 41.46 -9.01
C GLU A 1848 -16.97 40.72 -9.67
N SER A 1849 -16.86 39.40 -9.84
CA SER A 1849 -17.96 38.63 -10.40
C SER A 1849 -19.18 38.57 -9.50
N TYR A 1850 -19.01 38.81 -8.19
CA TYR A 1850 -20.12 38.73 -7.25
C TYR A 1850 -20.75 40.08 -6.94
N VAL A 1851 -19.96 41.17 -6.96
CA VAL A 1851 -20.55 42.49 -6.72
C VAL A 1851 -21.45 42.89 -7.88
N ARG A 1852 -21.08 42.54 -9.11
CA ARG A 1852 -21.88 42.88 -10.28
C ARG A 1852 -21.54 41.89 -11.39
N SER A 1853 -22.43 41.84 -12.38
CA SER A 1853 -22.25 40.99 -13.55
C SER A 1853 -21.92 41.84 -14.77
N PHE A 1854 -21.15 41.26 -15.69
CA PHE A 1854 -20.75 41.97 -16.89
C PHE A 1854 -20.47 40.96 -18.00
N VAL A 1855 -20.47 41.45 -19.23
CA VAL A 1855 -20.22 40.62 -20.41
C VAL A 1855 -18.72 40.57 -20.65
N ALA A 1856 -18.24 39.39 -21.03
CA ALA A 1856 -16.80 39.17 -21.21
C ALA A 1856 -16.36 39.67 -22.58
N THR A 1857 -16.32 40.99 -22.71
CA THR A 1857 -15.85 41.63 -23.92
C THR A 1857 -14.33 41.84 -23.85
N THR A 1858 -13.76 42.34 -24.93
CA THR A 1858 -12.32 42.58 -24.97
C THR A 1858 -11.91 43.79 -24.15
N ARG A 1859 -12.82 44.73 -23.90
CA ARG A 1859 -12.49 45.94 -23.16
C ARG A 1859 -12.66 45.76 -21.65
N THR A 1860 -13.70 45.03 -21.23
CA THR A 1860 -13.92 44.83 -19.80
C THR A 1860 -12.76 44.09 -19.14
N LEU A 1861 -12.27 43.04 -19.80
CA LEU A 1861 -11.14 42.30 -19.26
C LEU A 1861 -9.85 43.12 -19.26
N GLY A 1862 -9.69 44.03 -20.21
CA GLY A 1862 -8.54 44.89 -20.26
C GLY A 1862 -8.62 46.12 -19.39
N SER A 1863 -9.73 46.33 -18.69
CA SER A 1863 -9.93 47.49 -17.85
C SER A 1863 -9.48 47.27 -16.41
N PHE A 1864 -8.93 46.11 -16.09
CA PHE A 1864 -8.47 45.80 -14.75
C PHE A 1864 -6.98 46.13 -14.60
N THR A 1865 -6.61 46.57 -13.39
CA THR A 1865 -5.24 47.04 -13.17
C THR A 1865 -4.22 45.94 -13.41
N TRP A 1866 -4.49 44.74 -12.89
CA TRP A 1866 -3.58 43.61 -13.07
C TRP A 1866 -3.97 42.89 -14.35
N PHE A 1867 -3.17 43.05 -15.39
CA PHE A 1867 -3.44 42.41 -16.67
C PHE A 1867 -2.16 42.26 -17.47
N PRO A 1868 -1.82 41.05 -17.92
CA PRO A 1868 -0.58 40.86 -18.67
C PRO A 1868 -0.66 41.42 -20.08
N HIS A 1869 -0.46 42.73 -20.22
CA HIS A 1869 -0.51 43.38 -21.52
C HIS A 1869 0.72 43.08 -22.35
N LYS A 1870 0.88 41.82 -22.75
CA LYS A 1870 1.97 41.39 -23.62
C LYS A 1870 3.34 41.73 -23.01
N THR A 1871 3.62 41.05 -21.90
CA THR A 1871 4.84 41.28 -21.14
C THR A 1871 6.06 40.85 -21.97
N SER A 1872 7.24 41.03 -21.37
CA SER A 1872 8.48 40.77 -22.09
C SER A 1872 8.60 39.29 -22.48
N VAL A 1873 8.36 38.40 -21.54
CA VAL A 1873 8.48 36.96 -21.80
C VAL A 1873 7.21 36.26 -21.34
N PRO A 1874 6.09 36.39 -22.06
CA PRO A 1874 4.88 35.66 -21.68
C PRO A 1874 5.02 34.16 -21.89
N GLU A 1875 5.41 33.77 -23.11
CA GLU A 1875 5.57 32.37 -23.53
C GLU A 1875 4.30 31.61 -23.13
N GLY A 1876 4.41 30.43 -22.53
CA GLY A 1876 3.24 29.69 -22.10
C GLY A 1876 3.14 29.56 -20.60
N GLU A 1877 4.17 30.04 -19.88
CA GLU A 1877 4.17 29.94 -18.43
C GLU A 1877 3.04 30.76 -17.82
N GLY A 1878 2.83 31.97 -18.32
CA GLY A 1878 1.77 32.81 -17.79
C GLY A 1878 0.40 32.58 -18.40
N LEU A 1879 0.31 31.82 -19.48
CA LEU A 1879 -0.95 31.59 -20.17
C LEU A 1879 -1.64 30.29 -19.75
N GLN A 1880 -1.01 29.50 -18.87
CA GLN A 1880 -1.61 28.25 -18.43
C GLN A 1880 -2.40 28.37 -17.14
N ARG A 1881 -2.09 29.36 -16.31
CA ARG A 1881 -2.86 29.63 -15.10
C ARG A 1881 -3.96 30.67 -15.36
N LEU A 1882 -4.79 30.40 -16.37
CA LEU A 1882 -5.89 31.28 -16.72
C LEU A 1882 -7.21 30.57 -16.91
N GLY A 1883 -7.22 29.24 -17.01
CA GLY A 1883 -8.44 28.49 -17.18
C GLY A 1883 -9.17 28.81 -18.46
N PRO A 1884 -10.47 29.11 -18.35
CA PRO A 1884 -11.27 29.36 -19.55
C PRO A 1884 -10.77 30.51 -20.41
N PHE A 1885 -10.19 31.54 -19.80
CA PHE A 1885 -9.66 32.67 -20.56
C PHE A 1885 -8.33 32.37 -21.22
N SER A 1886 -7.72 31.23 -20.93
CA SER A 1886 -6.38 30.93 -21.43
C SER A 1886 -6.35 30.95 -22.96
N SER A 1887 -7.39 30.41 -23.60
CA SER A 1887 -7.44 30.37 -25.05
C SER A 1887 -7.96 31.66 -25.66
N PHE A 1888 -8.35 32.65 -24.86
CA PHE A 1888 -8.94 33.88 -25.38
C PHE A 1888 -7.92 35.02 -25.45
N VAL A 1889 -7.19 35.26 -24.36
CA VAL A 1889 -6.30 36.41 -24.31
C VAL A 1889 -5.15 36.26 -25.30
N GLU A 1890 -4.65 35.04 -25.47
CA GLU A 1890 -3.57 34.81 -26.41
C GLU A 1890 -4.02 35.03 -27.85
N LYS A 1891 -5.24 34.59 -28.18
CA LYS A 1891 -5.73 34.63 -29.55
C LYS A 1891 -6.55 35.86 -29.87
N ALA A 1892 -6.99 36.62 -28.88
CA ALA A 1892 -7.80 37.79 -29.16
C ALA A 1892 -7.28 39.07 -28.53
N ILE A 1893 -6.73 39.00 -27.32
CA ILE A 1893 -6.23 40.20 -26.66
C ILE A 1893 -4.87 40.59 -27.21
N HIS A 1894 -3.94 39.64 -27.27
CA HIS A 1894 -2.62 39.92 -27.82
C HIS A 1894 -2.57 39.63 -29.31
N LYS A 1895 -3.55 40.16 -30.04
CA LYS A 1895 -3.60 40.04 -31.50
C LYS A 1895 -4.13 41.29 -32.18
N GLY A 1896 -4.42 42.35 -31.44
CA GLY A 1896 -5.05 43.53 -32.03
C GLY A 1896 -6.45 43.26 -32.54
N ILE A 1897 -7.22 42.44 -31.83
CA ILE A 1897 -8.56 42.06 -32.23
C ILE A 1897 -9.53 42.52 -31.15
N GLU A 1898 -10.59 43.21 -31.56
CA GLU A 1898 -11.61 43.73 -30.65
C GLU A 1898 -12.93 43.01 -30.95
N ARG A 1899 -13.33 42.11 -30.05
CA ARG A 1899 -14.55 41.33 -30.22
C ARG A 1899 -14.92 40.70 -28.89
N PRO A 1900 -16.20 40.47 -28.64
CA PRO A 1900 -16.60 39.75 -27.42
C PRO A 1900 -16.23 38.27 -27.51
N MET A 1901 -16.11 37.64 -26.35
CA MET A 1901 -15.80 36.22 -26.27
C MET A 1901 -17.06 35.39 -26.46
N PHE A 1902 -16.95 34.33 -27.25
CA PHE A 1902 -18.05 33.42 -27.52
C PHE A 1902 -17.72 32.04 -26.97
N LYS A 1903 -18.67 31.11 -27.15
CA LYS A 1903 -18.50 29.76 -26.63
C LYS A 1903 -17.35 29.04 -27.32
N HIS A 1904 -17.19 29.25 -28.63
CA HIS A 1904 -16.12 28.57 -29.36
C HIS A 1904 -14.74 28.89 -28.81
N ASP A 1905 -14.58 30.03 -28.14
CA ASP A 1905 -13.35 30.31 -27.41
C ASP A 1905 -13.40 29.74 -26.00
N LEU A 1906 -13.77 28.46 -25.91
CA LEU A 1906 -13.80 27.76 -24.64
C LEU A 1906 -13.29 26.33 -24.75
N MET A 1907 -12.82 25.90 -25.92
CA MET A 1907 -12.34 24.55 -26.15
C MET A 1907 -10.84 24.63 -26.42
N MET A 1908 -10.04 24.27 -25.40
CA MET A 1908 -8.59 24.30 -25.51
C MET A 1908 -8.03 22.90 -25.38
N GLY A 1909 -7.05 22.58 -26.24
CA GLY A 1909 -6.42 21.27 -26.22
C GLY A 1909 -7.04 20.29 -27.19
N TYR A 1910 -6.42 19.13 -27.26
CA TYR A 1910 -6.91 18.06 -28.13
C TYR A 1910 -8.26 17.56 -27.63
N ALA A 1911 -9.17 17.32 -28.58
CA ALA A 1911 -10.55 16.96 -28.26
C ALA A 1911 -10.92 15.65 -28.93
N TRP A 1912 -11.81 14.92 -28.26
CA TRP A 1912 -12.33 13.66 -28.80
C TRP A 1912 -13.73 13.45 -28.27
N ILE A 1913 -14.50 12.61 -28.98
CA ILE A 1913 -15.91 12.41 -28.67
C ILE A 1913 -16.10 11.02 -28.06
N ASP A 1914 -17.15 10.90 -27.25
CA ASP A 1914 -17.55 9.63 -26.68
C ASP A 1914 -19.07 9.61 -26.53
N PHE A 1915 -19.69 8.47 -26.81
CA PHE A 1915 -21.13 8.38 -26.85
C PHE A 1915 -21.63 7.24 -25.98
N ASP A 1916 -22.87 7.39 -25.51
CA ASP A 1916 -23.55 6.39 -24.72
C ASP A 1916 -24.96 6.19 -25.26
N ILE A 1917 -25.45 4.96 -25.15
CA ILE A 1917 -26.75 4.57 -25.67
C ILE A 1917 -27.66 4.25 -24.50
N GLU A 1918 -28.74 5.02 -24.36
CA GLU A 1918 -29.70 4.78 -23.29
C GLU A 1918 -30.70 3.70 -23.71
N PRO A 1919 -31.27 2.98 -22.75
CA PRO A 1919 -32.29 1.98 -23.09
C PRO A 1919 -33.55 2.62 -23.63
N ALA A 1920 -34.24 1.89 -24.50
CA ALA A 1920 -35.46 2.37 -25.11
C ALA A 1920 -36.59 2.40 -24.08
N ARG A 1921 -37.59 3.24 -24.35
CA ARG A 1921 -38.70 3.46 -23.43
C ARG A 1921 -40.02 3.37 -24.18
N PHE A 1922 -41.02 2.78 -23.53
CA PHE A 1922 -42.37 2.75 -24.08
C PHE A 1922 -43.07 4.08 -23.82
N ASN A 1923 -44.23 4.25 -24.47
CA ASN A 1923 -45.09 5.41 -24.25
C ASN A 1923 -46.41 4.92 -23.65
N HIS A 1924 -46.80 5.53 -22.54
CA HIS A 1924 -48.01 5.11 -21.85
C HIS A 1924 -49.26 5.45 -22.66
N ASN A 1925 -49.34 6.68 -23.16
CA ASN A 1925 -50.52 7.10 -23.90
C ASN A 1925 -50.69 6.34 -25.20
N GLN A 1926 -49.59 6.10 -25.91
CA GLN A 1926 -49.66 5.37 -27.18
C GLN A 1926 -50.18 3.95 -26.96
N LEU A 1927 -49.71 3.29 -25.89
CA LEU A 1927 -50.18 1.95 -25.58
C LEU A 1927 -51.64 1.97 -25.16
N ILE A 1928 -52.02 2.92 -24.30
CA ILE A 1928 -53.39 2.92 -23.77
C ILE A 1928 -54.38 3.30 -24.86
N ALA A 1929 -53.95 4.02 -25.89
CA ALA A 1929 -54.82 4.42 -26.99
C ALA A 1929 -54.68 3.51 -28.20
N SER A 1930 -54.37 2.23 -27.98
CA SER A 1930 -54.22 1.31 -29.10
C SER A 1930 -54.86 -0.06 -28.83
N GLY A 1931 -55.59 -0.21 -27.74
CA GLY A 1931 -56.24 -1.48 -27.44
C GLY A 1931 -55.58 -2.24 -26.32
N LEU A 1932 -55.08 -1.51 -25.32
CA LEU A 1932 -54.41 -2.11 -24.15
C LEU A 1932 -55.05 -1.58 -22.88
N VAL A 1933 -56.39 -1.58 -22.84
CA VAL A 1933 -57.16 -1.09 -21.70
C VAL A 1933 -57.80 -2.29 -21.02
N GLY A 1934 -57.61 -2.39 -19.70
CA GLY A 1934 -58.18 -3.46 -18.94
C GLY A 1934 -57.41 -3.72 -17.66
N PRO A 1935 -57.58 -4.90 -17.08
CA PRO A 1935 -56.86 -5.25 -15.86
C PRO A 1935 -55.36 -5.37 -16.12
N ARG A 1936 -54.58 -5.06 -15.08
CA ARG A 1936 -53.13 -5.17 -15.18
C ARG A 1936 -52.71 -6.63 -15.28
N PHE A 1937 -51.57 -6.86 -15.91
CA PHE A 1937 -51.13 -8.20 -16.26
C PHE A 1937 -50.33 -8.84 -15.13
N ASP A 1938 -50.28 -10.16 -15.15
CA ASP A 1938 -49.62 -10.91 -14.08
C ASP A 1938 -48.11 -10.78 -14.13
N SER A 1939 -47.53 -10.90 -15.32
CA SER A 1939 -46.07 -10.89 -15.47
C SER A 1939 -45.71 -10.21 -16.78
N LEU A 1940 -44.41 -10.21 -17.09
CA LEU A 1940 -43.93 -9.57 -18.31
C LEU A 1940 -44.31 -10.37 -19.55
N GLU A 1941 -44.34 -11.70 -19.45
CA GLU A 1941 -44.73 -12.51 -20.59
C GLU A 1941 -46.16 -12.22 -21.03
N ASP A 1942 -47.07 -12.06 -20.05
CA ASP A 1942 -48.45 -11.72 -20.38
C ASP A 1942 -48.53 -10.35 -21.04
N PHE A 1943 -47.75 -9.38 -20.55
CA PHE A 1943 -47.73 -8.05 -21.16
C PHE A 1943 -47.24 -8.11 -22.61
N PHE A 1944 -46.17 -8.89 -22.85
CA PHE A 1944 -45.65 -8.98 -24.22
C PHE A 1944 -46.63 -9.72 -25.13
N ASP A 1945 -47.32 -10.73 -24.60
CA ASP A 1945 -48.34 -11.41 -25.40
C ASP A 1945 -49.49 -10.47 -25.74
N ALA A 1946 -49.91 -9.64 -24.78
CA ALA A 1946 -50.97 -8.68 -25.05
C ALA A 1946 -50.53 -7.65 -26.09
N VAL A 1947 -49.29 -7.17 -26.00
CA VAL A 1947 -48.78 -6.23 -26.99
C VAL A 1947 -48.69 -6.89 -28.36
N GLU A 1948 -48.35 -8.19 -28.40
CA GLU A 1948 -48.22 -8.89 -29.66
C GLU A 1948 -49.55 -8.96 -30.40
N SER A 1949 -50.65 -9.17 -29.67
CA SER A 1949 -51.98 -9.26 -30.26
C SER A 1949 -52.53 -7.85 -30.52
N LEU A 1950 -51.89 -7.18 -31.48
CA LEU A 1950 -52.22 -5.82 -31.84
C LEU A 1950 -51.93 -5.65 -33.33
N PRO A 1951 -52.40 -4.55 -33.93
CA PRO A 1951 -52.04 -4.27 -35.31
C PRO A 1951 -50.54 -4.19 -35.47
N PRO A 1952 -50.02 -4.59 -36.64
CA PRO A 1952 -48.56 -4.71 -36.81
C PRO A 1952 -47.79 -3.40 -36.69
N GLY A 1953 -48.46 -2.27 -36.48
CA GLY A 1953 -47.75 -1.02 -36.31
C GLY A 1953 -47.97 -0.40 -34.95
N SER A 1954 -48.45 -1.20 -33.99
CA SER A 1954 -48.82 -0.69 -32.67
C SER A 1954 -47.62 -0.58 -31.73
N ALA A 1955 -46.47 -1.15 -32.07
CA ALA A 1955 -45.29 -1.05 -31.22
C ALA A 1955 -44.50 0.19 -31.60
N LYS A 1956 -44.33 1.10 -30.64
CA LYS A 1956 -43.59 2.34 -30.89
C LYS A 1956 -42.65 2.57 -29.71
N LEU A 1957 -41.36 2.69 -30.01
CA LEU A 1957 -40.35 2.89 -28.99
C LEU A 1957 -39.49 4.10 -29.33
N SER A 1958 -38.86 4.68 -28.32
CA SER A 1958 -37.99 5.83 -28.49
C SER A 1958 -36.68 5.57 -27.76
N GLN A 1959 -35.57 5.92 -28.42
CA GLN A 1959 -34.23 5.74 -27.86
C GLN A 1959 -33.42 7.00 -28.09
N THR A 1960 -32.45 7.24 -27.20
CA THR A 1960 -31.61 8.43 -27.25
C THR A 1960 -30.15 8.04 -27.16
N VAL A 1961 -29.33 8.59 -28.04
CA VAL A 1961 -27.88 8.41 -28.02
C VAL A 1961 -27.24 9.76 -27.69
N ARG A 1962 -26.41 9.78 -26.66
CA ARG A 1962 -25.82 11.00 -26.14
C ARG A 1962 -24.35 11.05 -26.52
N PHE A 1963 -23.93 12.12 -27.19
CA PHE A 1963 -22.55 12.35 -27.56
C PHE A 1963 -21.98 13.48 -26.73
N ARG A 1964 -20.73 13.32 -26.28
CA ARG A 1964 -20.04 14.35 -25.51
C ARG A 1964 -18.64 14.51 -26.09
N ILE A 1965 -18.27 15.75 -26.38
CA ILE A 1965 -16.94 16.10 -26.86
C ILE A 1965 -16.16 16.66 -25.67
N LYS A 1966 -15.01 16.04 -25.39
CA LYS A 1966 -14.16 16.42 -24.26
C LYS A 1966 -12.81 16.86 -24.79
N SER A 1967 -12.29 17.95 -24.25
CA SER A 1967 -10.99 18.48 -24.62
C SER A 1967 -9.92 17.93 -23.69
N GLN A 1968 -8.66 18.10 -24.11
CA GLN A 1968 -7.53 17.67 -23.29
C GLN A 1968 -7.51 18.40 -21.96
N ASP A 1969 -7.76 19.71 -21.99
CA ASP A 1969 -7.91 20.50 -20.76
C ASP A 1969 -9.36 20.34 -20.31
N ALA A 1970 -9.60 19.31 -19.50
CA ALA A 1970 -10.97 18.92 -19.15
C ALA A 1970 -11.62 19.92 -18.20
N SER A 1971 -12.33 20.89 -18.77
CA SER A 1971 -13.12 21.84 -17.98
C SER A 1971 -14.50 22.10 -18.55
N PHE A 1972 -14.78 21.72 -19.79
CA PHE A 1972 -16.06 21.98 -20.42
C PHE A 1972 -16.29 20.96 -21.52
N LYS A 1973 -17.40 20.22 -21.42
CA LYS A 1973 -17.76 19.20 -22.39
C LYS A 1973 -18.94 19.68 -23.24
N GLU A 1974 -18.85 19.47 -24.55
CA GLU A 1974 -19.90 19.87 -25.48
C GLU A 1974 -20.80 18.66 -25.74
N SER A 1975 -22.03 18.73 -25.26
CA SER A 1975 -22.93 17.57 -25.27
C SER A 1975 -24.10 17.81 -26.22
N PHE A 1976 -24.46 16.77 -26.97
CA PHE A 1976 -25.65 16.78 -27.80
C PHE A 1976 -26.21 15.37 -27.87
N ALA A 1977 -27.32 15.19 -28.58
CA ALA A 1977 -27.97 13.89 -28.61
C ALA A 1977 -28.72 13.71 -29.92
N ILE A 1978 -28.95 12.45 -30.26
CA ILE A 1978 -29.80 12.09 -31.40
C ILE A 1978 -30.84 11.08 -30.93
N HIS A 1979 -32.08 11.28 -31.37
CA HIS A 1979 -33.21 10.47 -30.94
C HIS A 1979 -33.73 9.64 -32.11
N LEU A 1980 -34.03 8.37 -31.82
CA LEU A 1980 -34.55 7.44 -32.82
C LEU A 1980 -35.89 6.92 -32.36
N ASP A 1981 -36.89 7.02 -33.25
CA ASP A 1981 -38.23 6.50 -33.00
C ASP A 1981 -38.44 5.28 -33.90
N TYR A 1982 -38.68 4.14 -33.27
CA TYR A 1982 -38.91 2.88 -33.97
C TYR A 1982 -40.39 2.57 -33.98
N THR A 1983 -40.93 2.27 -35.16
CA THR A 1983 -42.30 1.80 -35.31
C THR A 1983 -42.25 0.39 -35.90
N GLY A 1984 -42.86 -0.56 -35.20
CA GLY A 1984 -42.84 -1.94 -35.62
C GLY A 1984 -43.77 -2.77 -34.77
N SER A 1985 -43.55 -4.08 -34.79
CA SER A 1985 -44.41 -5.02 -34.09
C SER A 1985 -43.57 -5.98 -33.24
N ILE A 1986 -44.15 -6.40 -32.13
CA ILE A 1986 -43.52 -7.37 -31.25
C ILE A 1986 -43.80 -8.77 -31.78
N ASN A 1987 -42.75 -9.53 -32.04
CA ASN A 1987 -42.87 -10.90 -32.50
C ASN A 1987 -42.92 -11.82 -31.27
N GLN A 1988 -42.76 -13.13 -31.47
CA GLN A 1988 -42.92 -14.10 -30.39
C GLN A 1988 -42.01 -13.82 -29.20
N GLN A 1989 -42.60 -13.45 -28.08
CA GLN A 1989 -41.90 -13.25 -26.80
C GLN A 1989 -40.83 -12.18 -26.99
N THR A 1990 -39.56 -12.45 -26.69
CA THR A 1990 -38.51 -11.44 -26.72
C THR A 1990 -37.99 -11.26 -28.14
N LYS A 1991 -38.83 -10.62 -28.96
CA LYS A 1991 -38.48 -10.29 -30.33
C LYS A 1991 -39.10 -8.94 -30.67
N TYR A 1992 -38.37 -8.12 -31.43
CA TYR A 1992 -38.87 -6.81 -31.85
C TYR A 1992 -38.49 -6.60 -33.31
N LEU A 1993 -39.50 -6.59 -34.18
CA LEU A 1993 -39.30 -6.35 -35.61
C LEU A 1993 -39.56 -4.89 -35.92
N VAL A 1994 -38.60 -4.24 -36.57
CA VAL A 1994 -38.66 -2.81 -36.84
C VAL A 1994 -39.14 -2.61 -38.28
N HIS A 1995 -40.13 -1.74 -38.44
CA HIS A 1995 -40.65 -1.39 -39.75
C HIS A 1995 -40.15 -0.04 -40.24
N GLU A 1996 -40.27 1.00 -39.43
CA GLU A 1996 -39.80 2.33 -39.80
C GLU A 1996 -38.99 2.94 -38.66
N VAL A 1997 -38.01 3.76 -39.04
CA VAL A 1997 -37.16 4.47 -38.09
C VAL A 1997 -37.15 5.94 -38.46
N SER A 1998 -37.39 6.81 -37.46
CA SER A 1998 -37.32 8.25 -37.63
C SER A 1998 -36.19 8.80 -36.78
N ALA A 1999 -35.43 9.74 -37.34
CA ALA A 1999 -34.25 10.28 -36.69
C ALA A 1999 -34.41 11.78 -36.47
N MET A 2000 -34.11 12.23 -35.24
CA MET A 2000 -34.09 13.65 -34.90
C MET A 2000 -32.84 13.91 -34.08
N TYR A 2001 -32.53 15.17 -33.83
CA TYR A 2001 -31.36 15.50 -33.05
C TYR A 2001 -31.61 16.77 -32.25
N SER A 2002 -30.81 16.94 -31.19
CA SER A 2002 -30.90 18.11 -30.33
C SER A 2002 -29.51 18.44 -29.81
N GLY A 2003 -29.07 19.67 -30.06
CA GLY A 2003 -27.77 20.10 -29.60
C GLY A 2003 -27.35 21.37 -30.31
N ALA A 2004 -26.10 21.77 -30.04
CA ALA A 2004 -25.50 22.96 -30.62
C ALA A 2004 -24.38 22.60 -31.60
N VAL A 2005 -24.59 21.54 -32.37
CA VAL A 2005 -23.59 21.03 -33.30
C VAL A 2005 -24.15 21.11 -34.71
N SER A 2006 -23.32 21.55 -35.65
CA SER A 2006 -23.76 21.65 -37.04
C SER A 2006 -24.05 20.25 -37.59
N PRO A 2007 -25.12 20.09 -38.39
CA PRO A 2007 -25.45 18.75 -38.89
C PRO A 2007 -24.43 18.19 -39.88
N CYS A 2008 -23.53 19.02 -40.41
CA CYS A 2008 -22.60 18.57 -41.44
C CYS A 2008 -21.71 17.42 -40.97
N VAL A 2009 -21.54 17.26 -39.67
CA VAL A 2009 -20.76 16.16 -39.12
C VAL A 2009 -21.64 15.07 -38.50
N LEU A 2010 -22.92 15.35 -38.27
CA LEU A 2010 -23.77 14.43 -37.50
C LEU A 2010 -23.77 13.03 -38.11
N SER A 2011 -23.95 12.94 -39.43
CA SER A 2011 -23.96 11.64 -40.09
C SER A 2011 -22.70 10.85 -39.75
N ASP A 2012 -21.54 11.50 -39.81
CA ASP A 2012 -20.29 10.83 -39.46
C ASP A 2012 -20.36 10.25 -38.06
N CYS A 2013 -20.83 11.05 -37.10
CA CYS A 2013 -21.00 10.55 -35.74
C CYS A 2013 -21.91 9.33 -35.72
N TRP A 2014 -23.01 9.39 -36.47
CA TRP A 2014 -23.91 8.24 -36.54
C TRP A 2014 -23.19 7.02 -37.08
N ARG A 2015 -22.31 7.21 -38.07
CA ARG A 2015 -21.56 6.08 -38.59
C ARG A 2015 -20.73 5.43 -37.49
N LEU A 2016 -20.20 6.23 -36.57
CA LEU A 2016 -19.47 5.67 -35.44
C LEU A 2016 -20.35 4.73 -34.64
N VAL A 2017 -21.61 5.12 -34.43
CA VAL A 2017 -22.55 4.24 -33.72
C VAL A 2017 -22.76 2.95 -34.51
N LEU A 2018 -22.76 3.05 -35.83
CA LEU A 2018 -22.90 1.85 -36.65
C LEU A 2018 -21.66 0.96 -36.61
N SER A 2019 -20.54 1.46 -36.09
CA SER A 2019 -19.35 0.61 -35.96
C SER A 2019 -19.52 -0.40 -34.84
N GLY A 2020 -20.30 -0.08 -33.82
CA GLY A 2020 -20.52 -0.97 -32.70
C GLY A 2020 -21.38 -2.16 -33.08
N PRO A 2021 -21.30 -3.23 -32.27
CA PRO A 2021 -22.08 -4.44 -32.56
C PRO A 2021 -23.50 -4.42 -32.02
N THR A 2022 -24.00 -3.29 -31.52
CA THR A 2022 -25.34 -3.25 -30.95
C THR A 2022 -26.41 -3.45 -32.02
N PHE A 2023 -26.31 -2.70 -33.12
CA PHE A 2023 -27.30 -2.76 -34.19
C PHE A 2023 -27.04 -3.88 -35.18
N LYS A 2024 -25.94 -4.61 -35.03
CA LYS A 2024 -25.64 -5.76 -35.89
C LYS A 2024 -26.16 -7.06 -35.32
N GLY A 2025 -26.85 -7.03 -34.19
CA GLY A 2025 -27.33 -8.25 -33.56
C GLY A 2025 -26.29 -8.99 -32.74
N LYS A 2026 -25.12 -8.40 -32.53
CA LYS A 2026 -24.04 -9.02 -31.78
C LYS A 2026 -23.95 -8.51 -30.35
N SER A 2027 -24.94 -7.75 -29.89
CA SER A 2027 -24.93 -7.22 -28.54
C SER A 2027 -26.36 -7.11 -28.03
N ALA A 2028 -26.51 -7.07 -26.71
CA ALA A 2028 -27.83 -7.02 -26.10
C ALA A 2028 -28.43 -5.63 -26.25
N TRP A 2029 -29.75 -5.58 -26.43
CA TRP A 2029 -30.51 -4.34 -26.51
C TRP A 2029 -31.49 -4.29 -25.35
N TYR A 2030 -31.51 -3.18 -24.63
CA TYR A 2030 -32.24 -3.09 -23.37
C TYR A 2030 -33.39 -2.10 -23.48
N VAL A 2031 -34.47 -2.41 -22.76
CA VAL A 2031 -35.66 -1.57 -22.69
C VAL A 2031 -35.92 -1.25 -21.23
N ASP A 2032 -36.24 0.03 -20.96
CA ASP A 2032 -36.53 0.46 -19.61
C ASP A 2032 -37.83 -0.16 -19.11
N THR A 2033 -37.89 -0.43 -17.81
CA THR A 2033 -39.02 -1.09 -17.20
C THR A 2033 -39.92 -0.16 -16.39
N GLU A 2034 -39.67 1.15 -16.46
CA GLU A 2034 -40.48 2.08 -15.66
C GLU A 2034 -41.93 2.12 -16.14
N ILE A 2035 -42.13 2.20 -17.46
CA ILE A 2035 -43.47 2.22 -18.00
C ILE A 2035 -44.16 0.87 -17.82
N VAL A 2036 -43.40 -0.22 -17.96
CA VAL A 2036 -43.98 -1.56 -17.91
C VAL A 2036 -44.62 -1.82 -16.55
N ASN A 2037 -44.00 -1.32 -15.47
CA ASN A 2037 -44.53 -1.56 -14.14
C ASN A 2037 -45.92 -0.97 -13.93
N GLU A 2038 -46.33 -0.01 -14.77
CA GLU A 2038 -47.67 0.53 -14.68
C GLU A 2038 -48.73 -0.44 -15.19
N PHE A 2039 -48.35 -1.50 -15.88
CA PHE A 2039 -49.28 -2.48 -16.42
C PHE A 2039 -49.19 -3.82 -15.72
N LEU A 2040 -48.56 -3.88 -14.55
CA LEU A 2040 -48.39 -5.11 -13.80
C LEU A 2040 -49.06 -4.99 -12.44
N THR A 2041 -49.79 -6.05 -12.06
CA THR A 2041 -50.44 -6.06 -10.75
C THR A 2041 -49.39 -6.05 -9.63
N ASP A 2042 -48.33 -6.82 -9.79
CA ASP A 2042 -47.28 -6.97 -8.78
C ASP A 2042 -46.04 -6.24 -9.25
N THR A 2043 -45.72 -5.12 -8.60
CA THR A 2043 -44.47 -4.42 -8.84
C THR A 2043 -43.36 -5.11 -8.04
N ASN A 2044 -42.18 -4.48 -7.98
CA ASN A 2044 -41.02 -5.05 -7.29
C ASN A 2044 -40.72 -6.45 -7.81
N GLN A 2045 -40.84 -6.62 -9.12
CA GLN A 2045 -40.64 -7.90 -9.77
C GLN A 2045 -39.53 -7.88 -10.81
N LEU A 2046 -39.34 -6.75 -11.49
CA LEU A 2046 -38.29 -6.58 -12.48
C LEU A 2046 -37.22 -5.65 -11.95
N GLY A 2047 -36.08 -5.63 -12.65
CA GLY A 2047 -35.02 -4.71 -12.33
C GLY A 2047 -35.27 -3.35 -12.95
N HIS A 2048 -34.24 -2.74 -13.52
CA HIS A 2048 -34.39 -1.46 -14.21
C HIS A 2048 -34.38 -1.59 -15.72
N VAL A 2049 -33.84 -2.69 -16.26
CA VAL A 2049 -33.76 -2.90 -17.70
C VAL A 2049 -34.21 -4.33 -18.02
N THR A 2050 -34.63 -4.53 -19.26
CA THR A 2050 -35.00 -5.86 -19.76
C THR A 2050 -34.33 -6.06 -21.11
N PRO A 2051 -33.63 -7.19 -21.31
CA PRO A 2051 -32.96 -7.44 -22.60
C PRO A 2051 -33.95 -7.95 -23.64
N VAL A 2052 -34.12 -7.19 -24.72
CA VAL A 2052 -34.98 -7.56 -25.84
C VAL A 2052 -34.17 -7.38 -27.12
N GLU A 2053 -34.05 -8.45 -27.90
CA GLU A 2053 -33.30 -8.38 -29.15
C GLU A 2053 -34.10 -7.63 -30.21
N ILE A 2054 -33.40 -6.88 -31.05
CA ILE A 2054 -34.01 -6.02 -32.05
C ILE A 2054 -33.56 -6.47 -33.43
N VAL A 2055 -34.50 -6.61 -34.35
CA VAL A 2055 -34.23 -7.00 -35.72
C VAL A 2055 -34.59 -5.82 -36.62
N VAL A 2056 -33.60 -5.32 -37.36
CA VAL A 2056 -33.79 -4.16 -38.22
C VAL A 2056 -32.80 -4.23 -39.37
N ASP A 2057 -33.24 -3.85 -40.56
CA ASP A 2057 -32.36 -3.85 -41.72
C ASP A 2057 -31.37 -2.71 -41.62
N MET A 2058 -30.14 -2.97 -42.04
CA MET A 2058 -29.07 -1.97 -41.93
C MET A 2058 -29.33 -0.77 -42.83
N GLU A 2059 -29.90 -1.00 -44.02
CA GLU A 2059 -30.13 0.09 -44.96
C GLU A 2059 -31.06 1.15 -44.39
N LYS A 2060 -32.00 0.74 -43.54
CA LYS A 2060 -32.92 1.71 -42.93
C LYS A 2060 -32.23 2.60 -41.91
N LEU A 2061 -31.03 2.23 -41.46
CA LEU A 2061 -30.32 2.96 -40.42
C LEU A 2061 -29.23 3.87 -40.98
N GLN A 2062 -29.13 4.00 -42.29
CA GLN A 2062 -28.07 4.80 -42.93
C GLN A 2062 -28.63 6.17 -43.28
N PHE A 2063 -28.75 7.02 -42.27
CA PHE A 2063 -29.19 8.40 -42.48
C PHE A 2063 -28.03 9.22 -43.02
N THR A 2064 -28.33 10.07 -44.01
CA THR A 2064 -27.30 10.83 -44.72
C THR A 2064 -27.67 12.31 -44.76
N GLU A 2065 -27.33 13.04 -43.69
CA GLU A 2065 -27.19 14.48 -43.71
C GLU A 2065 -28.52 15.22 -43.89
N TYR A 2066 -29.62 14.49 -44.11
CA TYR A 2066 -30.90 15.11 -44.37
C TYR A 2066 -32.07 14.50 -43.61
N ASP A 2067 -31.93 13.28 -43.08
CA ASP A 2067 -33.02 12.66 -42.33
C ASP A 2067 -33.13 13.20 -40.91
N PHE A 2068 -32.13 13.93 -40.42
CA PHE A 2068 -32.19 14.49 -39.07
C PHE A 2068 -32.97 15.80 -39.08
N VAL A 2069 -33.89 15.94 -38.13
CA VAL A 2069 -34.68 17.15 -37.97
C VAL A 2069 -34.43 17.71 -36.57
N LEU A 2070 -34.05 18.98 -36.52
CA LEU A 2070 -33.74 19.61 -35.24
C LEU A 2070 -35.00 19.82 -34.41
N VAL A 2071 -34.87 19.64 -33.10
CA VAL A 2071 -35.98 19.87 -32.17
C VAL A 2071 -35.71 21.02 -31.22
N GLY A 2072 -34.51 21.57 -31.19
CA GLY A 2072 -34.19 22.63 -30.26
C GLY A 2072 -34.64 23.99 -30.74
N PRO A 2073 -34.40 25.00 -29.92
CA PRO A 2073 -34.81 26.36 -30.29
C PRO A 2073 -34.09 26.91 -31.51
N CYS A 2074 -32.89 26.41 -31.82
CA CYS A 2074 -32.10 26.89 -32.96
C CYS A 2074 -31.83 28.40 -32.83
N VAL A 2075 -31.10 28.75 -31.78
CA VAL A 2075 -30.81 30.14 -31.46
C VAL A 2075 -29.37 30.47 -31.85
N GLU A 2076 -29.13 31.74 -32.14
CA GLU A 2076 -27.81 32.19 -32.52
C GLU A 2076 -26.87 32.16 -31.31
N PRO A 2077 -25.56 32.03 -31.54
CA PRO A 2077 -24.62 32.08 -30.42
C PRO A 2077 -24.66 33.43 -29.71
N VAL A 2078 -24.49 33.39 -28.39
CA VAL A 2078 -24.57 34.58 -27.54
C VAL A 2078 -23.25 34.74 -26.80
N PRO A 2079 -22.73 35.96 -26.66
CA PRO A 2079 -21.51 36.15 -25.87
C PRO A 2079 -21.74 35.77 -24.41
N LEU A 2080 -20.68 35.24 -23.79
CA LEU A 2080 -20.78 34.75 -22.42
C LEU A 2080 -20.89 35.90 -21.43
N VAL A 2081 -21.50 35.61 -20.29
CA VAL A 2081 -21.70 36.59 -19.22
C VAL A 2081 -20.94 36.11 -17.99
N VAL A 2082 -20.14 37.00 -17.41
CA VAL A 2082 -19.35 36.66 -16.23
C VAL A 2082 -20.23 36.96 -15.02
N HIS A 2083 -21.06 35.99 -14.64
CA HIS A 2083 -21.89 36.09 -13.46
C HIS A 2083 -21.13 35.48 -12.28
N ARG A 2084 -21.82 35.28 -11.16
CA ARG A 2084 -21.21 34.69 -9.98
C ARG A 2084 -20.63 33.32 -10.30
N GLY A 2085 -19.42 33.07 -9.81
CA GLY A 2085 -18.77 31.79 -10.00
C GLY A 2085 -17.93 31.69 -11.25
N GLY A 2086 -18.58 31.59 -12.40
CA GLY A 2086 -17.88 31.39 -13.66
C GLY A 2086 -18.59 32.04 -14.82
N LEU A 2087 -18.45 31.45 -16.00
CA LEU A 2087 -19.02 31.99 -17.23
C LEU A 2087 -20.41 31.41 -17.45
N TRP A 2088 -21.38 32.28 -17.69
CA TRP A 2088 -22.76 31.88 -17.90
C TRP A 2088 -23.19 32.20 -19.33
N GLU A 2089 -23.74 31.19 -20.00
CA GLU A 2089 -24.39 31.37 -21.29
C GLU A 2089 -25.79 31.93 -21.04
N CYS A 2090 -26.67 31.84 -22.04
CA CYS A 2090 -28.02 32.35 -21.87
C CYS A 2090 -28.80 31.45 -20.92
N ASP A 2091 -28.81 31.81 -19.63
CA ASP A 2091 -29.45 31.04 -18.58
C ASP A 2091 -28.91 29.61 -18.52
N LYS A 2092 -27.60 29.47 -18.67
CA LYS A 2092 -26.95 28.17 -18.58
C LYS A 2092 -25.50 28.38 -18.20
N LYS A 2093 -25.06 27.73 -17.12
CA LYS A 2093 -23.69 27.85 -16.63
C LYS A 2093 -22.83 26.78 -17.30
N LEU A 2094 -21.91 27.22 -18.17
CA LEU A 2094 -21.07 26.29 -18.90
C LEU A 2094 -19.85 25.86 -18.08
N ALA A 2095 -19.00 26.82 -17.71
CA ALA A 2095 -17.76 26.54 -16.99
C ALA A 2095 -17.62 27.50 -15.83
N SER A 2096 -16.79 27.11 -14.86
CA SER A 2096 -16.55 27.92 -13.68
C SER A 2096 -15.05 27.99 -13.40
N PHE A 2097 -14.63 29.11 -12.81
CA PHE A 2097 -13.27 29.31 -12.38
C PHE A 2097 -13.28 29.73 -10.91
N THR A 2098 -12.38 29.14 -10.13
CA THR A 2098 -12.33 29.39 -8.69
C THR A 2098 -10.88 29.32 -8.21
N PRO A 2099 -10.21 30.46 -8.10
CA PRO A 2099 -8.82 30.46 -7.61
C PRO A 2099 -8.76 30.30 -6.10
N VAL A 2100 -7.55 30.38 -5.55
CA VAL A 2100 -7.35 30.28 -4.11
C VAL A 2100 -7.36 31.67 -3.50
N VAL A 2101 -8.11 31.83 -2.41
CA VAL A 2101 -8.28 33.12 -1.74
C VAL A 2101 -7.59 33.04 -0.39
N GLN A 2102 -6.80 34.07 -0.08
CA GLN A 2102 -6.10 34.16 1.20
C GLN A 2102 -6.87 35.11 2.13
N ASP A 2103 -6.32 35.29 3.34
CA ASP A 2103 -6.98 36.16 4.31
C ASP A 2103 -6.89 37.62 3.90
N GLN A 2104 -5.75 38.05 3.35
CA GLN A 2104 -5.58 39.44 2.98
C GLN A 2104 -6.53 39.83 1.85
N ASP A 2105 -6.68 38.97 0.85
CA ASP A 2105 -7.57 39.27 -0.26
C ASP A 2105 -9.01 39.37 0.19
N LEU A 2106 -9.45 38.45 1.05
CA LEU A 2106 -10.81 38.51 1.56
C LEU A 2106 -11.01 39.75 2.43
N GLU A 2107 -10.00 40.11 3.23
CA GLU A 2107 -10.09 41.31 4.06
C GLU A 2107 -10.26 42.56 3.21
N MET A 2108 -9.46 42.69 2.14
CA MET A 2108 -9.55 43.87 1.32
C MET A 2108 -10.85 43.90 0.52
N PHE A 2109 -11.33 42.72 0.08
CA PHE A 2109 -12.62 42.67 -0.59
C PHE A 2109 -13.74 43.10 0.35
N VAL A 2110 -13.72 42.64 1.60
CA VAL A 2110 -14.72 43.04 2.57
C VAL A 2110 -14.65 44.54 2.82
N LYS A 2111 -13.44 45.07 2.98
CA LYS A 2111 -13.29 46.51 3.21
C LYS A 2111 -13.85 47.31 2.04
N GLU A 2112 -13.60 46.86 0.82
CA GLU A 2112 -14.11 47.57 -0.35
C GLU A 2112 -15.64 47.49 -0.44
N VAL A 2113 -16.21 46.32 -0.18
CA VAL A 2113 -17.63 46.10 -0.45
C VAL A 2113 -18.51 46.58 0.70
N GLY A 2114 -18.24 46.14 1.93
CA GLY A 2114 -19.09 46.46 3.05
C GLY A 2114 -19.15 47.93 3.38
N ASP A 2115 -18.16 48.71 2.95
CA ASP A 2115 -18.21 50.15 3.16
C ASP A 2115 -19.39 50.77 2.41
N SER A 2116 -19.62 50.33 1.17
CA SER A 2116 -20.76 50.84 0.41
C SER A 2116 -22.08 50.39 1.02
N SER A 2117 -22.21 49.09 1.29
CA SER A 2117 -23.44 48.54 1.86
C SER A 2117 -23.13 47.20 2.49
N LEU A 2118 -24.00 46.78 3.41
CA LEU A 2118 -23.84 45.53 4.13
C LEU A 2118 -24.60 44.37 3.50
N ASP A 2119 -25.79 44.63 2.95
CA ASP A 2119 -26.56 43.56 2.34
C ASP A 2119 -25.85 42.97 1.14
N LEU A 2120 -25.17 43.82 0.36
CA LEU A 2120 -24.40 43.32 -0.78
C LEU A 2120 -23.28 42.41 -0.31
N LEU A 2121 -22.60 42.77 0.78
CA LEU A 2121 -21.55 41.92 1.33
C LEU A 2121 -22.12 40.59 1.79
N ILE A 2122 -23.27 40.61 2.45
CA ILE A 2122 -23.91 39.37 2.92
C ILE A 2122 -24.23 38.48 1.73
N GLY A 2123 -24.82 39.06 0.68
CA GLY A 2123 -25.17 38.27 -0.49
C GLY A 2123 -23.94 37.69 -1.17
N ALA A 2124 -22.88 38.49 -1.31
CA ALA A 2124 -21.67 38.01 -1.96
C ALA A 2124 -21.03 36.88 -1.17
N LEU A 2125 -20.93 37.03 0.15
CA LEU A 2125 -20.34 35.98 0.98
C LEU A 2125 -21.16 34.70 0.93
N SER A 2126 -22.49 34.84 1.03
CA SER A 2126 -23.35 33.65 0.98
C SER A 2126 -23.23 32.95 -0.37
N ALA A 2127 -23.22 33.72 -1.46
CA ALA A 2127 -23.10 33.13 -2.79
C ALA A 2127 -21.76 32.40 -2.95
N MET A 2128 -20.67 33.02 -2.50
CA MET A 2128 -19.36 32.37 -2.61
C MET A 2128 -19.33 31.08 -1.82
N ILE A 2129 -19.85 31.12 -0.58
CA ILE A 2129 -19.81 29.93 0.27
C ILE A 2129 -20.65 28.82 -0.35
N LEU A 2130 -21.85 29.15 -0.84
CA LEU A 2130 -22.70 28.13 -1.45
C LEU A 2130 -22.08 27.56 -2.71
N ASP A 2131 -21.50 28.41 -3.56
CA ASP A 2131 -20.88 27.93 -4.79
C ASP A 2131 -19.70 27.01 -4.50
N ARG A 2132 -18.87 27.37 -3.53
CA ARG A 2132 -17.73 26.51 -3.21
C ARG A 2132 -18.16 25.24 -2.49
N LEU A 2133 -19.25 25.29 -1.73
CA LEU A 2133 -19.76 24.09 -1.09
C LEU A 2133 -20.36 23.13 -2.10
N LYS A 2134 -20.98 23.66 -3.16
CA LYS A 2134 -21.55 22.79 -4.19
C LYS A 2134 -20.47 22.06 -4.97
N LEU A 2135 -19.27 22.64 -5.05
CA LEU A 2135 -18.15 22.03 -5.76
C LEU A 2135 -17.33 21.10 -4.87
N ARG A 2136 -17.77 20.86 -3.63
CA ARG A 2136 -17.07 19.99 -2.68
C ARG A 2136 -15.65 20.50 -2.43
N MET A 2137 -15.58 21.69 -1.85
CA MET A 2137 -14.31 22.32 -1.50
C MET A 2137 -14.40 22.89 -0.09
N GLN A 2138 -13.24 23.04 0.54
CA GLN A 2138 -13.14 23.55 1.90
C GLN A 2138 -12.48 24.93 1.91
N TRP A 2139 -12.78 25.69 2.96
CA TRP A 2139 -12.18 27.00 3.19
C TRP A 2139 -11.06 26.94 4.22
N SER A 2140 -10.30 25.84 4.21
CA SER A 2140 -9.29 25.58 5.23
C SER A 2140 -8.13 26.58 5.20
N GLU A 2141 -8.10 27.53 4.28
CA GLU A 2141 -7.04 28.52 4.21
C GLU A 2141 -7.48 29.91 4.67
N VAL A 2142 -8.69 30.03 5.22
CA VAL A 2142 -9.20 31.33 5.66
C VAL A 2142 -9.85 31.16 7.04
N ASP A 2143 -9.65 32.16 7.90
CA ASP A 2143 -10.26 32.21 9.22
C ASP A 2143 -11.30 33.32 9.18
N ILE A 2144 -12.56 32.95 8.94
CA ILE A 2144 -13.59 33.94 8.66
C ILE A 2144 -13.91 34.78 9.90
N VAL A 2145 -13.87 34.18 11.08
CA VAL A 2145 -14.24 34.90 12.30
C VAL A 2145 -13.26 36.05 12.55
N SER A 2146 -11.97 35.75 12.52
CA SER A 2146 -10.97 36.80 12.72
C SER A 2146 -10.93 37.77 11.56
N MET A 2147 -11.21 37.29 10.34
CA MET A 2147 -11.27 38.18 9.19
C MET A 2147 -12.35 39.23 9.36
N LEU A 2148 -13.56 38.82 9.77
CA LEU A 2148 -14.64 39.76 10.01
C LEU A 2148 -14.37 40.63 11.23
N LYS A 2149 -13.71 40.08 12.25
CA LYS A 2149 -13.38 40.89 13.42
C LYS A 2149 -12.42 42.03 13.04
N ALA A 2150 -11.42 41.73 12.21
CA ALA A 2150 -10.45 42.75 11.82
C ALA A 2150 -11.07 43.74 10.84
N ALA A 2151 -11.81 43.24 9.84
CA ALA A 2151 -12.36 44.14 8.82
C ALA A 2151 -13.46 45.02 9.39
N MET A 2152 -14.38 44.45 10.17
CA MET A 2152 -15.50 45.18 10.76
C MET A 2152 -15.48 44.95 12.26
N PRO A 2153 -14.80 45.81 13.01
CA PRO A 2153 -14.65 45.57 14.46
C PRO A 2153 -15.96 45.59 15.23
N SER A 2154 -17.02 46.21 14.72
CA SER A 2154 -18.24 46.41 15.48
C SER A 2154 -19.46 45.67 14.94
N ASN A 2155 -19.37 45.08 13.75
CA ASN A 2155 -20.52 44.43 13.13
C ASN A 2155 -20.21 43.01 12.68
N SER A 2156 -19.21 42.36 13.29
CA SER A 2156 -18.83 41.01 12.86
C SER A 2156 -19.92 40.00 13.17
N VAL A 2157 -20.54 40.09 14.36
CA VAL A 2157 -21.48 39.07 14.80
C VAL A 2157 -22.72 39.06 13.92
N LYS A 2158 -23.28 40.22 13.61
CA LYS A 2158 -24.48 40.28 12.79
C LYS A 2158 -24.20 39.77 11.38
N VAL A 2159 -23.06 40.15 10.81
CA VAL A 2159 -22.70 39.70 9.46
C VAL A 2159 -22.52 38.19 9.44
N LEU A 2160 -21.82 37.64 10.44
CA LEU A 2160 -21.63 36.19 10.50
C LEU A 2160 -22.94 35.46 10.65
N ASN A 2161 -23.82 35.96 11.52
CA ASN A 2161 -25.13 35.32 11.72
C ASN A 2161 -25.93 35.34 10.43
N ALA A 2162 -25.96 36.48 9.73
CA ALA A 2162 -26.72 36.56 8.48
C ALA A 2162 -26.16 35.62 7.43
N VAL A 2163 -24.84 35.58 7.28
CA VAL A 2163 -24.22 34.72 6.27
C VAL A 2163 -24.52 33.26 6.55
N LEU A 2164 -24.34 32.84 7.81
CA LEU A 2164 -24.55 31.43 8.13
C LEU A 2164 -26.03 31.05 8.08
N GLU A 2165 -26.93 31.98 8.40
CA GLU A 2165 -28.35 31.71 8.23
C GLU A 2165 -28.69 31.55 6.75
N ALA A 2166 -28.10 32.37 5.89
CA ALA A 2166 -28.32 32.23 4.46
C ALA A 2166 -27.80 30.89 3.95
N VAL A 2167 -26.63 30.47 4.43
CA VAL A 2167 -26.08 29.18 4.01
C VAL A 2167 -26.82 28.03 4.69
N ASP A 2168 -26.81 28.01 6.02
CA ASP A 2168 -27.53 27.03 6.82
C ASP A 2168 -27.06 25.60 6.51
N ASP A 2169 -25.75 25.40 6.65
CA ASP A 2169 -25.13 24.09 6.50
C ASP A 2169 -23.78 24.11 7.20
N TRP A 2170 -23.23 22.93 7.43
CA TRP A 2170 -21.90 22.81 8.01
C TRP A 2170 -20.86 23.20 6.98
N VAL A 2171 -20.05 24.21 7.32
CA VAL A 2171 -19.00 24.71 6.44
C VAL A 2171 -17.67 24.62 7.18
N ASP A 2172 -16.69 24.01 6.54
CA ASP A 2172 -15.37 23.83 7.14
C ASP A 2172 -14.48 25.02 6.86
N PHE A 2173 -13.86 25.54 7.90
CA PHE A 2173 -12.93 26.67 7.83
C PHE A 2173 -11.55 26.20 8.32
N LYS A 2174 -10.65 27.16 8.54
CA LYS A 2174 -9.27 26.86 8.88
C LYS A 2174 -9.22 26.33 10.30
N GLY A 2175 -9.55 25.04 10.45
CA GLY A 2175 -9.45 24.35 11.71
C GLY A 2175 -10.74 24.20 12.50
N TYR A 2176 -11.87 24.66 11.96
CA TYR A 2176 -13.13 24.56 12.68
C TYR A 2176 -14.28 24.59 11.68
N ALA A 2177 -15.46 24.19 12.16
CA ALA A 2177 -16.68 24.20 11.35
C ALA A 2177 -17.79 24.92 12.11
N LEU A 2178 -18.62 25.62 11.35
CA LEU A 2178 -19.68 26.44 11.92
C LEU A 2178 -21.00 26.14 11.22
N CYS A 2179 -22.09 26.32 11.96
CA CYS A 2179 -23.43 26.17 11.42
C CYS A 2179 -24.37 27.12 12.14
N TYR A 2180 -25.57 27.28 11.61
CA TYR A 2180 -26.58 28.14 12.19
C TYR A 2180 -27.77 27.30 12.63
N SER A 2181 -28.27 27.54 13.84
CA SER A 2181 -29.39 26.79 14.38
C SER A 2181 -30.67 27.60 14.23
N LYS A 2182 -31.73 26.95 13.75
CA LYS A 2182 -33.00 27.64 13.55
C LYS A 2182 -33.80 27.72 14.83
N SER A 2183 -33.91 26.61 15.57
CA SER A 2183 -34.68 26.61 16.81
C SER A 2183 -34.09 27.57 17.83
N ARG A 2184 -32.77 27.55 17.98
CA ARG A 2184 -32.04 28.50 18.82
C ARG A 2184 -31.29 29.43 17.89
N LYS A 2185 -31.75 30.69 17.80
CA LYS A 2185 -31.26 31.61 16.77
C LYS A 2185 -29.84 32.04 17.13
N LYS A 2186 -28.90 31.17 16.81
CA LYS A 2186 -27.49 31.42 17.10
C LYS A 2186 -26.63 30.57 16.17
N VAL A 2187 -25.32 30.69 16.32
CA VAL A 2187 -24.33 29.98 15.53
C VAL A 2187 -23.67 28.94 16.43
N MET A 2188 -23.68 27.70 16.00
CA MET A 2188 -23.06 26.59 16.72
C MET A 2188 -21.75 26.20 16.06
N VAL A 2189 -20.82 25.70 16.88
CA VAL A 2189 -19.53 25.22 16.43
C VAL A 2189 -19.42 23.75 16.80
N HIS A 2190 -18.88 22.96 15.87
CA HIS A 2190 -18.74 21.53 16.07
C HIS A 2190 -17.64 21.24 17.07
N SER A 2191 -17.94 20.40 18.06
CA SER A 2191 -16.98 20.04 19.09
C SER A 2191 -17.38 18.73 19.72
N SER A 2192 -16.39 17.85 19.93
CA SER A 2192 -16.67 16.57 20.56
C SER A 2192 -17.09 16.73 22.02
N GLY A 2193 -16.66 17.81 22.66
CA GLY A 2193 -17.05 18.12 24.01
C GLY A 2193 -18.33 18.90 24.15
N GLY A 2194 -19.05 19.11 23.05
CA GLY A 2194 -20.29 19.85 23.09
C GLY A 2194 -21.42 19.03 23.67
N LYS A 2195 -22.58 19.67 23.74
CA LYS A 2195 -23.77 19.05 24.31
C LYS A 2195 -24.96 19.00 23.36
N LEU A 2196 -25.06 19.91 22.40
CA LEU A 2196 -26.22 19.97 21.53
C LEU A 2196 -26.00 19.12 20.27
N ARG A 2197 -27.12 18.73 19.66
CA ARG A 2197 -27.11 17.98 18.42
C ARG A 2197 -27.69 18.84 17.29
N LEU A 2198 -27.04 18.82 16.14
CA LEU A 2198 -27.46 19.63 15.00
C LEU A 2198 -27.00 18.97 13.72
N LYS A 2199 -27.95 18.57 12.88
CA LYS A 2199 -27.66 18.01 11.55
C LYS A 2199 -26.65 16.87 11.64
N GLY A 2200 -26.83 16.00 12.63
CA GLY A 2200 -25.96 14.85 12.78
C GLY A 2200 -24.58 15.14 13.32
N ARG A 2201 -24.39 16.28 13.99
CA ARG A 2201 -23.10 16.60 14.60
C ARG A 2201 -23.30 17.16 15.99
N THR A 2202 -22.33 16.89 16.87
CA THR A 2202 -22.33 17.48 18.19
C THR A 2202 -21.75 18.89 18.12
N CYS A 2203 -22.42 19.83 18.79
CA CYS A 2203 -22.06 21.23 18.67
C CYS A 2203 -22.39 21.97 19.95
N GLU A 2204 -21.81 23.17 20.07
CA GLU A 2204 -22.07 24.04 21.22
C GLU A 2204 -22.03 25.49 20.76
N GLU A 2205 -22.58 26.37 21.60
CA GLU A 2205 -22.67 27.78 21.24
C GLU A 2205 -21.29 28.38 21.01
N LEU A 2206 -21.17 29.16 19.92
CA LEU A 2206 -19.90 29.81 19.61
C LEU A 2206 -19.60 30.94 20.59
N VAL A 2207 -20.60 31.75 20.91
CA VAL A 2207 -20.45 32.90 21.80
C VAL A 2207 -21.30 32.67 23.04
N LYS A 2208 -20.70 32.85 24.21
CA LYS A 2208 -21.40 32.67 25.47
C LYS A 2208 -22.16 33.92 25.87
PA 2KH F . -9.80 -11.99 6.81
O1A 2KH F . -11.22 -11.60 6.80
O2A 2KH F . -9.00 -10.90 7.52
N3A 2KH F . -9.59 -13.44 7.61
O5' 2KH F . -9.28 -12.15 5.23
PB 2KH F . -10.69 -14.72 7.41
O1B 2KH F . -10.12 -15.72 6.47
O2B 2KH F . -11.98 -14.23 6.89
O3B 2KH F . -10.96 -15.45 8.86
PG 2KH F . -11.74 -14.70 10.14
O1G 2KH F . -10.72 -14.07 11.05
O2G 2KH F . -12.66 -13.61 9.59
O3G 2KH F . -12.54 -15.70 10.90
C5' 2KH F . -10.15 -12.79 4.30
C4' 2KH F . -9.38 -13.31 3.22
O4' 2KH F . -8.22 -12.39 2.85
C1' 2KH F . -7.22 -13.18 2.50
C2' 2KH F . -7.69 -14.69 2.78
O2' 2KH F . -8.16 -15.31 1.54
C3' 2KH F . -8.68 -14.60 3.64
O3' 2KH F . -9.60 -15.80 3.49
N1 2KH F . -6.06 -12.90 3.29
C6 2KH F . -6.17 -12.13 4.49
C2 2KH F . -4.71 -13.40 2.84
O2 2KH F . -4.61 -14.04 1.84
N3 2KH F . -3.48 -13.11 3.66
C4 2KH F . -3.59 -12.34 4.87
O4 2KH F . -2.56 -12.10 5.55
C5 2KH F . -4.94 -11.83 5.31
MN MN G . -12.98 -12.90 7.72
MN MN H . -11.93 -9.56 6.21
MN MN I . 1.59 2.55 -38.78
MN MN J . 2.80 4.36 -41.33
MN MN K . -3.75 -7.67 -10.97
ZN ZN L . 36.93 4.60 41.64
#